data_6LR6
#
_entry.id   6LR6
#
_cell.length_a   88.854
_cell.length_b   95.798
_cell.length_c   682.388
_cell.angle_alpha   90.000
_cell.angle_beta   90.000
_cell.angle_gamma   90.000
#
_symmetry.space_group_name_H-M   'C 2 2 21'
#
loop_
_entity.id
_entity.type
_entity.pdbx_description
1 polymer 'Leucine--tRNA ligase, cytoplasmic'
2 non-polymer "5'-O-(L-leucylsulfamoyl)adenosine"
3 non-polymer '4-Chloro-3-aminomethyl-7-[ethoxy]-3H-benzo[C][1,2]oxaborol-1-ol modified adenosine'
4 water water
#
_entity_poly.entity_id   1
_entity_poly.type   'polypeptide(L)'
_entity_poly.pdbx_seq_one_letter_code
;MGHHHHHHHHHHSSGHIEGRHMMAERKGTAKVDFLKKIEKEIQQKWDTERVFEVNASNLEKQTSKGKYFVTFPYPYMNGR
LHLGHTFSLSKCEFAVGYQRLKGKCCLFPFGLHCTGMPIKACADKLKREIELYGCPPDFPDEEEEEEETSVKTEDIIIKD
KAKGKKSKAAAKAGSSKYQWGIMKSLGLSDEEIVKFSEAEHWLDYFPPLAIQDLKRMGLKVDWRRSFITTDVNPYYDSFV
RWQFLTLRERNKIKFGKRYTIYSPKDGQPCMDHDRQTGEGVGPQEYTLLKLKVLEPYPSKLSGLKGKNIFLVAATLRPET
MFGQTNCWVRPDMKYIGFETVNGDIFICTQKAARNMSYQGFTKDNGVVPVVKELMGEEILGASLSAPLTSYKVIYVLPML
TIKEDKGTGVVTSVPSDSPDDIAALRDLKKKQALRAKYGIRDDMVLPFEPVPVIEIPGFGNLSAVTICDELKIQSQNDRE
KLAEAKEKIYLKGFYEGIMLVDGFKGQKVQDVKKTIQKKMIDAGDALIYMEPEKQVMSRSSDECVVALCDQWYLDYGEEN
WKKQTSQCLKNLETFCEETRRNFEATLGWLQEHACSRTYGLGTHLPWDEQWLIESLSDSTIYMAFYTVAHLLQGGNLHGQ
AESPLGIRPQQMTKEVWDYVFFKEAPFPKTQIAKEKLDQLKQEFEFWYPVDLRVSGKDLVPNHLSYYLYNHVAMWPEQSD
KWPTAVRANGHLLLNSEKMSKSTGNFLTLTQAIDKFSADGMRLALADAGDTVEDANFVEAMADAGILRLYTWVEWVKEMV
ANWDSLRSGPASTFNDRVFASELNAGIIKTDQNYEKMMFKEALKTGFFEFQAAKDKYRELAVEGMHRELVFRFIEVQTLL
LAPFCPHLCEHIWTLLGKPDSIMNASWPVAGPVNEVLIHSSQYLMEVTHDLRLRLKNYMMPAKGKKTDKQPLQKPSHCTI
YVAKNYPPWQHTTLSVLRKHFEANNGKLPDNKVIASELGSMPELKKYMKKVMPFVAMIKENLEKMGPRILDLQLEFDEKA
VLMENIVYLTNSLELEHIEVKFASEAEDKIREDCCPGKPLNVFRIEPGVSVS
;
_entity_poly.pdbx_strand_id   A,B
#
loop_
_chem_comp.id
_chem_comp.type
_chem_comp.name
_chem_comp.formula
A2H non-polymer '4-Chloro-3-aminomethyl-7-[ethoxy]-3H-benzo[C][1,2]oxaborol-1-ol modified adenosine' 'C20 H22 B Cl N6 O9 P -3'
LSS non-polymer 5'-O-(L-leucylsulfamoyl)adenosine 'C16 H25 N7 O7 S'
#
# COMPACT_ATOMS: atom_id res chain seq x y z
N THR A 29 -43.62 10.43 -21.39
CA THR A 29 -44.04 11.58 -22.17
C THR A 29 -44.20 12.81 -21.26
N ALA A 30 -44.81 12.59 -20.10
CA ALA A 30 -45.04 13.70 -19.16
C ALA A 30 -43.74 14.25 -18.60
N LYS A 31 -42.65 13.49 -18.64
CA LYS A 31 -41.38 14.01 -18.14
C LYS A 31 -40.84 15.11 -19.05
N VAL A 32 -40.92 14.90 -20.36
CA VAL A 32 -40.51 15.94 -21.31
C VAL A 32 -41.34 17.20 -21.12
N ASP A 33 -42.64 17.05 -20.89
CA ASP A 33 -43.50 18.21 -20.67
C ASP A 33 -43.18 18.90 -19.35
N PHE A 34 -42.82 18.14 -18.31
CA PHE A 34 -42.39 18.75 -17.06
C PHE A 34 -41.12 19.58 -17.25
N LEU A 35 -40.16 19.02 -17.99
CA LEU A 35 -38.96 19.77 -18.34
C LEU A 35 -39.32 21.06 -19.08
N LYS A 36 -40.23 20.97 -20.04
CA LYS A 36 -40.60 22.16 -20.83
C LYS A 36 -41.31 23.20 -19.96
N LYS A 37 -42.14 22.76 -19.02
CA LYS A 37 -42.78 23.69 -18.09
C LYS A 37 -41.75 24.45 -17.27
N ILE A 38 -40.82 23.72 -16.65
CA ILE A 38 -39.78 24.36 -15.86
C ILE A 38 -38.98 25.32 -16.73
N GLU A 39 -38.70 24.90 -17.97
CA GLU A 39 -37.90 25.73 -18.87
C GLU A 39 -38.60 27.05 -19.19
N LYS A 40 -39.90 26.99 -19.50
CA LYS A 40 -40.62 28.22 -19.82
C LYS A 40 -40.70 29.15 -18.61
N GLU A 41 -40.96 28.58 -17.43
CA GLU A 41 -40.98 29.39 -16.21
C GLU A 41 -39.66 30.11 -16.00
N ILE A 42 -38.55 29.35 -16.04
CA ILE A 42 -37.24 29.93 -15.77
C ILE A 42 -36.84 30.92 -16.87
N GLN A 43 -37.28 30.69 -18.11
CA GLN A 43 -36.97 31.63 -19.19
C GLN A 43 -37.66 32.96 -18.97
N GLN A 44 -38.95 32.94 -18.58
CA GLN A 44 -39.62 34.19 -18.25
C GLN A 44 -38.94 34.89 -17.09
N LYS A 45 -38.51 34.11 -16.09
CA LYS A 45 -37.78 34.69 -14.95
C LYS A 45 -36.51 35.40 -15.42
N TRP A 46 -35.72 34.74 -16.26
CA TRP A 46 -34.49 35.34 -16.76
C TRP A 46 -34.78 36.61 -17.57
N ASP A 47 -35.82 36.56 -18.41
CA ASP A 47 -36.15 37.72 -19.23
C ASP A 47 -36.47 38.93 -18.36
N THR A 48 -37.34 38.75 -17.37
CA THR A 48 -37.68 39.88 -16.50
C THR A 48 -36.47 40.34 -15.69
N GLU A 49 -35.64 39.40 -15.24
CA GLU A 49 -34.47 39.78 -14.46
C GLU A 49 -33.40 40.47 -15.29
N ARG A 50 -33.43 40.31 -16.61
CA ARG A 50 -32.47 40.94 -17.52
C ARG A 50 -31.03 40.59 -17.12
N VAL A 51 -30.80 39.29 -16.90
CA VAL A 51 -29.53 38.83 -16.33
C VAL A 51 -28.43 38.84 -17.38
N PHE A 52 -28.72 38.39 -18.60
CA PHE A 52 -27.71 38.20 -19.62
C PHE A 52 -27.49 39.45 -20.47
N GLU A 53 -27.99 40.60 -20.03
CA GLU A 53 -27.66 41.88 -20.67
C GLU A 53 -26.45 42.47 -19.97
N VAL A 54 -25.45 42.86 -20.74
CA VAL A 54 -24.19 43.38 -20.19
C VAL A 54 -23.92 44.76 -20.77
N ASN A 55 -23.40 45.65 -19.93
CA ASN A 55 -23.10 47.02 -20.31
C ASN A 55 -21.66 47.34 -19.93
N ALA A 56 -20.91 47.91 -20.87
CA ALA A 56 -19.50 48.17 -20.63
C ALA A 56 -19.28 49.33 -19.66
N SER A 57 -20.22 50.28 -19.63
CA SER A 57 -20.09 51.40 -18.69
C SER A 57 -20.07 50.92 -17.25
N ASN A 58 -20.75 49.82 -16.96
CA ASN A 58 -20.82 49.27 -15.61
C ASN A 58 -19.83 48.14 -15.36
N LEU A 59 -19.62 47.27 -16.35
CA LEU A 59 -18.72 46.14 -16.17
C LEU A 59 -17.26 46.57 -16.10
N GLU A 60 -16.91 47.69 -16.73
CA GLU A 60 -15.53 48.17 -16.69
C GLU A 60 -15.18 48.78 -15.34
N LYS A 61 -16.17 49.07 -14.49
CA LYS A 61 -15.89 49.65 -13.18
C LYS A 61 -15.38 48.60 -12.20
N GLN A 62 -16.08 47.47 -12.09
CA GLN A 62 -15.68 46.39 -11.18
C GLN A 62 -14.81 45.40 -11.94
N THR A 63 -13.49 45.59 -11.81
CA THR A 63 -12.53 44.69 -12.43
C THR A 63 -12.59 43.33 -11.75
N SER A 64 -12.90 42.30 -12.52
CA SER A 64 -13.05 40.94 -11.99
C SER A 64 -11.94 40.04 -12.52
N LYS A 65 -12.28 39.09 -13.39
CA LYS A 65 -11.33 38.15 -13.95
C LYS A 65 -11.22 38.24 -15.46
N GLY A 66 -11.72 39.32 -16.06
CA GLY A 66 -11.60 39.55 -17.49
C GLY A 66 -12.92 39.37 -18.21
N LYS A 67 -12.85 39.53 -19.53
CA LYS A 67 -14.00 39.40 -20.40
C LYS A 67 -13.82 38.23 -21.36
N TYR A 68 -14.95 37.72 -21.85
CA TYR A 68 -14.97 36.59 -22.78
C TYR A 68 -15.98 36.89 -23.87
N PHE A 69 -15.49 37.11 -25.09
CA PHE A 69 -16.29 37.53 -26.22
C PHE A 69 -16.41 36.35 -27.19
N VAL A 70 -17.59 35.74 -27.27
CA VAL A 70 -17.79 34.63 -28.19
C VAL A 70 -18.79 35.05 -29.25
N THR A 71 -18.61 34.52 -30.46
CA THR A 71 -19.47 34.83 -31.59
C THR A 71 -19.80 33.56 -32.37
N PHE A 72 -20.99 33.55 -32.93
CA PHE A 72 -21.45 32.52 -33.84
C PHE A 72 -21.73 33.14 -35.20
N PRO A 73 -21.14 32.65 -36.29
CA PRO A 73 -21.36 33.26 -37.60
C PRO A 73 -22.83 33.28 -37.97
N TYR A 74 -23.42 34.49 -38.00
CA TYR A 74 -24.86 34.63 -38.07
C TYR A 74 -25.43 33.86 -39.26
N PRO A 75 -26.52 33.12 -39.05
CA PRO A 75 -26.99 32.18 -40.08
C PRO A 75 -27.90 32.85 -41.10
N TYR A 76 -28.04 32.19 -42.25
CA TYR A 76 -28.91 32.69 -43.30
C TYR A 76 -30.37 32.47 -42.92
N MET A 77 -31.20 33.49 -43.19
CA MET A 77 -32.60 33.47 -42.81
C MET A 77 -33.52 33.02 -43.95
N ASN A 78 -33.00 32.26 -44.91
CA ASN A 78 -33.84 31.67 -45.94
C ASN A 78 -34.52 30.40 -45.47
N GLY A 79 -35.10 30.42 -44.28
CA GLY A 79 -35.72 29.25 -43.70
C GLY A 79 -35.54 29.25 -42.20
N ARG A 80 -35.92 28.13 -41.58
CA ARG A 80 -35.84 27.99 -40.14
C ARG A 80 -34.50 27.40 -39.74
N LEU A 81 -34.10 27.66 -38.50
CA LEU A 81 -32.87 27.10 -37.97
C LEU A 81 -33.07 25.64 -37.58
N HIS A 82 -32.11 24.80 -37.96
CA HIS A 82 -32.21 23.37 -37.65
C HIS A 82 -31.12 22.94 -36.68
N LEU A 83 -30.84 21.64 -36.63
CA LEU A 83 -30.01 21.10 -35.56
C LEU A 83 -28.52 21.33 -35.76
N GLY A 84 -28.07 21.47 -37.01
CA GLY A 84 -26.66 21.75 -37.25
C GLY A 84 -26.23 23.10 -36.69
N HIS A 85 -27.03 24.15 -36.97
CA HIS A 85 -26.77 25.46 -36.41
C HIS A 85 -26.70 25.39 -34.89
N THR A 86 -27.65 24.68 -34.28
CA THR A 86 -27.71 24.64 -32.82
C THR A 86 -26.53 23.87 -32.24
N PHE A 87 -26.11 22.80 -32.90
CA PHE A 87 -24.91 22.08 -32.45
C PHE A 87 -23.68 22.97 -32.53
N SER A 88 -23.54 23.72 -33.62
CA SER A 88 -22.37 24.58 -33.76
C SER A 88 -22.37 25.70 -32.72
N LEU A 89 -23.53 26.31 -32.46
CA LEU A 89 -23.57 27.39 -31.47
C LEU A 89 -23.56 26.86 -30.03
N SER A 90 -23.87 25.58 -29.83
CA SER A 90 -23.84 25.00 -28.50
C SER A 90 -22.44 25.06 -27.91
N LYS A 91 -21.42 24.99 -28.75
CA LYS A 91 -20.04 25.08 -28.28
C LYS A 91 -19.84 26.38 -27.49
N CYS A 92 -20.13 27.52 -28.10
CA CYS A 92 -19.93 28.78 -27.40
C CYS A 92 -21.00 29.03 -26.34
N GLU A 93 -22.19 28.42 -26.47
CA GLU A 93 -23.17 28.53 -25.39
C GLU A 93 -22.65 27.87 -24.11
N PHE A 94 -22.20 26.62 -24.22
CA PHE A 94 -21.61 25.93 -23.08
C PHE A 94 -20.34 26.63 -22.62
N ALA A 95 -19.58 27.23 -23.55
CA ALA A 95 -18.37 27.95 -23.17
C ALA A 95 -18.70 29.16 -22.30
N VAL A 96 -19.72 29.93 -22.68
CA VAL A 96 -20.16 31.04 -21.84
C VAL A 96 -20.64 30.53 -20.50
N GLY A 97 -21.45 29.46 -20.51
CA GLY A 97 -21.97 28.92 -19.27
C GLY A 97 -20.89 28.51 -18.30
N TYR A 98 -19.79 27.94 -18.82
CA TYR A 98 -18.68 27.56 -17.95
C TYR A 98 -17.86 28.77 -17.53
N GLN A 99 -17.46 29.61 -18.49
CA GLN A 99 -16.54 30.71 -18.20
C GLN A 99 -17.15 31.74 -17.26
N ARG A 100 -18.48 31.87 -17.23
CA ARG A 100 -19.06 32.81 -16.27
C ARG A 100 -18.85 32.34 -14.85
N LEU A 101 -18.85 31.02 -14.63
CA LEU A 101 -18.58 30.48 -13.30
C LEU A 101 -17.13 30.70 -12.88
N LYS A 102 -16.21 30.87 -13.83
CA LYS A 102 -14.82 31.19 -13.52
C LYS A 102 -14.58 32.68 -13.38
N GLY A 103 -15.64 33.49 -13.35
CA GLY A 103 -15.55 34.88 -12.97
C GLY A 103 -15.61 35.88 -14.11
N LYS A 104 -15.31 35.44 -15.33
CA LYS A 104 -15.28 36.36 -16.46
C LYS A 104 -16.68 36.89 -16.77
N CYS A 105 -16.72 38.06 -17.41
CA CYS A 105 -17.96 38.63 -17.92
C CYS A 105 -18.09 38.28 -19.40
N CYS A 106 -19.24 37.73 -19.78
CA CYS A 106 -19.40 37.09 -21.08
C CYS A 106 -20.24 37.95 -22.01
N LEU A 107 -19.82 37.99 -23.29
CA LEU A 107 -20.57 38.62 -24.36
C LEU A 107 -20.86 37.56 -25.42
N PHE A 108 -22.11 37.11 -25.47
CA PHE A 108 -22.60 36.19 -26.49
C PHE A 108 -23.70 36.92 -27.26
N PRO A 109 -23.35 37.64 -28.34
CA PRO A 109 -24.38 38.29 -29.16
C PRO A 109 -24.77 37.39 -30.33
N PHE A 110 -25.92 37.72 -30.94
CA PHE A 110 -26.46 36.90 -32.02
C PHE A 110 -27.10 37.79 -33.08
N GLY A 111 -26.52 37.79 -34.28
CA GLY A 111 -27.10 38.46 -35.43
C GLY A 111 -27.75 37.48 -36.39
N LEU A 112 -28.31 38.03 -37.46
CA LEU A 112 -29.03 37.23 -38.45
C LEU A 112 -28.66 37.72 -39.84
N HIS A 113 -28.14 36.81 -40.67
CA HIS A 113 -27.55 37.16 -41.96
C HIS A 113 -28.59 37.01 -43.07
N CYS A 114 -29.10 38.13 -43.57
CA CYS A 114 -30.07 38.13 -44.64
C CYS A 114 -29.47 38.47 -46.00
N THR A 115 -28.23 38.96 -46.03
CA THR A 115 -27.59 39.33 -47.29
C THR A 115 -27.34 38.10 -48.15
N GLY A 116 -27.61 38.24 -49.45
CA GLY A 116 -27.44 37.13 -50.36
C GLY A 116 -28.50 37.14 -51.43
N MET A 117 -28.42 36.18 -52.35
CA MET A 117 -29.41 36.09 -53.42
C MET A 117 -30.47 35.00 -53.24
N PRO A 118 -30.24 33.92 -52.44
CA PRO A 118 -31.31 32.92 -52.31
C PRO A 118 -32.64 33.46 -51.81
N ILE A 119 -32.63 34.43 -50.89
CA ILE A 119 -33.88 34.96 -50.36
C ILE A 119 -34.68 35.65 -51.48
N LYS A 120 -34.03 36.57 -52.19
CA LYS A 120 -34.69 37.27 -53.30
C LYS A 120 -35.05 36.30 -54.42
N ALA A 121 -34.19 35.32 -54.68
CA ALA A 121 -34.46 34.33 -55.72
C ALA A 121 -35.72 33.54 -55.42
N CYS A 122 -35.87 33.08 -54.17
CA CYS A 122 -37.06 32.32 -53.80
C CYS A 122 -38.30 33.21 -53.77
N ALA A 123 -38.17 34.46 -53.32
CA ALA A 123 -39.31 35.37 -53.35
C ALA A 123 -39.80 35.60 -54.77
N ASP A 124 -38.86 35.76 -55.71
CA ASP A 124 -39.26 35.97 -57.12
C ASP A 124 -39.79 34.69 -57.74
N LYS A 125 -39.23 33.53 -57.37
CA LYS A 125 -39.78 32.26 -57.84
C LYS A 125 -41.20 32.06 -57.36
N LEU A 126 -41.50 32.53 -56.14
CA LEU A 126 -42.87 32.46 -55.62
C LEU A 126 -43.78 33.42 -56.38
N LYS A 127 -43.32 34.66 -56.58
CA LYS A 127 -44.09 35.63 -57.35
C LYS A 127 -44.37 35.14 -58.77
N ARG A 128 -43.46 34.33 -59.32
CA ARG A 128 -43.67 33.78 -60.66
C ARG A 128 -44.95 32.96 -60.72
N GLU A 129 -45.11 31.99 -59.82
CA GLU A 129 -46.33 31.20 -59.79
C GLU A 129 -47.52 32.01 -59.30
N ILE A 130 -47.28 33.05 -58.49
CA ILE A 130 -48.38 33.91 -58.06
C ILE A 130 -49.01 34.63 -59.24
N GLU A 131 -48.18 35.13 -60.16
CA GLU A 131 -48.68 35.95 -61.26
C GLU A 131 -49.05 35.15 -62.49
N LEU A 132 -48.27 34.13 -62.85
CA LEU A 132 -48.55 33.35 -64.06
C LEU A 132 -49.72 32.40 -63.89
N TYR A 133 -50.04 31.99 -62.67
CA TYR A 133 -51.16 31.08 -62.45
C TYR A 133 -52.18 31.70 -61.50
N GLY A 134 -52.28 31.15 -60.29
CA GLY A 134 -53.20 31.68 -59.32
C GLY A 134 -52.84 31.24 -57.91
N CYS A 135 -53.82 31.35 -57.02
CA CYS A 135 -53.67 30.95 -55.62
C CYS A 135 -54.88 30.13 -55.22
N PRO A 136 -54.77 28.79 -55.19
CA PRO A 136 -53.57 28.00 -55.50
C PRO A 136 -53.28 27.86 -57.00
N PRO A 137 -52.04 27.56 -57.36
CA PRO A 137 -51.68 27.46 -58.78
C PRO A 137 -52.06 26.11 -59.37
N ASP A 138 -52.36 26.12 -60.66
CA ASP A 138 -52.76 24.94 -61.40
C ASP A 138 -51.56 24.37 -62.15
N PHE A 139 -51.27 23.09 -61.92
CA PHE A 139 -50.10 22.41 -62.44
C PHE A 139 -50.52 21.14 -63.17
N PRO A 140 -49.68 20.64 -64.11
CA PRO A 140 -48.42 21.22 -64.57
C PRO A 140 -48.61 22.39 -65.53
N TYR A 178 -40.90 22.93 -57.14
CA TYR A 178 -41.80 24.06 -56.97
C TYR A 178 -41.56 24.78 -55.66
N GLN A 179 -41.99 26.04 -55.59
CA GLN A 179 -41.78 26.86 -54.41
C GLN A 179 -42.99 26.95 -53.50
N TRP A 180 -44.19 27.07 -54.07
CA TRP A 180 -45.40 27.11 -53.25
C TRP A 180 -45.55 25.84 -52.42
N GLY A 181 -45.12 24.70 -52.97
CA GLY A 181 -45.21 23.45 -52.23
C GLY A 181 -44.32 23.44 -51.00
N ILE A 182 -43.09 23.96 -51.13
CA ILE A 182 -42.19 24.00 -49.98
C ILE A 182 -42.68 24.99 -48.93
N MET A 183 -43.33 26.08 -49.37
CA MET A 183 -43.87 27.05 -48.42
C MET A 183 -45.07 26.47 -47.66
N LYS A 184 -45.98 25.80 -48.38
CA LYS A 184 -47.12 25.16 -47.72
C LYS A 184 -46.66 24.02 -46.80
N SER A 185 -45.59 23.32 -47.18
CA SER A 185 -45.05 22.26 -46.32
C SER A 185 -44.59 22.81 -44.99
N LEU A 186 -44.20 24.09 -44.95
CA LEU A 186 -43.79 24.75 -43.71
C LEU A 186 -44.99 25.21 -42.88
N GLY A 187 -46.21 24.84 -43.28
CA GLY A 187 -47.38 25.10 -42.48
C GLY A 187 -47.98 26.49 -42.62
N LEU A 188 -47.74 27.16 -43.73
CA LEU A 188 -48.28 28.49 -43.96
C LEU A 188 -49.69 28.42 -44.53
N SER A 189 -50.51 29.39 -44.18
CA SER A 189 -51.87 29.46 -44.70
C SER A 189 -51.86 29.75 -46.19
N ASP A 190 -52.95 29.38 -46.85
CA ASP A 190 -53.09 29.64 -48.28
C ASP A 190 -52.99 31.13 -48.57
N GLU A 191 -53.63 31.97 -47.76
CA GLU A 191 -53.67 33.40 -48.00
C GLU A 191 -52.44 34.12 -47.48
N GLU A 192 -51.55 33.45 -46.76
CA GLU A 192 -50.37 34.10 -46.22
C GLU A 192 -49.10 33.81 -47.00
N ILE A 193 -49.15 32.89 -47.98
CA ILE A 193 -47.97 32.62 -48.79
C ILE A 193 -47.76 33.70 -49.86
N VAL A 194 -48.85 34.37 -50.27
CA VAL A 194 -48.73 35.41 -51.28
C VAL A 194 -47.83 36.53 -50.79
N LYS A 195 -47.91 36.87 -49.50
CA LYS A 195 -47.07 37.93 -48.95
C LYS A 195 -45.59 37.65 -49.15
N PHE A 196 -45.21 36.37 -49.25
CA PHE A 196 -43.82 35.97 -49.45
C PHE A 196 -43.34 36.15 -50.88
N SER A 197 -44.11 36.80 -51.74
CA SER A 197 -43.60 37.13 -53.07
C SER A 197 -42.55 38.24 -53.01
N GLU A 198 -42.49 38.97 -51.89
CA GLU A 198 -41.52 40.04 -51.70
C GLU A 198 -40.52 39.64 -50.62
N ALA A 199 -39.26 40.03 -50.81
CA ALA A 199 -38.22 39.65 -49.86
C ALA A 199 -38.38 40.34 -48.51
N GLU A 200 -38.98 41.53 -48.49
CA GLU A 200 -39.18 42.23 -47.23
C GLU A 200 -40.05 41.43 -46.28
N HIS A 201 -40.97 40.62 -46.80
CA HIS A 201 -41.78 39.78 -45.93
C HIS A 201 -40.94 38.66 -45.33
N TRP A 202 -40.00 38.11 -46.11
CA TRP A 202 -39.05 37.17 -45.54
C TRP A 202 -38.27 37.81 -44.40
N LEU A 203 -37.82 39.04 -44.61
CA LEU A 203 -37.05 39.75 -43.59
C LEU A 203 -37.89 40.05 -42.35
N ASP A 204 -39.21 40.23 -42.53
CA ASP A 204 -40.08 40.44 -41.38
C ASP A 204 -40.52 39.15 -40.72
N TYR A 205 -40.43 38.01 -41.41
CA TYR A 205 -40.97 36.75 -40.94
C TYR A 205 -39.93 35.88 -40.26
N PHE A 206 -38.85 35.55 -40.95
CA PHE A 206 -37.95 34.51 -40.44
C PHE A 206 -37.08 34.95 -39.27
N PRO A 207 -36.49 36.15 -39.27
CA PRO A 207 -35.63 36.55 -38.14
C PRO A 207 -36.36 36.51 -36.80
N PRO A 208 -37.61 36.99 -36.70
CA PRO A 208 -38.30 36.87 -35.41
C PRO A 208 -38.54 35.43 -34.99
N LEU A 209 -38.77 34.53 -35.94
CA LEU A 209 -38.94 33.12 -35.58
C LEU A 209 -37.63 32.52 -35.08
N ALA A 210 -36.51 32.86 -35.70
CA ALA A 210 -35.22 32.42 -35.19
C ALA A 210 -34.97 32.93 -33.78
N ILE A 211 -35.28 34.21 -33.53
CA ILE A 211 -35.12 34.77 -32.20
C ILE A 211 -36.00 34.04 -31.19
N GLN A 212 -37.25 33.76 -31.58
CA GLN A 212 -38.16 33.05 -30.68
C GLN A 212 -37.62 31.67 -30.33
N ASP A 213 -37.20 30.90 -31.32
CA ASP A 213 -36.68 29.57 -31.05
C ASP A 213 -35.43 29.63 -30.18
N LEU A 214 -34.52 30.56 -30.47
CA LEU A 214 -33.29 30.65 -29.67
C LEU A 214 -33.59 31.02 -28.23
N LYS A 215 -34.44 32.03 -28.01
CA LYS A 215 -34.84 32.36 -26.66
C LYS A 215 -35.49 31.16 -25.97
N ARG A 216 -36.22 30.35 -26.75
CA ARG A 216 -36.84 29.15 -26.19
C ARG A 216 -35.81 28.09 -25.82
N MET A 217 -34.63 28.12 -26.46
CA MET A 217 -33.53 27.25 -26.06
C MET A 217 -32.82 27.77 -24.82
N GLY A 218 -32.96 29.05 -24.50
CA GLY A 218 -32.35 29.60 -23.31
C GLY A 218 -30.90 30.00 -23.47
N LEU A 219 -30.53 30.53 -24.63
CA LEU A 219 -29.15 30.94 -24.85
C LEU A 219 -28.81 32.18 -24.02
N LYS A 220 -27.60 32.20 -23.48
CA LYS A 220 -27.13 33.30 -22.64
C LYS A 220 -26.69 34.45 -23.54
N VAL A 221 -27.67 35.02 -24.25
CA VAL A 221 -27.43 35.99 -25.31
C VAL A 221 -28.02 37.33 -24.90
N ASP A 222 -27.27 38.40 -25.15
CA ASP A 222 -27.76 39.77 -24.98
C ASP A 222 -28.50 40.14 -26.26
N TRP A 223 -29.82 39.95 -26.25
CA TRP A 223 -30.63 40.15 -27.45
C TRP A 223 -30.72 41.61 -27.87
N ARG A 224 -30.31 42.56 -27.01
CA ARG A 224 -30.26 43.96 -27.42
C ARG A 224 -29.28 44.19 -28.54
N ARG A 225 -28.32 43.28 -28.73
CA ARG A 225 -27.28 43.42 -29.73
C ARG A 225 -27.59 42.66 -31.03
N SER A 226 -28.86 42.35 -31.27
CA SER A 226 -29.26 41.65 -32.47
C SER A 226 -29.64 42.66 -33.56
N PHE A 227 -29.53 42.22 -34.81
CA PHE A 227 -29.70 43.13 -35.95
C PHE A 227 -29.98 42.32 -37.22
N ILE A 228 -30.17 43.05 -38.32
CA ILE A 228 -30.38 42.50 -39.65
C ILE A 228 -29.28 43.06 -40.56
N THR A 229 -29.01 42.34 -41.65
CA THR A 229 -27.80 42.56 -42.45
C THR A 229 -28.03 43.23 -43.80
N THR A 230 -29.27 43.44 -44.23
CA THR A 230 -29.47 44.07 -45.54
C THR A 230 -29.48 45.59 -45.39
N ASP A 231 -29.60 46.27 -46.54
CA ASP A 231 -29.75 47.72 -46.52
C ASP A 231 -31.02 48.15 -45.79
N VAL A 232 -31.98 47.24 -45.62
CA VAL A 232 -33.18 47.54 -44.85
C VAL A 232 -32.80 48.02 -43.45
N ASN A 233 -31.74 47.44 -42.88
CA ASN A 233 -31.19 47.95 -41.62
C ASN A 233 -30.29 49.14 -41.92
N PRO A 234 -30.61 50.34 -41.43
CA PRO A 234 -29.76 51.50 -41.76
C PRO A 234 -28.42 51.48 -41.04
N TYR A 235 -28.39 51.04 -39.79
CA TYR A 235 -27.16 51.13 -39.01
C TYR A 235 -26.10 50.15 -39.52
N TYR A 236 -26.48 48.89 -39.73
CA TYR A 236 -25.56 47.93 -40.33
C TYR A 236 -25.15 48.37 -41.73
N ASP A 237 -26.06 49.03 -42.45
CA ASP A 237 -25.72 49.56 -43.77
C ASP A 237 -24.61 50.60 -43.67
N SER A 238 -24.75 51.55 -42.74
CA SER A 238 -23.71 52.55 -42.54
C SER A 238 -22.40 51.90 -42.11
N PHE A 239 -22.47 50.86 -41.28
CA PHE A 239 -21.26 50.17 -40.84
C PHE A 239 -20.51 49.56 -42.02
N VAL A 240 -21.22 48.83 -42.88
CA VAL A 240 -20.56 48.21 -44.03
C VAL A 240 -20.07 49.27 -44.99
N ARG A 241 -20.82 50.37 -45.13
CA ARG A 241 -20.34 51.50 -45.94
C ARG A 241 -18.99 51.98 -45.45
N TRP A 242 -18.87 52.23 -44.14
CA TRP A 242 -17.61 52.69 -43.59
C TRP A 242 -16.50 51.65 -43.79
N GLN A 243 -16.82 50.37 -43.58
CA GLN A 243 -15.82 49.32 -43.74
C GLN A 243 -15.24 49.31 -45.16
N PHE A 244 -16.12 49.27 -46.16
CA PHE A 244 -15.63 49.18 -47.54
C PHE A 244 -15.03 50.50 -48.01
N LEU A 245 -15.48 51.64 -47.47
CA LEU A 245 -14.82 52.90 -47.78
C LEU A 245 -13.38 52.91 -47.27
N THR A 246 -13.16 52.44 -46.04
CA THR A 246 -11.80 52.33 -45.53
C THR A 246 -10.99 51.34 -46.36
N LEU A 247 -11.60 50.21 -46.71
CA LEU A 247 -10.89 49.20 -47.51
C LEU A 247 -10.41 49.79 -48.83
N ARG A 248 -11.28 50.55 -49.52
CA ARG A 248 -10.86 51.16 -50.78
C ARG A 248 -9.85 52.29 -50.55
N GLU A 249 -9.96 53.00 -49.43
CA GLU A 249 -9.00 54.04 -49.09
C GLU A 249 -7.61 53.45 -48.84
N ARG A 250 -7.53 52.18 -48.44
CA ARG A 250 -6.25 51.53 -48.19
C ARG A 250 -5.84 50.59 -49.31
N ASN A 251 -6.41 50.77 -50.51
CA ASN A 251 -6.04 49.99 -51.70
C ASN A 251 -6.26 48.50 -51.51
N LYS A 252 -7.41 48.14 -50.95
CA LYS A 252 -7.79 46.74 -50.79
C LYS A 252 -8.85 46.30 -51.78
N ILE A 253 -9.73 47.20 -52.20
CA ILE A 253 -10.71 46.93 -53.23
C ILE A 253 -10.17 47.44 -54.55
N LYS A 254 -10.31 46.65 -55.61
CA LYS A 254 -9.80 47.03 -56.91
C LYS A 254 -10.83 46.72 -58.00
N PHE A 255 -10.98 47.63 -58.95
CA PHE A 255 -11.85 47.45 -60.09
C PHE A 255 -11.03 46.89 -61.25
N GLY A 256 -11.46 45.76 -61.79
CA GLY A 256 -10.70 45.13 -62.86
C GLY A 256 -11.45 43.99 -63.48
N LYS A 257 -10.95 43.54 -64.63
CA LYS A 257 -11.55 42.45 -65.39
C LYS A 257 -10.80 41.17 -65.08
N ARG A 258 -11.46 40.23 -64.41
CA ARG A 258 -10.83 38.99 -63.97
C ARG A 258 -11.68 37.79 -64.36
N TYR A 259 -11.05 36.62 -64.27
CA TYR A 259 -11.73 35.35 -64.47
C TYR A 259 -12.47 34.95 -63.19
N THR A 260 -13.72 34.51 -63.34
CA THR A 260 -14.48 34.08 -62.19
C THR A 260 -15.58 33.13 -62.62
N ILE A 261 -15.94 32.21 -61.72
CA ILE A 261 -17.09 31.35 -61.94
C ILE A 261 -18.34 32.22 -61.96
N TYR A 262 -19.10 32.13 -63.04
CA TYR A 262 -20.14 33.09 -63.37
C TYR A 262 -21.44 32.35 -63.66
N SER A 263 -22.54 32.88 -63.14
CA SER A 263 -23.86 32.32 -63.39
C SER A 263 -24.54 33.11 -64.50
N PRO A 264 -24.74 32.54 -65.68
CA PRO A 264 -25.45 33.28 -66.74
C PRO A 264 -26.87 33.66 -66.36
N LYS A 265 -27.64 32.73 -65.80
CA LYS A 265 -29.02 33.04 -65.44
C LYS A 265 -29.11 34.10 -64.34
N ASP A 266 -28.06 34.26 -63.54
CA ASP A 266 -28.02 35.28 -62.52
C ASP A 266 -27.28 36.55 -62.95
N GLY A 267 -26.33 36.42 -63.87
CA GLY A 267 -25.63 37.58 -64.39
C GLY A 267 -24.62 38.18 -63.42
N GLN A 268 -23.89 37.35 -62.70
CA GLN A 268 -22.94 37.81 -61.70
C GLN A 268 -22.09 36.61 -61.28
N PRO A 269 -20.93 36.85 -60.65
CA PRO A 269 -20.09 35.74 -60.21
C PRO A 269 -20.83 34.83 -59.23
N CYS A 270 -20.46 33.55 -59.25
CA CYS A 270 -21.09 32.51 -58.44
C CYS A 270 -20.07 32.00 -57.43
N MET A 271 -20.08 32.59 -56.23
CA MET A 271 -19.09 32.26 -55.22
C MET A 271 -19.44 30.97 -54.47
N ASP A 272 -18.98 30.85 -53.23
CA ASP A 272 -19.06 29.56 -52.54
C ASP A 272 -20.45 29.30 -51.97
N HIS A 273 -21.12 30.34 -51.46
CA HIS A 273 -22.37 30.16 -50.74
C HIS A 273 -23.61 30.32 -51.62
N ASP A 274 -23.44 30.57 -52.92
CA ASP A 274 -24.55 30.53 -53.86
C ASP A 274 -24.38 29.42 -54.89
N ARG A 275 -23.57 28.42 -54.58
CA ARG A 275 -23.41 27.24 -55.42
C ARG A 275 -24.20 26.07 -54.86
N GLN A 276 -24.39 25.06 -55.69
CA GLN A 276 -25.01 23.81 -55.30
C GLN A 276 -24.17 22.58 -55.63
N THR A 277 -23.08 22.74 -56.40
CA THR A 277 -22.18 21.65 -56.71
C THR A 277 -20.78 22.21 -56.89
N GLY A 278 -19.79 21.52 -56.33
CA GLY A 278 -18.43 22.01 -56.32
C GLY A 278 -18.28 23.25 -55.46
N GLU A 279 -18.21 23.06 -54.14
CA GLU A 279 -18.20 24.19 -53.21
C GLU A 279 -16.98 25.08 -53.39
N GLY A 280 -15.83 24.50 -53.72
CA GLY A 280 -14.61 25.28 -53.85
C GLY A 280 -13.94 25.18 -55.21
N VAL A 281 -14.64 24.59 -56.18
CA VAL A 281 -14.06 24.39 -57.50
C VAL A 281 -13.87 25.74 -58.20
N GLY A 282 -12.71 25.91 -58.82
CA GLY A 282 -12.41 27.12 -59.55
C GLY A 282 -12.11 26.84 -61.00
N PRO A 283 -11.78 27.89 -61.75
CA PRO A 283 -11.55 27.74 -63.19
C PRO A 283 -10.29 26.92 -63.48
N GLN A 284 -10.21 26.44 -64.71
CA GLN A 284 -9.05 25.71 -65.20
C GLN A 284 -8.68 26.25 -66.57
N GLU A 285 -7.38 26.33 -66.82
CA GLU A 285 -6.83 26.94 -68.03
C GLU A 285 -6.45 25.85 -69.04
N TYR A 286 -6.81 26.10 -70.30
CA TYR A 286 -6.53 25.22 -71.42
C TYR A 286 -5.86 26.02 -72.53
N THR A 287 -4.83 25.44 -73.11
CA THR A 287 -4.28 25.99 -74.36
C THR A 287 -5.19 25.53 -75.49
N LEU A 288 -5.74 26.49 -76.23
CA LEU A 288 -6.74 26.22 -77.27
C LEU A 288 -6.06 26.40 -78.62
N LEU A 289 -5.76 25.27 -79.26
CA LEU A 289 -5.15 25.29 -80.59
C LEU A 289 -6.20 25.49 -81.67
N LYS A 290 -5.86 26.34 -82.64
CA LYS A 290 -6.69 26.57 -83.82
C LYS A 290 -6.02 25.87 -85.00
N LEU A 291 -6.65 24.80 -85.50
CA LEU A 291 -6.18 24.09 -86.68
C LEU A 291 -7.05 24.51 -87.86
N LYS A 292 -6.44 25.16 -88.85
CA LYS A 292 -7.20 25.71 -89.96
C LYS A 292 -7.68 24.59 -90.89
N VAL A 293 -8.93 24.69 -91.32
CA VAL A 293 -9.48 23.73 -92.28
C VAL A 293 -9.13 24.19 -93.68
N LEU A 294 -8.58 23.28 -94.48
CA LEU A 294 -8.16 23.57 -95.83
C LEU A 294 -9.14 23.00 -96.85
N GLU A 295 -9.22 23.67 -98.01
CA GLU A 295 -10.03 23.18 -99.11
C GLU A 295 -9.33 22.01 -99.80
N PRO A 296 -10.09 21.04 -100.33
CA PRO A 296 -11.56 20.99 -100.39
C PRO A 296 -12.23 20.69 -99.06
N TYR A 297 -13.15 21.58 -98.66
CA TYR A 297 -13.86 21.43 -97.40
C TYR A 297 -14.66 20.12 -97.39
N PRO A 298 -14.97 19.60 -96.21
CA PRO A 298 -15.95 18.51 -96.13
C PRO A 298 -17.31 18.97 -96.61
N SER A 299 -18.17 18.00 -96.91
CA SER A 299 -19.44 18.29 -97.56
C SER A 299 -20.31 19.23 -96.71
N LYS A 300 -20.46 18.90 -95.42
CA LYS A 300 -21.39 19.65 -94.58
C LYS A 300 -21.00 21.12 -94.42
N LEU A 301 -19.76 21.48 -94.72
CA LEU A 301 -19.29 22.85 -94.60
C LEU A 301 -19.27 23.59 -95.93
N SER A 302 -19.86 23.00 -96.98
CA SER A 302 -19.86 23.64 -98.29
C SER A 302 -20.50 25.03 -98.25
N GLY A 303 -21.54 25.19 -97.43
CA GLY A 303 -22.20 26.47 -97.30
C GLY A 303 -21.36 27.54 -96.62
N LEU A 304 -20.21 27.19 -96.06
CA LEU A 304 -19.32 28.13 -95.39
C LEU A 304 -18.06 28.39 -96.21
N LYS A 305 -18.18 28.34 -97.54
CA LYS A 305 -17.02 28.56 -98.40
C LYS A 305 -16.65 30.05 -98.41
N GLY A 306 -15.36 30.31 -98.59
CA GLY A 306 -14.84 31.66 -98.56
C GLY A 306 -14.53 32.22 -97.19
N LYS A 307 -15.02 31.58 -96.13
CA LYS A 307 -14.73 31.97 -94.76
C LYS A 307 -13.62 31.11 -94.20
N ASN A 308 -13.10 31.52 -93.04
CA ASN A 308 -12.04 30.80 -92.35
C ASN A 308 -12.62 29.89 -91.29
N ILE A 309 -12.26 28.61 -91.33
CA ILE A 309 -12.80 27.60 -90.44
C ILE A 309 -11.67 26.99 -89.64
N PHE A 310 -11.84 26.94 -88.32
CA PHE A 310 -10.85 26.38 -87.42
C PHE A 310 -11.48 25.29 -86.57
N LEU A 311 -10.71 24.25 -86.29
CA LEU A 311 -11.00 23.31 -85.21
C LEU A 311 -10.26 23.80 -83.96
N VAL A 312 -11.00 24.02 -82.88
CA VAL A 312 -10.44 24.51 -81.63
C VAL A 312 -10.29 23.31 -80.71
N ALA A 313 -9.06 22.83 -80.57
CA ALA A 313 -8.76 21.70 -79.70
C ALA A 313 -8.23 22.22 -78.37
N ALA A 314 -8.67 21.58 -77.28
CA ALA A 314 -8.21 21.94 -75.94
C ALA A 314 -7.07 21.01 -75.53
N THR A 315 -6.06 21.59 -74.88
CA THR A 315 -4.93 20.78 -74.43
C THR A 315 -4.34 21.39 -73.17
N LEU A 316 -3.57 20.57 -72.45
CA LEU A 316 -2.85 20.98 -71.25
C LEU A 316 -1.34 20.85 -71.40
N ARG A 317 -0.84 20.43 -72.56
CA ARG A 317 0.59 20.26 -72.79
C ARG A 317 0.94 20.82 -74.16
N PRO A 318 1.08 22.15 -74.27
CA PRO A 318 1.37 22.74 -75.59
C PRO A 318 2.73 22.37 -76.15
N GLU A 319 3.75 22.21 -75.30
CA GLU A 319 5.11 21.95 -75.77
C GLU A 319 5.22 20.72 -76.65
N THR A 320 4.20 19.87 -76.68
CA THR A 320 4.19 18.64 -77.45
C THR A 320 3.73 18.82 -78.89
N MET A 321 3.11 19.97 -79.22
CA MET A 321 2.44 20.12 -80.51
C MET A 321 3.37 19.98 -81.71
N PHE A 322 4.69 19.97 -81.49
CA PHE A 322 5.61 19.73 -82.60
C PHE A 322 5.47 18.33 -83.18
N GLY A 323 4.86 17.41 -82.45
CA GLY A 323 4.74 16.04 -82.92
C GLY A 323 3.34 15.64 -83.33
N GLN A 324 2.57 16.58 -83.88
CA GLN A 324 1.21 16.28 -84.29
C GLN A 324 1.18 15.44 -85.56
N THR A 325 0.27 14.48 -85.60
CA THR A 325 0.05 13.66 -86.78
C THR A 325 -1.36 13.76 -87.34
N ASN A 326 -2.36 14.02 -86.50
CA ASN A 326 -3.74 14.16 -86.96
C ASN A 326 -4.53 14.89 -85.88
N CYS A 327 -5.86 14.71 -85.88
CA CYS A 327 -6.72 15.34 -84.89
C CYS A 327 -7.94 14.46 -84.63
N TRP A 328 -8.21 14.17 -83.36
CA TRP A 328 -9.26 13.25 -82.96
C TRP A 328 -10.56 14.00 -82.68
N VAL A 329 -11.65 13.49 -83.26
CA VAL A 329 -13.01 13.90 -82.90
C VAL A 329 -13.83 12.64 -82.60
N ARG A 330 -14.89 12.83 -81.82
CA ARG A 330 -15.80 11.74 -81.51
C ARG A 330 -16.90 11.70 -82.56
N PRO A 331 -17.05 10.59 -83.30
CA PRO A 331 -18.00 10.60 -84.43
C PRO A 331 -19.45 10.73 -84.01
N ASP A 332 -19.80 10.40 -82.78
CA ASP A 332 -21.19 10.41 -82.32
C ASP A 332 -21.52 11.61 -81.44
N MET A 333 -20.75 12.68 -81.53
CA MET A 333 -20.97 13.86 -80.70
C MET A 333 -21.50 15.00 -81.56
N LYS A 334 -22.36 15.83 -80.97
CA LYS A 334 -22.94 16.98 -81.64
C LYS A 334 -21.98 18.16 -81.55
N TYR A 335 -21.35 18.49 -82.67
CA TYR A 335 -20.41 19.60 -82.75
C TYR A 335 -21.08 20.82 -83.40
N ILE A 336 -20.63 21.99 -82.97
CA ILE A 336 -21.21 23.27 -83.33
C ILE A 336 -20.12 24.13 -83.97
N GLY A 337 -20.43 24.71 -85.13
CA GLY A 337 -19.59 25.73 -85.74
C GLY A 337 -20.26 27.08 -85.65
N PHE A 338 -19.59 28.03 -84.99
CA PHE A 338 -20.15 29.33 -84.68
C PHE A 338 -19.17 30.43 -85.04
N GLU A 339 -19.69 31.66 -85.12
CA GLU A 339 -18.93 32.81 -85.59
C GLU A 339 -18.31 33.55 -84.41
N THR A 340 -17.03 33.87 -84.52
CA THR A 340 -16.28 34.49 -83.44
C THR A 340 -16.32 36.00 -83.58
N VAL A 341 -15.38 36.70 -82.93
CA VAL A 341 -15.45 38.15 -82.85
C VAL A 341 -14.98 38.81 -84.15
N ASN A 342 -14.05 38.20 -84.86
CA ASN A 342 -13.52 38.77 -86.10
C ASN A 342 -14.11 38.13 -87.34
N GLY A 343 -15.17 37.33 -87.20
CA GLY A 343 -15.86 36.74 -88.33
C GLY A 343 -15.46 35.32 -88.65
N ASP A 344 -14.51 34.74 -87.92
CA ASP A 344 -14.07 33.38 -88.20
C ASP A 344 -15.05 32.36 -87.59
N ILE A 345 -14.88 31.10 -87.97
CA ILE A 345 -15.78 30.03 -87.57
C ILE A 345 -15.00 29.02 -86.72
N PHE A 346 -15.49 28.77 -85.52
CA PHE A 346 -14.91 27.79 -84.61
C PHE A 346 -15.82 26.58 -84.52
N ILE A 347 -15.21 25.41 -84.37
CA ILE A 347 -15.93 24.14 -84.25
C ILE A 347 -15.60 23.53 -82.90
N CYS A 348 -16.58 23.50 -82.00
CA CYS A 348 -16.42 22.83 -80.72
C CYS A 348 -17.75 22.26 -80.27
N THR A 349 -18.07 22.38 -78.98
CA THR A 349 -19.36 21.95 -78.45
C THR A 349 -20.13 23.15 -77.93
N GLN A 350 -21.39 22.91 -77.56
CA GLN A 350 -22.24 24.00 -77.10
C GLN A 350 -21.73 24.58 -75.78
N LYS A 351 -21.23 23.73 -74.88
CA LYS A 351 -20.74 24.22 -73.60
C LYS A 351 -19.43 24.98 -73.74
N ALA A 352 -18.50 24.44 -74.54
CA ALA A 352 -17.26 25.15 -74.84
C ALA A 352 -17.56 26.51 -75.48
N ALA A 353 -18.53 26.54 -76.39
CA ALA A 353 -18.89 27.79 -77.04
C ALA A 353 -19.52 28.77 -76.05
N ARG A 354 -20.32 28.26 -75.11
CA ARG A 354 -20.90 29.13 -74.09
C ARG A 354 -19.82 29.77 -73.24
N ASN A 355 -18.85 28.97 -72.81
CA ASN A 355 -17.74 29.51 -72.01
C ASN A 355 -16.94 30.53 -72.81
N MET A 356 -16.62 30.22 -74.08
CA MET A 356 -15.87 31.16 -74.89
C MET A 356 -16.65 32.46 -75.10
N SER A 357 -17.98 32.35 -75.25
CA SER A 357 -18.81 33.54 -75.43
C SER A 357 -18.81 34.40 -74.18
N TYR A 358 -18.73 33.78 -73.01
CA TYR A 358 -18.58 34.57 -71.79
C TYR A 358 -17.13 34.92 -71.49
N GLN A 359 -16.18 34.50 -72.33
CA GLN A 359 -14.79 34.92 -72.23
C GLN A 359 -14.39 35.86 -73.37
N GLY A 360 -15.34 36.56 -73.97
CA GLY A 360 -15.03 37.53 -75.00
C GLY A 360 -14.72 36.98 -76.36
N PHE A 361 -14.88 35.67 -76.59
CA PHE A 361 -14.59 35.09 -77.90
C PHE A 361 -15.61 35.46 -78.96
N THR A 362 -16.76 35.98 -78.56
CA THR A 362 -17.82 36.35 -79.48
C THR A 362 -17.99 37.86 -79.50
N LYS A 363 -18.81 38.33 -80.45
CA LYS A 363 -19.05 39.76 -80.57
C LYS A 363 -19.84 40.29 -79.38
N ASP A 364 -20.82 39.52 -78.90
CA ASP A 364 -21.63 39.89 -77.75
C ASP A 364 -21.42 38.88 -76.63
N ASN A 365 -21.47 39.36 -75.38
CA ASN A 365 -21.28 38.48 -74.23
C ASN A 365 -22.51 37.60 -74.03
N GLY A 366 -22.30 36.29 -73.99
CA GLY A 366 -23.38 35.36 -73.79
C GLY A 366 -24.22 35.08 -75.01
N VAL A 367 -23.78 35.50 -76.20
CA VAL A 367 -24.49 35.27 -77.45
C VAL A 367 -23.56 34.45 -78.35
N VAL A 368 -23.99 33.24 -78.70
CA VAL A 368 -23.19 32.35 -79.53
C VAL A 368 -23.82 32.23 -80.91
N PRO A 369 -23.39 33.02 -81.90
CA PRO A 369 -23.99 32.91 -83.24
C PRO A 369 -23.59 31.63 -83.94
N VAL A 370 -24.45 30.62 -83.89
CA VAL A 370 -24.16 29.32 -84.50
C VAL A 370 -24.52 29.36 -85.98
N VAL A 371 -23.63 28.85 -86.82
CA VAL A 371 -23.87 28.80 -88.27
C VAL A 371 -23.84 27.39 -88.81
N LYS A 372 -23.52 26.38 -87.99
CA LYS A 372 -23.58 25.01 -88.48
C LYS A 372 -23.67 24.04 -87.31
N GLU A 373 -24.50 23.02 -87.46
CA GLU A 373 -24.57 21.89 -86.54
C GLU A 373 -24.23 20.61 -87.29
N LEU A 374 -23.44 19.75 -86.67
CA LEU A 374 -23.06 18.52 -87.37
C LEU A 374 -22.65 17.46 -86.35
N MET A 375 -22.36 16.27 -86.86
CA MET A 375 -21.86 15.15 -86.09
C MET A 375 -20.38 14.93 -86.40
N GLY A 376 -19.70 14.22 -85.49
CA GLY A 376 -18.29 13.96 -85.68
C GLY A 376 -17.99 13.19 -86.95
N GLU A 377 -18.90 12.29 -87.34
CA GLU A 377 -18.71 11.55 -88.59
C GLU A 377 -18.72 12.49 -89.79
N GLU A 378 -19.50 13.57 -89.73
CA GLU A 378 -19.57 14.52 -90.82
C GLU A 378 -18.28 15.31 -91.00
N ILE A 379 -17.35 15.25 -90.04
CA ILE A 379 -16.08 15.97 -90.14
C ILE A 379 -14.92 15.04 -90.49
N LEU A 380 -15.09 13.73 -90.36
CA LEU A 380 -13.98 12.81 -90.54
C LEU A 380 -13.41 12.88 -91.95
N GLY A 381 -12.08 12.90 -92.03
CA GLY A 381 -11.38 12.97 -93.29
C GLY A 381 -10.90 14.36 -93.69
N ALA A 382 -11.36 15.41 -92.99
CA ALA A 382 -11.03 16.77 -93.36
C ALA A 382 -9.53 17.02 -93.23
N SER A 383 -9.04 17.98 -94.01
CA SER A 383 -7.62 18.32 -94.05
C SER A 383 -7.36 19.55 -93.20
N LEU A 384 -6.37 19.47 -92.31
CA LEU A 384 -6.01 20.55 -91.41
C LEU A 384 -4.57 20.96 -91.61
N SER A 385 -4.29 22.23 -91.31
CA SER A 385 -2.92 22.74 -91.22
C SER A 385 -2.68 23.15 -89.77
N ALA A 386 -1.66 22.55 -89.16
CA ALA A 386 -1.47 22.69 -87.72
C ALA A 386 -0.18 23.43 -87.41
N PRO A 387 -0.14 24.18 -86.31
CA PRO A 387 1.09 24.88 -85.93
C PRO A 387 2.17 23.91 -85.48
N LEU A 388 3.41 24.41 -85.49
CA LEU A 388 4.58 23.74 -84.92
C LEU A 388 4.95 22.42 -85.61
N THR A 389 3.96 21.56 -85.87
CA THR A 389 4.24 20.21 -86.32
C THR A 389 5.00 20.21 -87.65
N SER A 390 5.73 19.12 -87.88
CA SER A 390 6.50 18.94 -89.10
C SER A 390 5.65 18.46 -90.27
N TYR A 391 4.43 17.99 -90.02
CA TYR A 391 3.52 17.56 -91.08
C TYR A 391 2.68 18.75 -91.53
N LYS A 392 2.73 19.05 -92.83
CA LYS A 392 2.09 20.26 -93.32
C LYS A 392 0.58 20.13 -93.40
N VAL A 393 0.07 18.93 -93.66
CA VAL A 393 -1.37 18.67 -93.68
C VAL A 393 -1.65 17.45 -92.82
N ILE A 394 -2.48 17.62 -91.80
CA ILE A 394 -2.93 16.51 -90.95
C ILE A 394 -4.45 16.42 -91.06
N TYR A 395 -4.97 15.24 -90.76
CA TYR A 395 -6.37 14.93 -91.04
C TYR A 395 -7.15 14.67 -89.75
N VAL A 396 -8.47 14.75 -89.87
CA VAL A 396 -9.37 14.50 -88.76
C VAL A 396 -9.78 13.03 -88.77
N LEU A 397 -9.66 12.39 -87.63
CA LEU A 397 -9.87 10.95 -87.49
C LEU A 397 -10.71 10.70 -86.24
N PRO A 398 -11.34 9.54 -86.15
CA PRO A 398 -12.24 9.27 -85.02
C PRO A 398 -11.57 8.58 -83.86
N MET A 399 -12.14 8.80 -82.67
CA MET A 399 -11.71 8.18 -81.44
C MET A 399 -12.93 7.92 -80.57
N LEU A 400 -13.09 6.67 -80.14
CA LEU A 400 -14.28 6.25 -79.41
C LEU A 400 -14.30 6.77 -77.98
N THR A 401 -13.16 6.81 -77.31
CA THR A 401 -13.09 7.16 -75.89
C THR A 401 -12.75 8.64 -75.76
N ILE A 402 -13.77 9.49 -75.74
CA ILE A 402 -13.61 10.93 -75.61
C ILE A 402 -14.69 11.45 -74.69
N LYS A 403 -14.28 12.13 -73.61
CA LYS A 403 -15.23 12.65 -72.63
C LYS A 403 -15.89 13.92 -73.14
N GLU A 404 -17.18 14.06 -72.85
CA GLU A 404 -17.97 15.21 -73.30
C GLU A 404 -18.05 16.33 -72.26
N ASP A 405 -17.49 16.10 -71.07
CA ASP A 405 -17.47 17.11 -70.01
C ASP A 405 -16.17 17.92 -69.99
N LYS A 406 -15.09 17.37 -70.51
CA LYS A 406 -13.77 18.01 -70.46
C LYS A 406 -13.36 18.48 -71.85
N GLY A 407 -12.95 19.75 -71.94
CA GLY A 407 -12.38 20.28 -73.17
C GLY A 407 -13.40 20.80 -74.16
N THR A 408 -13.08 20.67 -75.44
CA THR A 408 -13.94 21.15 -76.53
C THR A 408 -14.45 20.03 -77.41
N GLY A 409 -14.27 18.77 -77.01
CA GLY A 409 -14.59 17.64 -77.85
C GLY A 409 -13.61 17.41 -78.98
N VAL A 410 -12.61 18.28 -79.14
CA VAL A 410 -11.59 18.14 -80.16
C VAL A 410 -10.26 17.92 -79.46
N VAL A 411 -9.53 16.88 -79.86
CA VAL A 411 -8.27 16.53 -79.21
C VAL A 411 -7.17 16.48 -80.26
N THR A 412 -5.98 16.95 -79.89
CA THR A 412 -4.85 16.83 -80.78
C THR A 412 -4.21 15.45 -80.66
N SER A 413 -3.43 15.09 -81.67
CA SER A 413 -2.81 13.77 -81.76
C SER A 413 -1.31 13.91 -81.51
N VAL A 414 -0.86 13.47 -80.34
CA VAL A 414 0.57 13.37 -80.06
C VAL A 414 0.89 11.90 -79.85
N PRO A 415 1.14 11.14 -80.92
CA PRO A 415 1.37 9.70 -80.76
C PRO A 415 2.69 9.36 -80.10
N SER A 416 3.59 10.33 -79.92
CA SER A 416 4.89 10.03 -79.33
C SER A 416 4.83 10.00 -77.81
N ASP A 417 3.97 10.83 -77.21
CA ASP A 417 3.95 10.98 -75.75
C ASP A 417 2.54 10.99 -75.17
N SER A 418 1.54 10.56 -75.93
CA SER A 418 0.21 10.35 -75.42
C SER A 418 -0.24 8.92 -75.73
N PRO A 419 -0.63 8.14 -74.73
CA PRO A 419 -0.99 6.74 -74.99
C PRO A 419 -2.27 6.58 -75.80
N ASP A 420 -3.29 7.38 -75.49
CA ASP A 420 -4.56 7.28 -76.21
C ASP A 420 -4.37 7.54 -77.69
N ASP A 421 -3.51 8.49 -78.03
CA ASP A 421 -3.31 8.86 -79.43
C ASP A 421 -2.72 7.71 -80.23
N ILE A 422 -1.63 7.11 -79.75
CA ILE A 422 -1.04 6.00 -80.48
C ILE A 422 -1.94 4.77 -80.44
N ALA A 423 -2.73 4.62 -79.37
CA ALA A 423 -3.69 3.51 -79.34
C ALA A 423 -4.70 3.64 -80.47
N ALA A 424 -5.32 4.81 -80.59
CA ALA A 424 -6.29 5.03 -81.66
C ALA A 424 -5.64 4.95 -83.03
N LEU A 425 -4.41 5.46 -83.17
CA LEU A 425 -3.74 5.43 -84.46
C LEU A 425 -3.40 4.01 -84.87
N ARG A 426 -2.99 3.17 -83.92
CA ARG A 426 -2.73 1.77 -84.23
C ARG A 426 -4.02 1.02 -84.55
N ASP A 427 -5.11 1.38 -83.88
CA ASP A 427 -6.40 0.76 -84.22
C ASP A 427 -6.82 1.12 -85.64
N LEU A 428 -6.57 2.36 -86.06
CA LEU A 428 -6.90 2.74 -87.44
C LEU A 428 -5.93 2.14 -88.45
N LYS A 429 -4.67 1.95 -88.06
CA LYS A 429 -3.69 1.32 -88.94
C LYS A 429 -3.89 -0.19 -89.06
N LYS A 430 -4.59 -0.79 -88.11
CA LYS A 430 -4.74 -2.25 -88.08
C LYS A 430 -5.72 -2.73 -89.15
N LYS A 431 -7.01 -2.45 -88.95
CA LYS A 431 -8.06 -3.06 -89.77
C LYS A 431 -8.76 -2.01 -90.63
N GLN A 432 -9.18 -2.43 -91.82
CA GLN A 432 -9.96 -1.57 -92.71
C GLN A 432 -11.41 -1.43 -92.26
N ALA A 433 -11.83 -2.15 -91.22
CA ALA A 433 -13.20 -2.01 -90.73
C ALA A 433 -13.44 -0.60 -90.21
N LEU A 434 -12.53 -0.10 -89.37
CA LEU A 434 -12.67 1.27 -88.86
C LEU A 434 -12.42 2.31 -89.93
N ARG A 435 -11.59 2.00 -90.93
CA ARG A 435 -11.31 2.97 -91.98
C ARG A 435 -12.48 3.11 -92.95
N ALA A 436 -13.16 1.99 -93.24
CA ALA A 436 -14.29 2.04 -94.16
C ALA A 436 -15.60 2.38 -93.45
N LYS A 437 -15.70 2.11 -92.14
CA LYS A 437 -16.89 2.49 -91.39
C LYS A 437 -17.03 4.01 -91.32
N TYR A 438 -15.90 4.72 -91.23
CA TYR A 438 -15.89 6.17 -91.09
C TYR A 438 -15.37 6.89 -92.32
N GLY A 439 -14.97 6.14 -93.36
CA GLY A 439 -14.60 6.75 -94.63
C GLY A 439 -13.17 7.22 -94.74
N ILE A 440 -12.24 6.61 -94.00
CA ILE A 440 -10.86 7.05 -93.97
C ILE A 440 -10.06 6.27 -95.00
N ARG A 441 -9.51 6.98 -95.98
CA ARG A 441 -8.67 6.36 -96.99
C ARG A 441 -7.29 6.09 -96.39
N ASP A 442 -6.31 5.82 -97.26
CA ASP A 442 -4.97 5.43 -96.80
C ASP A 442 -4.00 6.60 -96.65
N ASP A 443 -4.36 7.78 -97.15
CA ASP A 443 -3.49 8.95 -97.00
C ASP A 443 -3.68 9.65 -95.66
N MET A 444 -4.77 9.36 -94.96
CA MET A 444 -5.13 10.05 -93.73
C MET A 444 -4.61 9.35 -92.48
N VAL A 445 -3.95 8.20 -92.62
CA VAL A 445 -3.53 7.41 -91.47
C VAL A 445 -2.16 6.80 -91.72
N LEU A 446 -1.97 6.20 -92.90
CA LEU A 446 -0.76 5.40 -93.11
C LEU A 446 0.52 6.23 -93.17
N PRO A 447 0.63 7.29 -94.00
CA PRO A 447 1.92 7.98 -94.11
C PRO A 447 2.25 8.86 -92.92
N PHE A 448 1.62 8.62 -91.77
CA PHE A 448 1.83 9.41 -90.57
C PHE A 448 2.46 8.54 -89.49
N GLU A 449 3.68 8.91 -89.08
CA GLU A 449 4.43 8.24 -88.04
C GLU A 449 4.63 9.19 -86.86
N PRO A 450 4.82 8.66 -85.64
CA PRO A 450 5.10 9.54 -84.50
C PRO A 450 6.38 10.33 -84.71
N VAL A 451 6.40 11.54 -84.14
CA VAL A 451 7.51 12.47 -84.30
C VAL A 451 8.22 12.58 -82.96
N PRO A 452 9.51 12.25 -82.86
CA PRO A 452 10.24 12.39 -81.59
C PRO A 452 10.35 13.85 -81.20
N VAL A 453 9.83 14.19 -80.02
CA VAL A 453 9.77 15.57 -79.56
C VAL A 453 10.36 15.69 -78.16
N ILE A 454 9.89 14.85 -77.24
CA ILE A 454 10.31 14.87 -75.85
C ILE A 454 10.87 13.51 -75.50
N GLU A 455 12.00 13.51 -74.78
CA GLU A 455 12.64 12.27 -74.35
C GLU A 455 12.64 12.21 -72.83
N ILE A 456 11.99 11.19 -72.28
CA ILE A 456 12.09 10.85 -70.87
C ILE A 456 13.29 9.91 -70.75
N PRO A 457 14.21 10.15 -69.79
CA PRO A 457 15.44 9.34 -69.75
C PRO A 457 15.20 7.84 -69.65
N GLY A 458 14.21 7.42 -68.87
CA GLY A 458 13.93 6.01 -68.69
C GLY A 458 13.03 5.38 -69.74
N PHE A 459 12.74 6.08 -70.83
CA PHE A 459 11.84 5.55 -71.84
C PHE A 459 12.32 5.85 -73.25
N GLY A 460 12.73 7.09 -73.52
CA GLY A 460 13.29 7.46 -74.80
C GLY A 460 12.47 8.54 -75.48
N ASN A 461 12.80 8.78 -76.75
CA ASN A 461 12.14 9.81 -77.52
C ASN A 461 10.68 9.46 -77.81
N LEU A 462 10.35 8.18 -77.87
CA LEU A 462 8.99 7.71 -78.14
C LEU A 462 8.48 6.98 -76.90
N SER A 463 8.13 7.74 -75.87
CA SER A 463 7.78 7.16 -74.58
C SER A 463 6.48 6.37 -74.66
N ALA A 464 5.44 6.98 -75.23
CA ALA A 464 4.15 6.31 -75.33
C ALA A 464 4.24 5.04 -76.17
N VAL A 465 4.99 5.10 -77.28
CA VAL A 465 5.17 3.92 -78.13
C VAL A 465 5.77 2.78 -77.33
N THR A 466 6.82 3.06 -76.55
CA THR A 466 7.52 2.01 -75.82
C THR A 466 6.64 1.44 -74.71
N ILE A 467 5.99 2.30 -73.92
CA ILE A 467 5.21 1.80 -72.80
C ILE A 467 3.92 1.13 -73.26
N CYS A 468 3.43 1.42 -74.47
CA CYS A 468 2.28 0.72 -75.00
C CYS A 468 2.65 -0.56 -75.74
N ASP A 469 3.90 -0.65 -76.23
CA ASP A 469 4.38 -1.95 -76.70
C ASP A 469 4.71 -2.88 -75.55
N GLU A 470 5.12 -2.31 -74.40
CA GLU A 470 5.47 -3.13 -73.25
C GLU A 470 4.23 -3.64 -72.52
N LEU A 471 3.21 -2.79 -72.35
CA LEU A 471 1.98 -3.20 -71.71
C LEU A 471 1.08 -4.03 -72.62
N LYS A 472 1.48 -4.27 -73.86
CA LYS A 472 0.76 -5.11 -74.82
C LYS A 472 -0.71 -4.70 -74.93
N ILE A 473 -0.91 -3.48 -75.43
CA ILE A 473 -2.23 -2.93 -75.69
C ILE A 473 -2.48 -2.97 -77.19
N GLN A 474 -3.71 -3.28 -77.58
CA GLN A 474 -4.09 -3.35 -78.99
C GLN A 474 -5.41 -2.66 -79.29
N SER A 475 -5.92 -1.84 -78.37
CA SER A 475 -7.19 -1.15 -78.57
C SER A 475 -7.20 0.14 -77.76
N GLN A 476 -8.07 1.06 -78.18
CA GLN A 476 -8.26 2.32 -77.48
C GLN A 476 -9.31 2.23 -76.38
N ASN A 477 -9.88 1.05 -76.14
CA ASN A 477 -10.91 0.86 -75.13
C ASN A 477 -10.40 0.15 -73.88
N ASP A 478 -9.08 -0.03 -73.76
CA ASP A 478 -8.47 -0.64 -72.59
C ASP A 478 -8.31 0.43 -71.51
N ARG A 479 -9.39 0.65 -70.75
CA ARG A 479 -9.38 1.69 -69.74
C ARG A 479 -8.30 1.44 -68.68
N GLU A 480 -8.17 0.19 -68.22
CA GLU A 480 -7.21 -0.11 -67.16
C GLU A 480 -5.77 0.02 -67.65
N LYS A 481 -5.45 -0.61 -68.79
CA LYS A 481 -4.08 -0.60 -69.28
C LYS A 481 -3.68 0.79 -69.75
N LEU A 482 -4.59 1.53 -70.39
CA LEU A 482 -4.28 2.88 -70.80
C LEU A 482 -4.14 3.82 -69.61
N ALA A 483 -4.98 3.64 -68.58
CA ALA A 483 -4.82 4.44 -67.37
C ALA A 483 -3.49 4.15 -66.69
N GLU A 484 -3.06 2.88 -66.70
CA GLU A 484 -1.78 2.52 -66.10
C GLU A 484 -0.61 3.13 -66.88
N ALA A 485 -0.62 2.98 -68.21
CA ALA A 485 0.42 3.59 -69.03
C ALA A 485 0.42 5.11 -68.91
N LYS A 486 -0.76 5.70 -68.71
CA LYS A 486 -0.86 7.14 -68.52
C LYS A 486 -0.22 7.56 -67.19
N GLU A 487 -0.50 6.82 -66.13
CA GLU A 487 0.05 7.19 -64.82
C GLU A 487 1.54 6.88 -64.72
N LYS A 488 2.04 5.91 -65.47
CA LYS A 488 3.45 5.55 -65.41
C LYS A 488 4.33 6.72 -65.86
N ILE A 489 3.96 7.34 -66.98
CA ILE A 489 4.68 8.51 -67.48
C ILE A 489 3.92 9.80 -67.18
N TYR A 490 3.04 9.79 -66.17
CA TYR A 490 2.13 10.90 -65.91
C TYR A 490 2.91 12.20 -65.71
N LEU A 491 3.72 12.27 -64.66
CA LEU A 491 4.46 13.47 -64.35
C LEU A 491 5.91 13.42 -64.80
N LYS A 492 6.40 12.26 -65.25
CA LYS A 492 7.79 12.13 -65.66
C LYS A 492 8.09 12.94 -66.91
N GLY A 493 7.08 13.58 -67.48
CA GLY A 493 7.28 14.48 -68.60
C GLY A 493 7.32 15.94 -68.19
N PHE A 494 6.72 16.26 -67.04
CA PHE A 494 6.69 17.65 -66.57
C PHE A 494 8.08 18.13 -66.20
N TYR A 495 8.87 17.29 -65.54
CA TYR A 495 10.15 17.70 -64.98
C TYR A 495 11.36 17.13 -65.70
N GLU A 496 11.37 15.82 -65.97
CA GLU A 496 12.54 15.15 -66.52
C GLU A 496 12.57 15.13 -68.05
N GLY A 497 11.55 15.65 -68.70
CA GLY A 497 11.56 15.68 -70.16
C GLY A 497 12.56 16.68 -70.70
N ILE A 498 13.09 16.37 -71.88
CA ILE A 498 14.09 17.21 -72.54
C ILE A 498 13.70 17.34 -74.01
N MET A 499 13.45 18.57 -74.45
CA MET A 499 13.02 18.84 -75.81
C MET A 499 14.05 18.35 -76.83
N LEU A 500 13.59 18.17 -78.07
CA LEU A 500 14.45 17.70 -79.15
C LEU A 500 14.35 18.52 -80.42
N VAL A 501 13.32 19.36 -80.57
CA VAL A 501 13.15 20.12 -81.80
C VAL A 501 14.13 21.29 -81.82
N ASP A 502 14.43 21.75 -83.03
CA ASP A 502 15.35 22.87 -83.21
C ASP A 502 14.77 24.15 -82.62
N GLY A 503 15.64 24.99 -82.07
CA GLY A 503 15.22 26.13 -81.29
C GLY A 503 14.99 25.84 -79.83
N PHE A 504 14.92 24.56 -79.44
CA PHE A 504 14.75 24.22 -78.03
C PHE A 504 15.49 22.94 -77.65
N LYS A 505 16.50 22.52 -78.41
CA LYS A 505 17.18 21.26 -78.13
C LYS A 505 17.90 21.31 -76.78
N GLY A 506 17.69 20.26 -75.97
CA GLY A 506 18.37 20.16 -74.70
C GLY A 506 17.85 21.09 -73.63
N GLN A 507 16.56 21.39 -73.64
CA GLN A 507 15.97 22.32 -72.69
C GLN A 507 15.09 21.57 -71.70
N LYS A 508 15.09 22.04 -70.46
CA LYS A 508 14.15 21.55 -69.47
C LYS A 508 12.73 21.90 -69.91
N VAL A 509 11.87 20.89 -69.99
CA VAL A 509 10.50 21.10 -70.45
C VAL A 509 9.79 22.12 -69.58
N GLN A 510 10.05 22.07 -68.27
CA GLN A 510 9.48 23.04 -67.35
C GLN A 510 9.98 24.45 -67.64
N ASP A 511 11.10 24.58 -68.34
CA ASP A 511 11.71 25.88 -68.63
C ASP A 511 11.29 26.44 -69.99
N VAL A 512 10.43 25.77 -70.73
CA VAL A 512 10.14 26.20 -72.10
C VAL A 512 8.66 26.11 -72.45
N LYS A 513 7.85 25.48 -71.60
CA LYS A 513 6.46 25.23 -71.98
C LYS A 513 5.67 26.53 -72.10
N LYS A 514 5.82 27.43 -71.13
CA LYS A 514 5.10 28.70 -71.19
C LYS A 514 5.64 29.58 -72.31
N THR A 515 6.93 29.45 -72.63
CA THR A 515 7.51 30.23 -73.73
C THR A 515 6.94 29.77 -75.07
N ILE A 516 6.82 28.46 -75.29
CA ILE A 516 6.22 27.98 -76.54
C ILE A 516 4.73 28.30 -76.60
N GLN A 517 4.05 28.29 -75.44
CA GLN A 517 2.65 28.72 -75.41
C GLN A 517 2.52 30.17 -75.84
N LYS A 518 3.39 31.05 -75.32
CA LYS A 518 3.38 32.45 -75.75
C LYS A 518 3.72 32.57 -77.23
N LYS A 519 4.64 31.73 -77.71
CA LYS A 519 4.99 31.70 -79.14
C LYS A 519 3.75 31.44 -79.99
N MET A 520 2.96 30.43 -79.61
CA MET A 520 1.76 30.11 -80.39
C MET A 520 0.68 31.18 -80.22
N ILE A 521 0.58 31.80 -79.05
CA ILE A 521 -0.46 32.82 -78.85
C ILE A 521 -0.13 34.10 -79.64
N ASP A 522 1.15 34.44 -79.77
CA ASP A 522 1.52 35.67 -80.44
C ASP A 522 1.29 35.60 -81.95
N ALA A 523 1.45 34.42 -82.55
CA ALA A 523 1.28 34.25 -83.99
C ALA A 523 -0.17 34.01 -84.38
N GLY A 524 -1.12 34.16 -83.46
CA GLY A 524 -2.51 33.90 -83.77
C GLY A 524 -2.84 32.45 -84.06
N ASP A 525 -2.12 31.53 -83.44
CA ASP A 525 -2.34 30.09 -83.64
C ASP A 525 -2.82 29.39 -82.39
N ALA A 526 -3.10 30.12 -81.32
CA ALA A 526 -3.60 29.53 -80.08
C ALA A 526 -4.22 30.63 -79.23
N LEU A 527 -5.07 30.21 -78.29
CA LEU A 527 -5.73 31.12 -77.37
C LEU A 527 -5.82 30.46 -75.98
N ILE A 528 -6.38 31.20 -75.03
CA ILE A 528 -6.54 30.73 -73.66
C ILE A 528 -8.01 30.47 -73.42
N TYR A 529 -8.34 29.23 -73.07
CA TYR A 529 -9.72 28.83 -72.81
C TYR A 529 -9.87 28.44 -71.35
N MET A 530 -10.80 29.08 -70.65
CA MET A 530 -11.02 28.82 -69.23
C MET A 530 -12.36 28.10 -69.05
N GLU A 531 -12.32 26.93 -68.43
CA GLU A 531 -13.50 26.12 -68.21
C GLU A 531 -13.53 25.62 -66.78
N PRO A 532 -14.72 25.41 -66.21
CA PRO A 532 -14.78 24.86 -64.84
C PRO A 532 -14.04 23.53 -64.75
N GLU A 533 -13.15 23.45 -63.75
CA GLU A 533 -12.40 22.22 -63.52
C GLU A 533 -13.35 21.05 -63.31
N LYS A 534 -14.27 21.19 -62.36
CA LYS A 534 -15.35 20.25 -62.13
C LYS A 534 -16.69 20.95 -62.38
N GLN A 535 -17.70 20.15 -62.68
CA GLN A 535 -19.02 20.68 -62.97
C GLN A 535 -19.58 21.43 -61.76
N VAL A 536 -20.15 22.61 -62.01
CA VAL A 536 -20.68 23.49 -60.97
C VAL A 536 -22.13 23.81 -61.30
N MET A 537 -22.98 23.78 -60.26
CA MET A 537 -24.39 24.14 -60.39
C MET A 537 -24.73 25.19 -59.33
N SER A 538 -25.47 26.21 -59.73
CA SER A 538 -25.80 27.32 -58.85
C SER A 538 -27.11 27.06 -58.12
N ARG A 539 -27.48 28.00 -57.23
CA ARG A 539 -28.74 27.87 -56.49
C ARG A 539 -29.94 27.91 -57.43
N SER A 540 -29.87 28.70 -58.51
CA SER A 540 -30.99 28.87 -59.42
C SER A 540 -31.02 27.82 -60.53
N SER A 541 -30.44 26.64 -60.29
CA SER A 541 -30.44 25.54 -61.26
C SER A 541 -29.83 25.96 -62.58
N ASP A 542 -28.74 26.73 -62.52
CA ASP A 542 -28.02 27.18 -63.70
C ASP A 542 -26.63 26.57 -63.71
N GLU A 543 -26.21 26.07 -64.87
CA GLU A 543 -24.86 25.55 -65.03
C GLU A 543 -23.92 26.72 -65.28
N CYS A 544 -22.92 26.86 -64.41
CA CYS A 544 -22.05 28.03 -64.42
C CYS A 544 -20.97 27.90 -65.50
N VAL A 545 -20.41 29.06 -65.86
CA VAL A 545 -19.30 29.12 -66.81
C VAL A 545 -18.14 29.82 -66.13
N VAL A 546 -17.05 30.02 -66.86
CA VAL A 546 -15.93 30.84 -66.41
C VAL A 546 -15.95 32.10 -67.27
N ALA A 547 -16.32 33.23 -66.67
CA ALA A 547 -16.43 34.48 -67.39
C ALA A 547 -15.28 35.40 -67.02
N LEU A 548 -14.73 36.08 -68.03
CA LEU A 548 -13.68 37.07 -67.86
C LEU A 548 -14.38 38.43 -67.86
N CYS A 549 -14.86 38.84 -66.69
CA CYS A 549 -15.73 40.01 -66.59
C CYS A 549 -15.17 41.03 -65.62
N ASP A 550 -15.69 42.25 -65.72
CA ASP A 550 -15.25 43.36 -64.89
C ASP A 550 -16.03 43.39 -63.57
N GLN A 551 -15.30 43.54 -62.48
CA GLN A 551 -15.92 43.60 -61.16
C GLN A 551 -14.95 44.26 -60.19
N TRP A 552 -15.46 44.58 -59.01
CA TRP A 552 -14.64 44.97 -57.88
C TRP A 552 -14.29 43.71 -57.08
N TYR A 553 -13.03 43.59 -56.71
CA TYR A 553 -12.55 42.42 -56.00
C TYR A 553 -11.68 42.85 -54.82
N LEU A 554 -11.72 42.05 -53.77
CA LEU A 554 -10.80 42.19 -52.65
C LEU A 554 -9.49 41.51 -53.00
N ASP A 555 -8.38 42.21 -52.79
CA ASP A 555 -7.07 41.79 -53.29
C ASP A 555 -6.33 40.97 -52.22
N TYR A 556 -6.90 39.81 -51.92
CA TYR A 556 -6.29 38.87 -50.96
C TYR A 556 -4.99 38.28 -51.44
N GLY A 557 -4.43 38.73 -52.56
CA GLY A 557 -3.19 38.17 -53.07
C GLY A 557 -1.97 39.03 -52.81
N GLU A 558 -2.20 40.24 -52.30
CA GLU A 558 -1.08 41.14 -51.98
C GLU A 558 -0.14 40.47 -50.99
N GLU A 559 1.14 40.39 -51.34
CA GLU A 559 2.09 39.65 -50.52
C GLU A 559 2.20 40.23 -49.12
N ASN A 560 2.09 41.55 -48.98
CA ASN A 560 2.15 42.16 -47.66
C ASN A 560 0.94 41.78 -46.82
N TRP A 561 -0.27 41.92 -47.40
CA TRP A 561 -1.49 41.52 -46.70
C TRP A 561 -1.43 40.04 -46.33
N LYS A 562 -0.96 39.20 -47.25
CA LYS A 562 -0.94 37.76 -47.00
C LYS A 562 0.08 37.40 -45.92
N LYS A 563 1.25 38.04 -45.92
CA LYS A 563 2.23 37.73 -44.89
C LYS A 563 1.78 38.23 -43.52
N GLN A 564 1.13 39.39 -43.47
CA GLN A 564 0.58 39.86 -42.20
C GLN A 564 -0.50 38.93 -41.67
N THR A 565 -1.36 38.43 -42.57
CA THR A 565 -2.36 37.46 -42.13
C THR A 565 -1.72 36.13 -41.76
N SER A 566 -0.57 35.78 -42.35
CA SER A 566 0.14 34.58 -41.94
C SER A 566 0.67 34.71 -40.52
N GLN A 567 1.20 35.88 -40.18
CA GLN A 567 1.57 36.15 -38.79
C GLN A 567 0.35 36.06 -37.88
N CYS A 568 -0.78 36.61 -38.33
CA CYS A 568 -2.01 36.51 -37.54
C CYS A 568 -2.43 35.05 -37.34
N LEU A 569 -2.20 34.22 -38.35
CA LEU A 569 -2.50 32.79 -38.22
C LEU A 569 -1.55 32.13 -37.24
N LYS A 570 -0.27 32.54 -37.24
CA LYS A 570 0.66 32.07 -36.23
C LYS A 570 0.16 32.40 -34.84
N ASN A 571 -0.40 33.60 -34.66
CA ASN A 571 -0.89 34.01 -33.34
C ASN A 571 -2.26 33.44 -32.99
N LEU A 572 -2.98 32.86 -33.95
CA LEU A 572 -4.34 32.40 -33.72
C LEU A 572 -4.36 31.03 -33.05
N GLU A 573 -5.38 30.80 -32.24
CA GLU A 573 -5.53 29.53 -31.52
C GLU A 573 -6.46 28.61 -32.30
N THR A 574 -5.90 27.53 -32.85
CA THR A 574 -6.67 26.49 -33.51
C THR A 574 -6.55 25.22 -32.67
N PHE A 575 -7.69 24.68 -32.23
CA PHE A 575 -7.68 23.62 -31.23
C PHE A 575 -7.08 22.32 -31.72
N CYS A 576 -6.74 22.21 -33.01
CA CYS A 576 -6.04 21.06 -33.53
C CYS A 576 -5.20 21.50 -34.73
N GLU A 577 -4.21 20.68 -35.07
CA GLU A 577 -3.30 21.02 -36.17
C GLU A 577 -3.97 20.88 -37.54
N GLU A 578 -5.00 20.04 -37.64
CA GLU A 578 -5.68 19.87 -38.93
C GLU A 578 -6.30 21.17 -39.40
N THR A 579 -6.88 21.94 -38.49
CA THR A 579 -7.46 23.22 -38.86
C THR A 579 -6.37 24.22 -39.24
N ARG A 580 -5.23 24.18 -38.57
CA ARG A 580 -4.11 25.03 -38.96
C ARG A 580 -3.64 24.68 -40.37
N ARG A 581 -3.62 23.39 -40.72
CA ARG A 581 -3.24 23.00 -42.07
C ARG A 581 -4.27 23.46 -43.09
N ASN A 582 -5.56 23.33 -42.78
CA ASN A 582 -6.60 23.87 -43.65
C ASN A 582 -6.40 25.36 -43.88
N PHE A 583 -6.09 26.10 -42.82
CA PHE A 583 -5.88 27.54 -42.96
C PHE A 583 -4.65 27.84 -43.81
N GLU A 584 -3.55 27.10 -43.58
CA GLU A 584 -2.35 27.30 -44.38
C GLU A 584 -2.62 27.07 -45.86
N ALA A 585 -3.36 26.00 -46.17
CA ALA A 585 -3.66 25.69 -47.56
C ALA A 585 -4.52 26.78 -48.19
N THR A 586 -5.60 27.19 -47.50
CA THR A 586 -6.46 28.22 -48.07
C THR A 586 -5.79 29.57 -48.11
N LEU A 587 -4.74 29.78 -47.31
CA LEU A 587 -4.00 31.03 -47.36
C LEU A 587 -3.02 31.04 -48.53
N GLY A 588 -2.38 29.89 -48.78
CA GLY A 588 -1.49 29.78 -49.93
C GLY A 588 -2.20 29.70 -51.26
N TRP A 589 -3.47 29.28 -51.25
CA TRP A 589 -4.25 29.16 -52.48
C TRP A 589 -5.03 30.42 -52.84
N LEU A 590 -5.36 31.25 -51.85
CA LEU A 590 -6.25 32.38 -52.08
C LEU A 590 -5.59 33.44 -52.97
N GLN A 591 -6.42 34.14 -53.75
CA GLN A 591 -5.97 35.24 -54.59
C GLN A 591 -7.03 36.34 -54.63
N GLU A 592 -7.32 36.86 -55.81
CA GLU A 592 -8.39 37.84 -55.93
C GLU A 592 -9.73 37.21 -55.55
N HIS A 593 -10.59 37.99 -54.90
CA HIS A 593 -11.91 37.51 -54.52
C HIS A 593 -12.96 38.48 -55.06
N ALA A 594 -13.71 38.04 -56.06
CA ALA A 594 -14.81 38.84 -56.60
C ALA A 594 -15.89 38.99 -55.54
N CYS A 595 -16.26 40.22 -55.23
CA CYS A 595 -17.16 40.53 -54.12
C CYS A 595 -18.40 41.30 -54.56
N SER A 596 -18.61 41.48 -55.86
CA SER A 596 -19.66 42.36 -56.38
C SER A 596 -20.76 41.53 -57.02
N ARG A 597 -22.00 41.82 -56.64
CA ARG A 597 -23.18 41.23 -57.25
C ARG A 597 -24.09 42.34 -57.76
N THR A 598 -25.02 41.96 -58.65
CA THR A 598 -26.00 42.90 -59.17
C THR A 598 -27.44 42.50 -58.87
N TYR A 599 -27.67 41.27 -58.42
CA TYR A 599 -29.03 40.75 -58.21
C TYR A 599 -29.07 40.06 -56.85
N GLY A 600 -29.89 40.59 -55.94
CA GLY A 600 -30.05 40.03 -54.63
C GLY A 600 -30.21 41.12 -53.60
N LEU A 601 -30.07 40.74 -52.33
CA LEU A 601 -30.15 41.65 -51.19
C LEU A 601 -28.76 41.91 -50.63
N GLY A 602 -28.65 43.00 -49.90
CA GLY A 602 -27.39 43.34 -49.27
C GLY A 602 -27.23 44.85 -49.19
N THR A 603 -25.98 45.28 -49.25
CA THR A 603 -25.62 46.70 -49.20
C THR A 603 -24.91 47.07 -50.49
N HIS A 604 -25.29 48.20 -51.06
CA HIS A 604 -24.64 48.70 -52.26
C HIS A 604 -23.27 49.29 -51.93
N LEU A 605 -22.36 49.21 -52.89
CA LEU A 605 -21.12 49.96 -52.79
C LEU A 605 -21.44 51.44 -52.65
N PRO A 606 -20.86 52.14 -51.68
CA PRO A 606 -21.24 53.54 -51.46
C PRO A 606 -20.86 54.49 -52.59
N TRP A 607 -20.00 54.07 -53.51
CA TRP A 607 -19.61 54.90 -54.64
C TRP A 607 -20.10 54.36 -55.99
N ASP A 608 -20.51 53.08 -56.05
CA ASP A 608 -21.07 52.47 -57.26
C ASP A 608 -22.42 51.86 -56.90
N GLU A 609 -23.43 52.72 -56.76
CA GLU A 609 -24.74 52.32 -56.25
C GLU A 609 -25.40 51.21 -57.06
N GLN A 610 -24.85 50.84 -58.22
CA GLN A 610 -25.43 49.79 -59.04
C GLN A 610 -24.91 48.40 -58.69
N TRP A 611 -23.85 48.31 -57.88
CA TRP A 611 -23.32 47.03 -57.42
C TRP A 611 -23.71 46.83 -55.95
N LEU A 612 -24.14 45.62 -55.62
CA LEU A 612 -24.33 45.21 -54.23
C LEU A 612 -23.10 44.45 -53.77
N ILE A 613 -23.00 44.27 -52.45
CA ILE A 613 -21.90 43.53 -51.83
C ILE A 613 -22.40 42.15 -51.47
N GLU A 614 -21.65 41.12 -51.84
CA GLU A 614 -22.08 39.75 -51.64
C GLU A 614 -22.16 39.41 -50.15
N SER A 615 -22.59 38.18 -49.86
CA SER A 615 -22.77 37.76 -48.47
C SER A 615 -21.44 37.43 -47.80
N LEU A 616 -20.48 36.89 -48.54
CA LEU A 616 -19.19 36.50 -47.99
C LEU A 616 -18.23 37.68 -47.84
N SER A 617 -18.70 38.92 -47.98
CA SER A 617 -17.84 40.08 -47.85
C SER A 617 -18.38 41.15 -46.91
N ASP A 618 -19.67 41.17 -46.60
CA ASP A 618 -20.21 42.08 -45.60
C ASP A 618 -20.22 41.46 -44.21
N SER A 619 -19.51 40.36 -44.02
CA SER A 619 -19.59 39.55 -42.82
C SER A 619 -18.21 39.33 -42.22
N THR A 620 -17.28 40.23 -42.48
CA THR A 620 -15.89 40.01 -42.06
C THR A 620 -15.58 40.64 -40.71
N ILE A 621 -16.14 41.80 -40.41
CA ILE A 621 -15.79 42.49 -39.16
C ILE A 621 -17.04 42.99 -38.45
N TYR A 622 -18.17 42.33 -38.66
CA TYR A 622 -19.41 42.77 -38.03
C TYR A 622 -19.41 42.54 -36.52
N MET A 623 -18.48 41.72 -36.01
CA MET A 623 -18.36 41.55 -34.56
C MET A 623 -18.08 42.87 -33.86
N ALA A 624 -17.40 43.80 -34.55
CA ALA A 624 -17.24 45.13 -34.00
C ALA A 624 -18.58 45.86 -33.91
N PHE A 625 -19.46 45.65 -34.89
CA PHE A 625 -20.80 46.21 -34.81
C PHE A 625 -21.59 45.59 -33.68
N TYR A 626 -21.25 44.36 -33.30
CA TYR A 626 -21.88 43.73 -32.14
C TYR A 626 -21.72 44.58 -30.87
N THR A 627 -20.56 45.23 -30.72
CA THR A 627 -20.25 45.91 -29.47
C THR A 627 -21.05 47.19 -29.27
N VAL A 628 -21.73 47.70 -30.30
CA VAL A 628 -22.49 48.93 -30.20
C VAL A 628 -23.93 48.78 -30.69
N ALA A 629 -24.32 47.60 -31.19
CA ALA A 629 -25.66 47.42 -31.73
C ALA A 629 -26.75 47.60 -30.67
N HIS A 630 -26.41 47.44 -29.39
CA HIS A 630 -27.40 47.66 -28.35
C HIS A 630 -27.66 49.14 -28.12
N LEU A 631 -26.66 50.00 -28.37
CA LEU A 631 -26.83 51.43 -28.20
C LEU A 631 -27.22 52.14 -29.49
N LEU A 632 -27.18 51.45 -30.63
CA LEU A 632 -27.55 52.06 -31.91
C LEU A 632 -29.01 51.82 -32.25
N GLN A 633 -29.47 50.56 -32.18
CA GLN A 633 -30.82 50.22 -32.60
C GLN A 633 -31.65 49.54 -31.52
N GLY A 634 -31.05 49.16 -30.39
CA GLY A 634 -31.77 48.69 -29.23
C GLY A 634 -32.77 47.56 -29.45
N GLY A 635 -32.28 46.40 -29.91
CA GLY A 635 -33.11 45.22 -30.01
C GLY A 635 -34.02 45.15 -31.21
N ASN A 636 -34.42 46.27 -31.79
CA ASN A 636 -35.24 46.27 -32.99
C ASN A 636 -34.41 45.78 -34.16
N LEU A 637 -34.77 44.62 -34.70
CA LEU A 637 -33.89 43.91 -35.64
C LEU A 637 -33.56 44.78 -36.86
N HIS A 638 -34.56 45.36 -37.49
CA HIS A 638 -34.36 46.14 -38.71
C HIS A 638 -33.78 47.52 -38.45
N GLY A 639 -33.57 47.89 -37.18
CA GLY A 639 -33.07 49.22 -36.88
C GLY A 639 -34.03 50.34 -37.20
N GLN A 640 -35.33 50.06 -37.20
CA GLN A 640 -36.35 51.04 -37.55
C GLN A 640 -36.96 51.73 -36.34
N ALA A 641 -36.57 51.34 -35.13
CA ALA A 641 -37.16 51.91 -33.93
C ALA A 641 -36.31 53.07 -33.42
N GLU A 642 -36.71 53.62 -32.27
CA GLU A 642 -35.99 54.71 -31.65
C GLU A 642 -34.61 54.26 -31.19
N SER A 643 -33.66 55.19 -31.22
CA SER A 643 -32.30 54.95 -30.72
C SER A 643 -32.25 55.26 -29.23
N PRO A 644 -31.61 54.38 -28.44
CA PRO A 644 -31.50 54.65 -27.00
C PRO A 644 -30.65 55.88 -26.69
N LEU A 645 -29.54 56.06 -27.40
CA LEU A 645 -28.70 57.24 -27.24
C LEU A 645 -29.17 58.42 -28.09
N GLY A 646 -30.27 58.27 -28.82
CA GLY A 646 -30.81 59.36 -29.62
C GLY A 646 -29.99 59.72 -30.83
N ILE A 647 -29.37 58.72 -31.48
CA ILE A 647 -28.52 58.94 -32.64
C ILE A 647 -29.29 58.50 -33.89
N ARG A 648 -29.45 59.42 -34.84
CA ARG A 648 -30.17 59.11 -36.06
C ARG A 648 -29.40 58.10 -36.90
N PRO A 649 -30.09 57.35 -37.76
CA PRO A 649 -29.39 56.34 -38.57
C PRO A 649 -28.37 56.93 -39.52
N GLN A 650 -28.66 58.09 -40.12
CA GLN A 650 -27.75 58.68 -41.09
C GLN A 650 -26.62 59.48 -40.44
N GLN A 651 -26.76 59.82 -39.16
CA GLN A 651 -25.77 60.66 -38.48
C GLN A 651 -24.43 59.96 -38.29
N MET A 652 -24.36 58.66 -38.54
CA MET A 652 -23.13 57.89 -38.39
C MET A 652 -22.32 58.00 -39.68
N THR A 653 -21.36 58.91 -39.69
CA THR A 653 -20.54 59.12 -40.87
C THR A 653 -19.23 58.34 -40.77
N LYS A 654 -18.39 58.46 -41.80
CA LYS A 654 -17.14 57.71 -41.85
C LYS A 654 -16.22 58.09 -40.70
N GLU A 655 -16.11 59.40 -40.41
CA GLU A 655 -15.23 59.83 -39.33
C GLU A 655 -15.78 59.48 -37.96
N VAL A 656 -17.11 59.40 -37.83
CA VAL A 656 -17.70 58.96 -36.57
C VAL A 656 -17.33 57.51 -36.29
N TRP A 657 -17.47 56.65 -37.30
CA TRP A 657 -17.02 55.26 -37.14
C TRP A 657 -15.54 55.18 -36.88
N ASP A 658 -14.74 56.04 -37.55
CA ASP A 658 -13.30 56.07 -37.29
C ASP A 658 -13.02 56.36 -35.82
N TYR A 659 -13.71 57.36 -35.27
CA TYR A 659 -13.52 57.69 -33.86
C TYR A 659 -13.96 56.55 -32.94
N VAL A 660 -15.04 55.86 -33.32
CA VAL A 660 -15.54 54.78 -32.48
C VAL A 660 -14.58 53.60 -32.47
N PHE A 661 -14.04 53.22 -33.63
CA PHE A 661 -13.28 51.98 -33.72
C PHE A 661 -11.78 52.16 -33.81
N PHE A 662 -11.28 53.33 -34.14
CA PHE A 662 -9.85 53.61 -34.10
C PHE A 662 -9.56 54.41 -32.82
N LYS A 663 -8.69 53.86 -31.97
CA LYS A 663 -8.37 54.53 -30.71
C LYS A 663 -7.71 55.87 -30.94
N GLU A 664 -6.81 55.96 -31.92
CA GLU A 664 -6.06 57.18 -32.21
C GLU A 664 -6.75 58.07 -33.25
N ALA A 665 -8.06 57.92 -33.44
CA ALA A 665 -8.75 58.75 -34.40
C ALA A 665 -9.24 60.04 -33.74
N PRO A 666 -9.16 61.17 -34.45
CA PRO A 666 -9.62 62.44 -33.87
C PRO A 666 -11.13 62.56 -33.84
N PHE A 667 -11.62 63.27 -32.84
CA PHE A 667 -13.05 63.51 -32.69
C PHE A 667 -13.54 64.43 -33.80
N PRO A 668 -14.41 63.98 -34.70
CA PRO A 668 -14.85 64.84 -35.80
C PRO A 668 -16.00 65.76 -35.43
N LYS A 669 -16.42 66.60 -36.38
CA LYS A 669 -17.48 67.57 -36.15
C LYS A 669 -18.82 66.92 -36.49
N THR A 670 -19.57 66.52 -35.46
CA THR A 670 -20.88 65.95 -35.63
C THR A 670 -21.78 66.45 -34.50
N GLN A 671 -23.09 66.54 -34.79
CA GLN A 671 -24.04 67.01 -33.80
C GLN A 671 -24.21 66.05 -32.64
N ILE A 672 -23.59 64.87 -32.69
CA ILE A 672 -23.70 63.92 -31.59
C ILE A 672 -22.92 64.43 -30.39
N ALA A 673 -23.50 64.25 -29.20
CA ALA A 673 -22.80 64.63 -27.98
C ALA A 673 -21.59 63.72 -27.76
N LYS A 674 -20.61 64.24 -27.01
CA LYS A 674 -19.38 63.49 -26.80
C LYS A 674 -19.59 62.28 -25.89
N GLU A 675 -20.58 62.36 -24.99
CA GLU A 675 -20.80 61.26 -24.06
C GLU A 675 -21.27 59.99 -24.77
N LYS A 676 -22.13 60.14 -25.77
CA LYS A 676 -22.63 58.98 -26.51
C LYS A 676 -21.49 58.28 -27.25
N LEU A 677 -20.70 59.03 -28.01
CA LEU A 677 -19.61 58.43 -28.77
C LEU A 677 -18.52 57.89 -27.87
N ASP A 678 -18.27 58.55 -26.73
CA ASP A 678 -17.31 58.00 -25.77
C ASP A 678 -17.82 56.70 -25.17
N GLN A 679 -19.13 56.60 -24.93
CA GLN A 679 -19.69 55.34 -24.45
C GLN A 679 -19.55 54.25 -25.49
N LEU A 680 -19.75 54.58 -26.77
CA LEU A 680 -19.58 53.60 -27.84
C LEU A 680 -18.13 53.13 -27.93
N LYS A 681 -17.19 54.07 -27.91
CA LYS A 681 -15.77 53.73 -27.96
C LYS A 681 -15.37 52.89 -26.76
N GLN A 682 -15.94 53.20 -25.59
CA GLN A 682 -15.71 52.41 -24.39
C GLN A 682 -16.18 50.98 -24.59
N GLU A 683 -17.42 50.80 -25.07
CA GLU A 683 -17.94 49.46 -25.33
C GLU A 683 -17.03 48.69 -26.27
N PHE A 684 -16.62 49.32 -27.37
CA PHE A 684 -15.79 48.62 -28.34
C PHE A 684 -14.42 48.25 -27.75
N GLU A 685 -13.69 49.25 -27.25
CA GLU A 685 -12.35 48.99 -26.73
C GLU A 685 -12.38 48.04 -25.53
N PHE A 686 -13.49 47.95 -24.82
CA PHE A 686 -13.62 47.01 -23.70
C PHE A 686 -13.85 45.59 -24.20
N TRP A 687 -14.82 45.41 -25.11
CA TRP A 687 -15.18 44.06 -25.51
C TRP A 687 -14.20 43.44 -26.50
N TYR A 688 -13.51 44.24 -27.28
CA TYR A 688 -12.62 43.68 -28.27
C TYR A 688 -11.30 43.23 -27.64
N PRO A 689 -10.62 42.24 -28.23
CA PRO A 689 -10.96 41.52 -29.47
C PRO A 689 -11.95 40.38 -29.27
N VAL A 690 -12.16 39.60 -30.34
CA VAL A 690 -13.02 38.42 -30.27
C VAL A 690 -12.20 37.27 -29.72
N ASP A 691 -12.61 36.74 -28.57
CA ASP A 691 -11.86 35.67 -27.94
C ASP A 691 -12.07 34.34 -28.66
N LEU A 692 -13.32 34.00 -28.96
CA LEU A 692 -13.64 32.71 -29.55
C LEU A 692 -14.68 32.87 -30.65
N ARG A 693 -14.53 32.09 -31.71
CA ARG A 693 -15.50 32.03 -32.79
C ARG A 693 -15.62 30.58 -33.21
N VAL A 694 -16.78 29.97 -32.98
CA VAL A 694 -17.01 28.56 -33.29
C VAL A 694 -17.81 28.47 -34.59
N SER A 695 -17.49 27.47 -35.40
CA SER A 695 -18.13 27.31 -36.69
C SER A 695 -17.90 25.88 -37.19
N GLY A 696 -18.57 25.55 -38.28
CA GLY A 696 -18.32 24.29 -38.96
C GLY A 696 -17.11 24.37 -39.88
N LYS A 697 -16.50 23.22 -40.12
CA LYS A 697 -15.27 23.17 -40.89
C LYS A 697 -15.49 23.54 -42.34
N ASP A 698 -16.76 23.77 -42.73
CA ASP A 698 -17.07 24.22 -44.08
C ASP A 698 -16.81 25.71 -44.28
N LEU A 699 -16.62 26.48 -43.22
CA LEU A 699 -16.38 27.92 -43.34
C LEU A 699 -14.91 28.28 -43.22
N VAL A 700 -14.03 27.31 -43.07
CA VAL A 700 -12.59 27.58 -43.01
C VAL A 700 -12.08 28.06 -44.36
N PRO A 701 -12.35 27.37 -45.48
CA PRO A 701 -11.77 27.81 -46.76
C PRO A 701 -12.28 29.15 -47.26
N ASN A 702 -13.38 29.67 -46.72
CA ASN A 702 -13.88 30.96 -47.21
C ASN A 702 -14.01 32.00 -46.11
N HIS A 703 -15.04 31.88 -45.26
CA HIS A 703 -15.43 32.99 -44.39
C HIS A 703 -14.34 33.36 -43.40
N LEU A 704 -13.77 32.36 -42.72
CA LEU A 704 -12.83 32.64 -41.63
C LEU A 704 -11.53 33.25 -42.15
N SER A 705 -11.10 32.85 -43.35
CA SER A 705 -9.90 33.46 -43.93
C SER A 705 -10.15 34.93 -44.30
N TYR A 706 -11.30 35.22 -44.90
CA TYR A 706 -11.66 36.61 -45.17
C TYR A 706 -11.76 37.41 -43.88
N TYR A 707 -12.18 36.75 -42.80
CA TYR A 707 -12.32 37.37 -41.49
C TYR A 707 -10.97 37.77 -40.92
N LEU A 708 -10.00 36.85 -40.96
CA LEU A 708 -8.63 37.19 -40.57
C LEU A 708 -8.06 38.30 -41.44
N TYR A 709 -8.26 38.20 -42.76
CA TYR A 709 -7.74 39.21 -43.68
C TYR A 709 -8.28 40.59 -43.35
N ASN A 710 -9.60 40.70 -43.14
CA ASN A 710 -10.20 42.00 -42.90
C ASN A 710 -9.85 42.55 -41.53
N HIS A 711 -9.67 41.69 -40.53
CA HIS A 711 -9.19 42.21 -39.25
C HIS A 711 -7.76 42.72 -39.37
N VAL A 712 -6.92 42.04 -40.15
CA VAL A 712 -5.57 42.52 -40.39
C VAL A 712 -5.59 43.87 -41.11
N ALA A 713 -6.47 44.01 -42.09
CA ALA A 713 -6.49 45.22 -42.90
C ALA A 713 -7.15 46.40 -42.18
N MET A 714 -8.10 46.14 -41.28
CA MET A 714 -8.83 47.23 -40.64
C MET A 714 -8.06 47.79 -39.45
N TRP A 715 -7.36 46.95 -38.69
CA TRP A 715 -6.55 47.37 -37.55
C TRP A 715 -5.12 46.90 -37.78
N PRO A 716 -4.42 47.48 -38.75
CA PRO A 716 -3.08 46.96 -39.12
C PRO A 716 -2.00 47.26 -38.10
N GLU A 717 -2.20 48.25 -37.24
CA GLU A 717 -1.22 48.61 -36.23
C GLU A 717 -1.50 48.00 -34.87
N GLN A 718 -2.58 47.22 -34.75
CA GLN A 718 -3.05 46.70 -33.46
C GLN A 718 -3.29 45.21 -33.60
N SER A 719 -2.24 44.42 -33.43
CA SER A 719 -2.38 42.96 -33.43
C SER A 719 -3.19 42.47 -32.23
N ASP A 720 -3.37 43.31 -31.21
CA ASP A 720 -4.17 42.96 -30.04
C ASP A 720 -5.66 43.02 -30.29
N LYS A 721 -6.10 43.49 -31.46
CA LYS A 721 -7.50 43.46 -31.83
C LYS A 721 -7.82 42.38 -32.86
N TRP A 722 -6.82 41.60 -33.25
CA TRP A 722 -7.01 40.50 -34.18
C TRP A 722 -7.56 39.29 -33.44
N PRO A 723 -8.30 38.43 -34.13
CA PRO A 723 -9.02 37.33 -33.45
C PRO A 723 -8.06 36.42 -32.70
N THR A 724 -8.55 35.91 -31.57
CA THR A 724 -7.74 35.11 -30.65
C THR A 724 -7.84 33.62 -30.96
N ALA A 725 -9.05 33.07 -30.95
CA ALA A 725 -9.26 31.64 -31.13
C ALA A 725 -10.40 31.40 -32.11
N VAL A 726 -10.34 30.24 -32.76
CA VAL A 726 -11.39 29.76 -33.66
C VAL A 726 -11.48 28.26 -33.52
N ARG A 727 -12.64 27.76 -33.10
CA ARG A 727 -12.84 26.32 -32.91
C ARG A 727 -13.84 25.84 -33.94
N ALA A 728 -13.44 24.84 -34.73
CA ALA A 728 -14.28 24.28 -35.78
C ALA A 728 -14.67 22.84 -35.43
N ASN A 729 -15.90 22.48 -35.79
CA ASN A 729 -16.40 21.13 -35.58
C ASN A 729 -16.91 20.57 -36.90
N GLY A 730 -17.13 19.26 -36.91
CA GLY A 730 -17.68 18.60 -38.08
C GLY A 730 -19.16 18.89 -38.23
N HIS A 731 -19.75 18.26 -39.24
CA HIS A 731 -21.17 18.40 -39.50
C HIS A 731 -21.96 17.33 -38.76
N LEU A 732 -23.17 17.69 -38.35
CA LEU A 732 -23.96 16.85 -37.47
C LEU A 732 -24.68 15.76 -38.26
N LEU A 733 -24.56 14.52 -37.78
CA LEU A 733 -25.38 13.42 -38.25
C LEU A 733 -26.51 13.18 -37.25
N LEU A 734 -27.66 12.76 -37.77
CA LEU A 734 -28.81 12.41 -36.93
C LEU A 734 -29.00 10.90 -36.99
N ASN A 735 -28.90 10.26 -35.82
CA ASN A 735 -29.01 8.81 -35.71
C ASN A 735 -28.03 8.11 -36.66
N SER A 736 -26.82 8.67 -36.74
CA SER A 736 -25.71 8.12 -37.53
C SER A 736 -25.94 8.22 -39.03
N GLU A 737 -26.83 9.11 -39.47
CA GLU A 737 -27.15 9.26 -40.88
C GLU A 737 -27.11 10.75 -41.26
N LYS A 738 -26.84 11.00 -42.54
CA LYS A 738 -26.78 12.37 -43.03
C LYS A 738 -28.13 13.06 -42.85
N MET A 739 -28.12 14.22 -42.21
CA MET A 739 -29.35 14.95 -41.92
C MET A 739 -29.81 15.66 -43.19
N SER A 740 -30.95 15.25 -43.72
CA SER A 740 -31.51 15.84 -44.93
C SER A 740 -33.03 15.71 -44.93
N LYS A 741 -33.70 16.73 -45.46
CA LYS A 741 -35.15 16.72 -45.55
C LYS A 741 -35.66 15.69 -46.56
N SER A 742 -34.84 15.33 -47.54
CA SER A 742 -35.28 14.41 -48.58
C SER A 742 -35.32 12.96 -48.10
N THR A 743 -34.50 12.61 -47.10
CA THR A 743 -34.43 11.23 -46.64
C THR A 743 -35.33 10.96 -45.45
N GLY A 744 -35.80 12.00 -44.76
CA GLY A 744 -36.73 11.79 -43.65
C GLY A 744 -36.23 12.29 -42.31
N ASN A 745 -34.99 11.97 -41.96
CA ASN A 745 -34.44 12.38 -40.67
C ASN A 745 -33.95 13.82 -40.79
N PHE A 746 -34.71 14.73 -40.20
CA PHE A 746 -34.36 16.16 -40.22
C PHE A 746 -35.14 16.83 -39.10
N LEU A 747 -34.44 17.46 -38.18
CA LEU A 747 -35.05 18.12 -37.04
C LEU A 747 -34.67 19.59 -37.07
N THR A 748 -35.67 20.47 -37.07
CA THR A 748 -35.41 21.88 -36.86
C THR A 748 -35.33 22.16 -35.37
N LEU A 749 -34.80 23.34 -35.02
CA LEU A 749 -34.58 23.67 -33.61
C LEU A 749 -35.89 23.62 -32.83
N THR A 750 -36.96 24.21 -33.38
CA THR A 750 -38.22 24.22 -32.64
C THR A 750 -38.82 22.82 -32.55
N GLN A 751 -38.69 22.02 -33.61
CA GLN A 751 -39.11 20.62 -33.53
C GLN A 751 -38.31 19.88 -32.46
N ALA A 752 -37.00 20.10 -32.41
CA ALA A 752 -36.16 19.40 -31.44
C ALA A 752 -36.53 19.80 -30.01
N ILE A 753 -36.82 21.08 -29.77
CA ILE A 753 -37.26 21.50 -28.45
C ILE A 753 -38.59 20.83 -28.11
N ASP A 754 -39.57 20.92 -29.00
CA ASP A 754 -40.86 20.27 -28.78
C ASP A 754 -40.70 18.80 -28.43
N LYS A 755 -39.71 18.13 -29.05
CA LYS A 755 -39.60 16.69 -28.85
C LYS A 755 -38.83 16.33 -27.59
N PHE A 756 -37.75 17.04 -27.28
CA PHE A 756 -36.84 16.61 -26.22
C PHE A 756 -36.67 17.59 -25.07
N SER A 757 -37.41 18.69 -25.02
CA SER A 757 -37.14 19.82 -24.11
C SER A 757 -35.78 20.44 -24.40
N ALA A 758 -35.62 21.72 -24.05
CA ALA A 758 -34.36 22.42 -24.31
C ALA A 758 -33.20 21.76 -23.59
N ASP A 759 -33.38 21.38 -22.31
CA ASP A 759 -32.28 20.81 -21.56
C ASP A 759 -31.92 19.42 -22.07
N GLY A 760 -32.92 18.61 -22.42
CA GLY A 760 -32.63 17.30 -23.00
C GLY A 760 -31.89 17.41 -24.32
N MET A 761 -32.32 18.35 -25.16
CA MET A 761 -31.62 18.58 -26.44
C MET A 761 -30.19 19.01 -26.20
N ARG A 762 -29.98 19.97 -25.29
CA ARG A 762 -28.62 20.44 -25.02
C ARG A 762 -27.76 19.32 -24.43
N LEU A 763 -28.36 18.43 -23.64
CA LEU A 763 -27.60 17.33 -23.08
C LEU A 763 -27.15 16.36 -24.17
N ALA A 764 -28.07 15.96 -25.04
CA ALA A 764 -27.69 15.11 -26.16
C ALA A 764 -26.74 15.81 -27.12
N LEU A 765 -26.75 17.14 -27.15
CA LEU A 765 -25.82 17.90 -27.98
C LEU A 765 -24.43 17.96 -27.38
N ALA A 766 -24.34 18.00 -26.05
CA ALA A 766 -23.04 17.96 -25.39
C ALA A 766 -22.31 16.66 -25.66
N ASP A 767 -23.05 15.55 -25.76
CA ASP A 767 -22.48 14.23 -25.99
C ASP A 767 -22.27 13.92 -27.47
N ALA A 768 -22.54 14.89 -28.36
CA ALA A 768 -22.51 14.59 -29.79
C ALA A 768 -21.08 14.36 -30.28
N GLY A 769 -20.20 15.34 -30.10
CA GLY A 769 -18.84 15.20 -30.58
C GLY A 769 -17.98 16.42 -30.33
N ASP A 770 -16.79 16.21 -29.77
CA ASP A 770 -15.86 17.29 -29.48
C ASP A 770 -14.65 17.27 -30.41
N THR A 771 -14.68 16.45 -31.44
CA THR A 771 -13.63 16.41 -32.45
C THR A 771 -14.09 17.18 -33.69
N VAL A 772 -13.28 17.12 -34.75
CA VAL A 772 -13.66 17.69 -36.04
C VAL A 772 -14.26 16.64 -36.97
N GLU A 773 -14.19 15.36 -36.60
CA GLU A 773 -14.95 14.34 -37.31
C GLU A 773 -16.45 14.60 -37.13
N ASP A 774 -17.23 14.10 -38.09
CA ASP A 774 -18.67 14.35 -38.08
C ASP A 774 -19.29 13.94 -36.75
N ALA A 775 -20.14 14.81 -36.22
CA ALA A 775 -20.78 14.61 -34.93
C ALA A 775 -22.04 13.76 -35.07
N ASN A 776 -22.43 13.13 -33.96
CA ASN A 776 -23.52 12.16 -33.96
C ASN A 776 -24.54 12.55 -32.90
N PHE A 777 -25.74 12.91 -33.32
CA PHE A 777 -26.86 13.15 -32.43
C PHE A 777 -27.78 11.92 -32.48
N VAL A 778 -27.97 11.26 -31.34
CA VAL A 778 -28.77 10.06 -31.25
C VAL A 778 -30.02 10.37 -30.41
N GLU A 779 -31.19 10.00 -30.94
CA GLU A 779 -32.45 10.25 -30.23
C GLU A 779 -32.54 9.43 -28.95
N ALA A 780 -32.14 8.15 -29.03
CA ALA A 780 -32.22 7.29 -27.85
C ALA A 780 -31.38 7.85 -26.70
N MET A 781 -30.22 8.42 -27.01
CA MET A 781 -29.40 9.03 -25.98
C MET A 781 -30.13 10.20 -25.33
N ALA A 782 -30.83 11.02 -26.13
CA ALA A 782 -31.58 12.13 -25.57
C ALA A 782 -32.70 11.64 -24.67
N ASP A 783 -33.38 10.57 -25.07
CA ASP A 783 -34.45 10.02 -24.24
C ASP A 783 -33.90 9.48 -22.92
N ALA A 784 -32.76 8.79 -22.97
CA ALA A 784 -32.13 8.31 -21.75
C ALA A 784 -31.69 9.46 -20.85
N GLY A 785 -31.19 10.54 -21.45
CA GLY A 785 -30.84 11.72 -20.67
C GLY A 785 -32.04 12.37 -20.02
N ILE A 786 -33.18 12.36 -20.72
CA ILE A 786 -34.41 12.89 -20.13
C ILE A 786 -34.81 12.05 -18.92
N LEU A 787 -34.78 10.72 -19.07
CA LEU A 787 -35.09 9.84 -17.95
C LEU A 787 -34.17 10.10 -16.76
N ARG A 788 -32.87 10.22 -17.03
CA ARG A 788 -31.91 10.41 -15.94
C ARG A 788 -32.08 11.77 -15.27
N LEU A 789 -32.37 12.82 -16.05
CA LEU A 789 -32.63 14.13 -15.45
C LEU A 789 -33.87 14.10 -14.58
N TYR A 790 -34.93 13.42 -15.03
CA TYR A 790 -36.14 13.34 -14.22
C TYR A 790 -35.89 12.58 -12.93
N THR A 791 -35.19 11.45 -13.01
CA THR A 791 -34.88 10.69 -11.81
C THR A 791 -33.99 11.50 -10.87
N TRP A 792 -33.06 12.28 -11.42
CA TRP A 792 -32.20 13.10 -10.58
C TRP A 792 -32.98 14.17 -9.84
N VAL A 793 -33.93 14.82 -10.53
CA VAL A 793 -34.74 15.84 -9.88
C VAL A 793 -35.63 15.22 -8.81
N GLU A 794 -36.20 14.05 -9.09
CA GLU A 794 -36.99 13.37 -8.08
C GLU A 794 -36.16 12.99 -6.86
N TRP A 795 -34.92 12.53 -7.10
CA TRP A 795 -34.02 12.19 -6.01
C TRP A 795 -33.71 13.42 -5.15
N VAL A 796 -33.48 14.57 -5.80
CA VAL A 796 -33.21 15.79 -5.05
C VAL A 796 -34.42 16.19 -4.22
N LYS A 797 -35.62 16.10 -4.80
CA LYS A 797 -36.83 16.41 -4.05
C LYS A 797 -36.96 15.49 -2.83
N GLU A 798 -36.72 14.19 -3.03
CA GLU A 798 -36.78 13.23 -1.93
C GLU A 798 -35.80 13.60 -0.82
N MET A 799 -34.57 13.93 -1.18
CA MET A 799 -33.55 14.26 -0.18
C MET A 799 -33.90 15.55 0.55
N VAL A 800 -34.48 16.53 -0.14
CA VAL A 800 -34.89 17.74 0.57
C VAL A 800 -36.06 17.44 1.50
N ALA A 801 -36.90 16.47 1.14
CA ALA A 801 -38.00 16.09 2.02
C ALA A 801 -37.49 15.48 3.31
N ASN A 802 -36.59 14.50 3.20
CA ASN A 802 -36.08 13.80 4.37
C ASN A 802 -34.77 14.41 4.86
N TRP A 803 -34.76 15.74 5.01
CA TRP A 803 -33.57 16.43 5.50
C TRP A 803 -33.17 15.95 6.89
N ASP A 804 -34.15 15.62 7.72
CA ASP A 804 -33.89 15.19 9.10
C ASP A 804 -33.63 13.70 9.21
N SER A 805 -33.90 12.92 8.16
CA SER A 805 -33.64 11.49 8.16
C SER A 805 -32.23 11.16 7.69
N LEU A 806 -31.31 12.11 7.77
CA LEU A 806 -29.93 11.93 7.31
C LEU A 806 -28.96 12.06 8.47
N ARG A 807 -27.95 11.19 8.46
CA ARG A 807 -26.92 11.20 9.49
C ARG A 807 -26.16 12.52 9.47
N SER A 808 -25.84 13.04 10.66
CA SER A 808 -25.15 14.32 10.79
C SER A 808 -24.03 14.20 11.82
N GLY A 809 -23.36 15.33 12.06
CA GLY A 809 -22.21 15.37 12.93
C GLY A 809 -20.91 15.40 12.14
N PRO A 810 -19.90 14.66 12.59
CA PRO A 810 -18.68 14.52 11.79
C PRO A 810 -18.76 13.34 10.82
N ALA A 811 -18.65 13.63 9.52
CA ALA A 811 -18.65 12.61 8.48
C ALA A 811 -17.28 11.94 8.46
N SER A 812 -17.16 10.84 9.22
CA SER A 812 -15.88 10.18 9.41
C SER A 812 -15.85 8.76 8.88
N THR A 813 -16.98 8.23 8.39
CA THR A 813 -16.99 6.85 7.94
C THR A 813 -16.14 6.69 6.69
N PHE A 814 -15.77 5.43 6.42
CA PHE A 814 -14.89 5.12 5.30
C PHE A 814 -15.48 5.61 3.98
N ASN A 815 -16.75 5.31 3.75
CA ASN A 815 -17.39 5.70 2.50
C ASN A 815 -17.57 7.21 2.40
N ASP A 816 -17.69 7.90 3.54
CA ASP A 816 -17.73 9.36 3.51
C ASP A 816 -16.45 9.95 2.94
N ARG A 817 -15.30 9.48 3.43
CA ARG A 817 -14.02 9.95 2.90
C ARG A 817 -13.86 9.55 1.43
N VAL A 818 -14.21 8.30 1.09
CA VAL A 818 -14.14 7.86 -0.30
C VAL A 818 -14.95 8.79 -1.19
N PHE A 819 -16.19 9.07 -0.81
CA PHE A 819 -17.07 9.86 -1.66
C PHE A 819 -16.62 11.31 -1.72
N ALA A 820 -16.08 11.85 -0.63
CA ALA A 820 -15.54 13.21 -0.66
C ALA A 820 -14.40 13.31 -1.68
N SER A 821 -13.48 12.34 -1.64
CA SER A 821 -12.35 12.38 -2.57
C SER A 821 -12.81 12.17 -4.01
N GLU A 822 -13.79 11.30 -4.23
CA GLU A 822 -14.29 11.10 -5.58
C GLU A 822 -14.98 12.35 -6.11
N LEU A 823 -15.73 13.04 -5.25
CA LEU A 823 -16.38 14.29 -5.63
C LEU A 823 -15.36 15.34 -6.02
N ASN A 824 -14.31 15.50 -5.21
CA ASN A 824 -13.29 16.50 -5.53
C ASN A 824 -12.54 16.14 -6.82
N ALA A 825 -12.21 14.86 -7.01
CA ALA A 825 -11.53 14.46 -8.24
C ALA A 825 -12.42 14.70 -9.45
N GLY A 826 -13.73 14.49 -9.31
CA GLY A 826 -14.65 14.83 -10.39
C GLY A 826 -14.67 16.31 -10.69
N ILE A 827 -14.64 17.14 -9.65
CA ILE A 827 -14.58 18.59 -9.87
C ILE A 827 -13.34 18.96 -10.67
N ILE A 828 -12.19 18.38 -10.30
CA ILE A 828 -10.95 18.72 -10.98
C ILE A 828 -10.96 18.25 -12.43
N LYS A 829 -11.37 16.99 -12.65
CA LYS A 829 -11.42 16.45 -14.00
C LYS A 829 -12.38 17.25 -14.88
N THR A 830 -13.53 17.64 -14.34
CA THR A 830 -14.52 18.35 -15.15
C THR A 830 -14.07 19.77 -15.45
N ASP A 831 -13.42 20.43 -14.47
CA ASP A 831 -12.81 21.73 -14.74
C ASP A 831 -11.81 21.63 -15.89
N GLN A 832 -10.93 20.63 -15.83
CA GLN A 832 -9.98 20.41 -16.91
C GLN A 832 -10.69 20.23 -18.25
N ASN A 833 -11.68 19.34 -18.30
CA ASN A 833 -12.34 19.04 -19.57
C ASN A 833 -13.08 20.26 -20.11
N TYR A 834 -13.57 21.13 -19.23
CA TYR A 834 -14.19 22.37 -19.70
C TYR A 834 -13.16 23.33 -20.27
N GLU A 835 -11.98 23.42 -19.64
CA GLU A 835 -10.93 24.29 -20.17
C GLU A 835 -10.55 23.92 -21.60
N LYS A 836 -10.58 22.62 -21.92
CA LYS A 836 -10.25 22.15 -23.26
C LYS A 836 -11.44 22.14 -24.21
N MET A 837 -12.59 22.65 -23.78
CA MET A 837 -13.84 22.63 -24.57
C MET A 837 -14.15 21.23 -25.10
N MET A 838 -13.80 20.21 -24.32
CA MET A 838 -14.15 18.83 -24.64
C MET A 838 -15.44 18.49 -23.88
N PHE A 839 -16.56 18.93 -24.45
CA PHE A 839 -17.82 18.91 -23.71
C PHE A 839 -18.36 17.50 -23.54
N LYS A 840 -18.01 16.59 -24.44
CA LYS A 840 -18.39 15.19 -24.24
C LYS A 840 -17.70 14.61 -23.01
N GLU A 841 -16.39 14.86 -22.88
CA GLU A 841 -15.67 14.39 -21.70
C GLU A 841 -16.13 15.11 -20.44
N ALA A 842 -16.46 16.40 -20.55
CA ALA A 842 -17.00 17.11 -19.41
C ALA A 842 -18.31 16.47 -18.94
N LEU A 843 -19.18 16.11 -19.87
CA LEU A 843 -20.42 15.43 -19.50
C LEU A 843 -20.12 14.06 -18.88
N LYS A 844 -19.11 13.37 -19.41
CA LYS A 844 -18.77 12.05 -18.88
C LYS A 844 -18.30 12.14 -17.43
N THR A 845 -17.34 13.03 -17.15
CA THR A 845 -16.73 13.11 -15.83
C THR A 845 -17.58 13.88 -14.82
N GLY A 846 -18.43 14.80 -15.28
CA GLY A 846 -19.20 15.65 -14.39
C GLY A 846 -20.68 15.32 -14.27
N PHE A 847 -21.13 14.20 -14.81
CA PHE A 847 -22.53 13.82 -14.66
C PHE A 847 -22.66 12.30 -14.53
N PHE A 848 -22.34 11.57 -15.60
CA PHE A 848 -22.49 10.12 -15.58
C PHE A 848 -21.62 9.48 -14.50
N GLU A 849 -20.35 9.85 -14.45
CA GLU A 849 -19.45 9.27 -13.45
C GLU A 849 -19.67 9.89 -12.07
N PHE A 850 -20.03 11.18 -12.01
CA PHE A 850 -20.50 11.78 -10.77
C PHE A 850 -21.65 10.98 -10.18
N GLN A 851 -22.66 10.71 -11.01
CA GLN A 851 -23.82 9.94 -10.55
C GLN A 851 -23.45 8.50 -10.22
N ALA A 852 -22.46 7.92 -10.92
CA ALA A 852 -22.03 6.57 -10.58
C ALA A 852 -21.38 6.52 -9.20
N ALA A 853 -20.55 7.53 -8.90
CA ALA A 853 -19.97 7.63 -7.56
C ALA A 853 -21.04 7.81 -6.50
N LYS A 854 -22.04 8.66 -6.78
CA LYS A 854 -23.11 8.86 -5.80
C LYS A 854 -23.92 7.58 -5.59
N ASP A 855 -24.19 6.83 -6.67
CA ASP A 855 -24.93 5.58 -6.53
C ASP A 855 -24.14 4.56 -5.72
N LYS A 856 -22.83 4.46 -5.96
CA LYS A 856 -22.00 3.58 -5.14
C LYS A 856 -22.00 4.02 -3.68
N TYR A 857 -21.97 5.33 -3.44
CA TYR A 857 -21.98 5.84 -2.07
C TYR A 857 -23.29 5.49 -1.37
N ARG A 858 -24.41 5.66 -2.05
CA ARG A 858 -25.70 5.29 -1.46
C ARG A 858 -25.78 3.79 -1.19
N GLU A 859 -25.28 2.98 -2.13
CA GLU A 859 -25.36 1.54 -1.98
C GLU A 859 -24.48 1.04 -0.84
N LEU A 860 -23.32 1.66 -0.63
CA LEU A 860 -22.37 1.19 0.37
C LEU A 860 -22.59 1.79 1.76
N ALA A 861 -23.34 2.89 1.87
CA ALA A 861 -23.55 3.55 3.15
C ALA A 861 -24.55 2.76 3.97
N VAL A 862 -24.06 1.79 4.73
CA VAL A 862 -24.94 0.96 5.55
C VAL A 862 -25.61 1.79 6.63
N GLU A 863 -24.88 2.76 7.20
CA GLU A 863 -25.42 3.63 8.22
C GLU A 863 -26.13 4.85 7.64
N GLY A 864 -26.53 4.80 6.37
CA GLY A 864 -27.19 5.92 5.75
C GLY A 864 -26.24 7.02 5.32
N MET A 865 -26.65 7.79 4.33
CA MET A 865 -25.79 8.83 3.77
C MET A 865 -25.71 10.03 4.70
N HIS A 866 -24.59 10.74 4.61
CA HIS A 866 -24.35 11.90 5.47
C HIS A 866 -25.03 13.14 4.91
N ARG A 867 -25.54 13.98 5.82
CA ARG A 867 -26.37 15.10 5.41
C ARG A 867 -25.56 16.15 4.64
N GLU A 868 -24.51 16.68 5.27
CA GLU A 868 -23.70 17.71 4.61
C GLU A 868 -23.05 17.18 3.34
N LEU A 869 -22.69 15.91 3.32
CA LEU A 869 -22.06 15.35 2.12
C LEU A 869 -23.04 15.28 0.97
N VAL A 870 -24.30 14.91 1.24
CA VAL A 870 -25.30 14.85 0.17
C VAL A 870 -25.68 16.25 -0.29
N PHE A 871 -25.79 17.18 0.65
CA PHE A 871 -26.04 18.57 0.26
C PHE A 871 -24.92 19.08 -0.65
N ARG A 872 -23.67 18.78 -0.30
CA ARG A 872 -22.55 19.21 -1.14
C ARG A 872 -22.59 18.52 -2.50
N PHE A 873 -22.91 17.23 -2.54
CA PHE A 873 -22.99 16.55 -3.83
C PHE A 873 -24.04 17.19 -4.72
N ILE A 874 -25.22 17.49 -4.16
CA ILE A 874 -26.28 18.08 -4.97
C ILE A 874 -25.86 19.46 -5.46
N GLU A 875 -25.35 20.29 -4.55
CA GLU A 875 -24.86 21.62 -4.93
C GLU A 875 -23.84 21.54 -6.06
N VAL A 876 -22.86 20.65 -5.93
CA VAL A 876 -21.75 20.60 -6.88
C VAL A 876 -22.19 19.98 -8.20
N GLN A 877 -23.00 18.92 -8.14
CA GLN A 877 -23.52 18.32 -9.37
C GLN A 877 -24.33 19.34 -10.15
N THR A 878 -25.13 20.15 -9.46
CA THR A 878 -25.89 21.19 -10.14
C THR A 878 -24.96 22.24 -10.73
N LEU A 879 -23.94 22.67 -9.97
CA LEU A 879 -23.01 23.65 -10.50
C LEU A 879 -22.20 23.12 -11.69
N LEU A 880 -22.00 21.81 -11.75
CA LEU A 880 -21.28 21.22 -12.87
C LEU A 880 -22.18 21.09 -14.09
N LEU A 881 -23.44 20.70 -13.87
CA LEU A 881 -24.38 20.52 -14.95
C LEU A 881 -24.93 21.83 -15.49
N ALA A 882 -24.75 22.94 -14.77
CA ALA A 882 -25.37 24.21 -15.17
C ALA A 882 -25.02 24.67 -16.58
N PRO A 883 -23.79 24.53 -17.09
CA PRO A 883 -23.55 24.92 -18.49
C PRO A 883 -24.32 24.09 -19.51
N PHE A 884 -24.62 22.83 -19.20
CA PHE A 884 -25.39 22.01 -20.14
C PHE A 884 -26.89 22.25 -19.99
N CYS A 885 -27.40 22.16 -18.77
CA CYS A 885 -28.83 22.26 -18.49
C CYS A 885 -29.04 23.40 -17.49
N PRO A 886 -29.02 24.65 -17.96
CA PRO A 886 -29.16 25.77 -17.03
C PRO A 886 -30.56 25.92 -16.45
N HIS A 887 -31.59 25.46 -17.16
CA HIS A 887 -32.95 25.56 -16.64
C HIS A 887 -33.15 24.62 -15.46
N LEU A 888 -32.83 23.33 -15.65
CA LEU A 888 -32.96 22.37 -14.57
C LEU A 888 -32.08 22.75 -13.39
N CYS A 889 -30.88 23.25 -13.66
CA CYS A 889 -29.97 23.61 -12.59
C CYS A 889 -30.46 24.83 -11.83
N GLU A 890 -31.05 25.81 -12.53
CA GLU A 890 -31.65 26.94 -11.83
C GLU A 890 -32.83 26.49 -10.97
N HIS A 891 -33.63 25.56 -11.48
CA HIS A 891 -34.77 25.07 -10.70
C HIS A 891 -34.31 24.35 -9.44
N ILE A 892 -33.31 23.48 -9.56
CA ILE A 892 -32.80 22.77 -8.40
C ILE A 892 -32.08 23.74 -7.46
N TRP A 893 -31.49 24.80 -8.00
CA TRP A 893 -30.86 25.82 -7.18
C TRP A 893 -31.89 26.51 -6.29
N THR A 894 -33.04 26.86 -6.86
CA THR A 894 -34.10 27.43 -6.03
C THR A 894 -34.73 26.39 -5.12
N LEU A 895 -34.69 25.10 -5.51
CA LEU A 895 -35.21 24.04 -4.66
C LEU A 895 -34.38 23.88 -3.39
N LEU A 896 -33.07 24.11 -3.47
CA LEU A 896 -32.22 24.01 -2.29
C LEU A 896 -32.37 25.18 -1.34
N GLY A 897 -33.21 26.16 -1.67
CA GLY A 897 -33.34 27.32 -0.83
C GLY A 897 -32.18 28.30 -0.94
N LYS A 898 -31.63 28.46 -2.15
CA LYS A 898 -30.55 29.41 -2.34
C LYS A 898 -31.11 30.84 -2.43
N PRO A 899 -30.35 31.81 -1.92
CA PRO A 899 -30.84 33.21 -1.96
C PRO A 899 -30.86 33.79 -3.36
N ASP A 900 -29.75 33.66 -4.10
CA ASP A 900 -29.64 34.24 -5.43
C ASP A 900 -29.78 33.16 -6.50
N SER A 901 -29.79 33.62 -7.76
CA SER A 901 -29.85 32.70 -8.88
C SER A 901 -28.53 31.95 -9.03
N ILE A 902 -28.60 30.80 -9.72
CA ILE A 902 -27.39 30.05 -10.05
C ILE A 902 -26.52 30.78 -11.07
N MET A 903 -27.06 31.81 -11.72
CA MET A 903 -26.29 32.60 -12.67
C MET A 903 -25.33 33.57 -11.99
N ASN A 904 -25.38 33.68 -10.66
CA ASN A 904 -24.39 34.43 -9.90
C ASN A 904 -23.42 33.54 -9.16
N ALA A 905 -23.57 32.22 -9.25
CA ALA A 905 -22.72 31.30 -8.51
C ALA A 905 -21.28 31.39 -9.01
N SER A 906 -20.40 30.70 -8.28
CA SER A 906 -19.00 30.58 -8.66
C SER A 906 -18.66 29.11 -8.83
N TRP A 907 -17.59 28.85 -9.57
CA TRP A 907 -17.17 27.49 -9.82
C TRP A 907 -16.82 26.82 -8.48
N PRO A 908 -17.31 25.61 -8.23
CA PRO A 908 -17.08 24.99 -6.91
C PRO A 908 -15.61 24.68 -6.68
N VAL A 909 -15.18 24.86 -5.43
CA VAL A 909 -13.81 24.64 -5.03
C VAL A 909 -13.64 23.18 -4.63
N ALA A 910 -12.75 22.47 -5.31
CA ALA A 910 -12.46 21.08 -4.97
C ALA A 910 -11.59 21.02 -3.72
N GLY A 911 -11.91 20.06 -2.85
CA GLY A 911 -11.12 19.80 -1.68
C GLY A 911 -9.97 18.87 -1.98
N PRO A 912 -9.41 18.25 -0.95
CA PRO A 912 -8.28 17.34 -1.17
C PRO A 912 -8.71 16.03 -1.79
N VAL A 913 -7.84 15.48 -2.63
CA VAL A 913 -8.09 14.21 -3.32
C VAL A 913 -7.04 13.21 -2.85
N ASN A 914 -7.51 12.07 -2.33
CA ASN A 914 -6.65 11.03 -1.77
C ASN A 914 -6.68 9.82 -2.70
N GLU A 915 -5.60 9.65 -3.47
CA GLU A 915 -5.53 8.54 -4.43
C GLU A 915 -5.66 7.19 -3.73
N VAL A 916 -5.14 7.07 -2.51
CA VAL A 916 -5.18 5.78 -1.80
C VAL A 916 -6.61 5.34 -1.59
N LEU A 917 -7.48 6.26 -1.16
CA LEU A 917 -8.89 5.92 -0.95
C LEU A 917 -9.56 5.47 -2.24
N ILE A 918 -9.32 6.18 -3.34
CA ILE A 918 -9.94 5.84 -4.61
C ILE A 918 -9.50 4.46 -5.07
N HIS A 919 -8.19 4.18 -4.96
CA HIS A 919 -7.69 2.87 -5.36
C HIS A 919 -8.28 1.76 -4.48
N SER A 920 -8.44 2.04 -3.18
CA SER A 920 -9.04 1.05 -2.30
C SER A 920 -10.51 0.80 -2.64
N SER A 921 -11.22 1.85 -3.03
CA SER A 921 -12.62 1.68 -3.40
C SER A 921 -12.76 0.88 -4.70
N GLN A 922 -11.87 1.13 -5.66
CA GLN A 922 -11.83 0.30 -6.86
C GLN A 922 -11.53 -1.16 -6.48
N TYR A 923 -10.61 -1.37 -5.54
CA TYR A 923 -10.32 -2.71 -5.05
C TYR A 923 -11.57 -3.37 -4.50
N LEU A 924 -12.34 -2.64 -3.69
CA LEU A 924 -13.55 -3.20 -3.09
C LEU A 924 -14.59 -3.53 -4.16
N MET A 925 -14.72 -2.66 -5.15
CA MET A 925 -15.61 -2.95 -6.28
C MET A 925 -15.23 -4.27 -6.94
N GLU A 926 -13.95 -4.44 -7.25
CA GLU A 926 -13.49 -5.67 -7.90
C GLU A 926 -13.76 -6.89 -7.02
N VAL A 927 -13.49 -6.77 -5.71
CA VAL A 927 -13.69 -7.90 -4.80
C VAL A 927 -15.17 -8.29 -4.76
N THR A 928 -16.05 -7.29 -4.69
CA THR A 928 -17.48 -7.58 -4.64
C THR A 928 -17.96 -8.22 -5.93
N HIS A 929 -17.46 -7.74 -7.07
CA HIS A 929 -17.80 -8.34 -8.36
C HIS A 929 -17.37 -9.80 -8.40
N ASP A 930 -16.14 -10.08 -7.95
CA ASP A 930 -15.65 -11.45 -7.92
C ASP A 930 -16.49 -12.33 -7.00
N LEU A 931 -16.87 -11.79 -5.84
CA LEU A 931 -17.68 -12.57 -4.90
C LEU A 931 -19.05 -12.90 -5.48
N ARG A 932 -19.70 -11.92 -6.12
CA ARG A 932 -21.00 -12.18 -6.71
C ARG A 932 -20.90 -13.18 -7.85
N LEU A 933 -19.81 -13.13 -8.62
CA LEU A 933 -19.63 -14.11 -9.69
C LEU A 933 -19.45 -15.51 -9.13
N ARG A 934 -18.68 -15.64 -8.03
CA ARG A 934 -18.50 -16.96 -7.42
C ARG A 934 -19.76 -17.45 -6.70
N LEU A 935 -20.64 -16.52 -6.31
CA LEU A 935 -21.92 -16.91 -5.71
C LEU A 935 -22.80 -17.68 -6.68
N LYS A 936 -22.51 -17.59 -7.98
CA LYS A 936 -23.36 -18.20 -9.01
C LYS A 936 -23.52 -19.70 -8.80
N ASN A 937 -22.46 -20.38 -8.37
CA ASN A 937 -22.51 -21.83 -8.22
C ASN A 937 -22.51 -22.24 -6.76
N TYR A 938 -21.56 -23.05 -6.36
CA TYR A 938 -21.54 -23.63 -5.02
C TYR A 938 -20.99 -22.65 -4.00
N LYS A 954 -27.28 -24.04 -1.18
CA LYS A 954 -27.56 -22.76 -0.53
C LYS A 954 -26.42 -22.30 0.39
N PRO A 955 -25.80 -21.17 0.05
CA PRO A 955 -24.69 -20.66 0.85
C PRO A 955 -25.19 -19.88 2.06
N SER A 956 -24.32 -19.74 3.05
CA SER A 956 -24.70 -19.08 4.29
C SER A 956 -23.50 -18.50 5.04
N HIS A 957 -22.32 -19.09 4.86
CA HIS A 957 -21.13 -18.64 5.57
C HIS A 957 -19.93 -18.64 4.63
N CYS A 958 -19.28 -17.50 4.49
CA CYS A 958 -18.13 -17.35 3.61
C CYS A 958 -16.89 -17.02 4.41
N THR A 959 -15.73 -17.42 3.89
CA THR A 959 -14.45 -17.11 4.50
C THR A 959 -13.52 -16.57 3.43
N ILE A 960 -12.98 -15.37 3.67
CA ILE A 960 -12.07 -14.69 2.76
C ILE A 960 -10.68 -14.69 3.37
N TYR A 961 -9.67 -14.95 2.54
CA TYR A 961 -8.28 -14.95 2.93
C TYR A 961 -7.53 -13.90 2.13
N VAL A 962 -6.75 -13.09 2.85
CA VAL A 962 -6.05 -11.92 2.34
C VAL A 962 -4.57 -12.08 2.61
N ALA A 963 -3.76 -11.99 1.56
CA ALA A 963 -2.31 -12.13 1.69
C ALA A 963 -1.67 -10.78 2.00
N LYS A 964 -0.80 -10.77 3.01
CA LYS A 964 -0.11 -9.54 3.36
C LYS A 964 1.10 -9.28 2.47
N ASN A 965 1.71 -10.35 1.95
CA ASN A 965 2.83 -10.23 1.03
C ASN A 965 2.71 -11.31 -0.04
N TYR A 966 3.40 -11.10 -1.15
CA TYR A 966 3.42 -12.09 -2.20
C TYR A 966 4.18 -13.33 -1.74
N PRO A 967 3.67 -14.53 -2.04
CA PRO A 967 4.43 -15.75 -1.75
C PRO A 967 5.78 -15.74 -2.43
N PRO A 968 6.70 -16.64 -2.03
CA PRO A 968 8.11 -16.49 -2.48
C PRO A 968 8.31 -16.48 -3.99
N TRP A 969 7.69 -17.41 -4.73
CA TRP A 969 7.92 -17.44 -6.18
C TRP A 969 7.35 -16.21 -6.86
N GLN A 970 6.12 -15.84 -6.50
CA GLN A 970 5.54 -14.61 -7.02
C GLN A 970 6.41 -13.41 -6.69
N HIS A 971 6.94 -13.36 -5.46
CA HIS A 971 7.78 -12.23 -5.06
C HIS A 971 9.05 -12.17 -5.89
N THR A 972 9.64 -13.33 -6.17
CA THR A 972 10.87 -13.35 -6.98
C THR A 972 10.60 -12.87 -8.39
N THR A 973 9.52 -13.39 -9.02
CA THR A 973 9.22 -12.95 -10.38
C THR A 973 8.89 -11.47 -10.43
N LEU A 974 8.17 -10.97 -9.41
CA LEU A 974 7.84 -9.55 -9.38
C LEU A 974 9.07 -8.69 -9.12
N SER A 975 10.04 -9.20 -8.36
CA SER A 975 11.29 -8.47 -8.17
C SER A 975 12.07 -8.40 -9.47
N VAL A 976 12.05 -9.47 -10.26
CA VAL A 976 12.70 -9.44 -11.57
C VAL A 976 12.04 -8.39 -12.46
N LEU A 977 10.69 -8.39 -12.47
CA LEU A 977 9.96 -7.38 -13.25
C LEU A 977 10.29 -5.98 -12.76
N ARG A 978 10.42 -5.79 -11.44
CA ARG A 978 10.76 -4.48 -10.90
C ARG A 978 12.16 -4.06 -11.33
N LYS A 979 13.11 -5.00 -11.33
CA LYS A 979 14.46 -4.70 -11.78
C LYS A 979 14.47 -4.25 -13.23
N HIS A 980 13.76 -4.98 -14.09
CA HIS A 980 13.75 -4.64 -15.51
C HIS A 980 13.00 -3.32 -15.75
N PHE A 981 11.93 -3.07 -15.00
CA PHE A 981 11.22 -1.79 -15.08
C PHE A 981 12.13 -0.64 -14.68
N GLU A 982 12.91 -0.83 -13.62
CA GLU A 982 13.86 0.18 -13.16
C GLU A 982 15.01 0.35 -14.13
N ALA A 983 15.31 -0.67 -14.93
CA ALA A 983 16.46 -0.60 -15.83
C ALA A 983 16.26 0.48 -16.89
N ASN A 984 15.20 0.38 -17.68
CA ASN A 984 15.06 1.20 -18.88
C ASN A 984 13.79 2.03 -18.92
N ASN A 985 13.57 2.86 -17.90
CA ASN A 985 12.50 3.87 -17.91
C ASN A 985 11.12 3.24 -18.07
N GLY A 986 10.95 2.05 -17.51
CA GLY A 986 9.63 1.46 -17.40
C GLY A 986 9.15 0.68 -18.61
N LYS A 987 10.03 -0.02 -19.31
CA LYS A 987 9.63 -0.91 -20.40
C LYS A 987 9.95 -2.34 -19.99
N LEU A 988 8.96 -3.21 -20.09
CA LEU A 988 9.17 -4.61 -19.74
C LEU A 988 9.53 -5.40 -20.98
N PRO A 989 10.59 -6.21 -20.93
CA PRO A 989 11.02 -6.96 -22.13
C PRO A 989 9.96 -7.92 -22.65
N ASP A 990 10.26 -8.55 -23.78
CA ASP A 990 9.36 -9.55 -24.35
C ASP A 990 9.30 -10.78 -23.45
N ASN A 991 8.13 -11.42 -23.42
CA ASN A 991 7.93 -12.58 -22.55
C ASN A 991 8.90 -13.71 -22.86
N LYS A 992 9.55 -13.69 -24.02
CA LYS A 992 10.57 -14.69 -24.33
C LYS A 992 11.80 -14.50 -23.46
N VAL A 993 12.32 -13.27 -23.40
CA VAL A 993 13.46 -12.97 -22.54
C VAL A 993 13.10 -13.20 -21.07
N ILE A 994 11.88 -12.82 -20.69
CA ILE A 994 11.42 -13.00 -19.31
C ILE A 994 11.39 -14.49 -18.96
N ALA A 995 10.80 -15.31 -19.84
CA ALA A 995 10.73 -16.74 -19.58
C ALA A 995 12.12 -17.36 -19.52
N SER A 996 13.05 -16.88 -20.35
CA SER A 996 14.42 -17.36 -20.28
C SER A 996 15.04 -17.05 -18.92
N GLU A 997 14.99 -15.78 -18.50
CA GLU A 997 15.60 -15.40 -17.23
C GLU A 997 14.96 -16.11 -16.05
N LEU A 998 13.66 -16.40 -16.12
CA LEU A 998 13.02 -17.09 -15.02
C LEU A 998 13.28 -18.59 -15.04
N GLY A 999 13.48 -19.17 -16.23
CA GLY A 999 13.89 -20.56 -16.29
C GLY A 999 15.35 -20.78 -15.91
N SER A 1000 16.14 -19.71 -15.88
CA SER A 1000 17.51 -19.85 -15.39
C SER A 1000 17.63 -19.76 -13.86
N MET A 1001 16.53 -19.51 -13.15
CA MET A 1001 16.58 -19.39 -11.69
C MET A 1001 16.17 -20.70 -11.04
N PRO A 1002 17.03 -21.30 -10.20
CA PRO A 1002 16.75 -22.67 -9.74
C PRO A 1002 15.55 -22.78 -8.82
N GLU A 1003 15.26 -21.75 -8.00
CA GLU A 1003 14.11 -21.82 -7.11
C GLU A 1003 12.82 -22.05 -7.88
N LEU A 1004 12.74 -21.55 -9.11
CA LEU A 1004 11.52 -21.62 -9.91
C LEU A 1004 11.54 -22.88 -10.77
N LYS A 1005 11.44 -24.02 -10.09
CA LYS A 1005 11.30 -25.31 -10.76
C LYS A 1005 9.86 -25.81 -10.72
N LYS A 1006 9.31 -25.96 -9.53
CA LYS A 1006 7.92 -26.38 -9.33
C LYS A 1006 6.90 -25.34 -9.80
N TYR A 1007 7.27 -24.22 -10.44
CA TYR A 1007 6.32 -23.14 -10.70
C TYR A 1007 6.41 -22.58 -12.11
N MET A 1008 7.20 -23.17 -12.99
CA MET A 1008 7.40 -22.58 -14.32
C MET A 1008 6.10 -22.49 -15.11
N LYS A 1009 5.16 -23.40 -14.86
CA LYS A 1009 3.86 -23.33 -15.53
C LYS A 1009 3.06 -22.14 -15.03
N LYS A 1010 3.07 -21.91 -13.71
CA LYS A 1010 2.33 -20.81 -13.10
C LYS A 1010 3.01 -19.46 -13.28
N VAL A 1011 4.25 -19.43 -13.78
CA VAL A 1011 5.01 -18.19 -13.82
C VAL A 1011 4.46 -17.25 -14.90
N MET A 1012 4.38 -17.72 -16.14
CA MET A 1012 4.04 -16.86 -17.27
C MET A 1012 2.64 -16.27 -17.19
N PRO A 1013 1.63 -17.00 -16.70
CA PRO A 1013 0.34 -16.35 -16.44
C PRO A 1013 0.44 -15.19 -15.46
N PHE A 1014 1.30 -15.30 -14.45
CA PHE A 1014 1.51 -14.20 -13.51
C PHE A 1014 2.07 -12.97 -14.23
N VAL A 1015 3.08 -13.19 -15.08
CA VAL A 1015 3.67 -12.09 -15.84
C VAL A 1015 2.64 -11.48 -16.79
N ALA A 1016 1.78 -12.31 -17.38
CA ALA A 1016 0.75 -11.81 -18.27
C ALA A 1016 -0.25 -10.93 -17.53
N MET A 1017 -0.72 -11.40 -16.38
CA MET A 1017 -1.63 -10.59 -15.56
C MET A 1017 -0.96 -9.29 -15.14
N ILE A 1018 0.33 -9.34 -14.78
CA ILE A 1018 1.03 -8.14 -14.35
C ILE A 1018 1.13 -7.14 -15.49
N LYS A 1019 1.43 -7.62 -16.70
CA LYS A 1019 1.51 -6.72 -17.85
C LYS A 1019 0.15 -6.12 -18.19
N GLU A 1020 -0.90 -6.95 -18.15
CA GLU A 1020 -2.25 -6.46 -18.39
C GLU A 1020 -2.62 -5.35 -17.42
N ASN A 1021 -2.39 -5.58 -16.12
CA ASN A 1021 -2.76 -4.58 -15.13
C ASN A 1021 -1.80 -3.40 -15.12
N LEU A 1022 -0.57 -3.57 -15.61
CA LEU A 1022 0.33 -2.44 -15.78
C LEU A 1022 -0.19 -1.51 -16.86
N GLU A 1023 -0.63 -2.08 -17.99
CA GLU A 1023 -1.24 -1.27 -19.03
C GLU A 1023 -2.55 -0.66 -18.57
N LYS A 1024 -3.29 -1.38 -17.74
CA LYS A 1024 -4.61 -0.92 -17.29
C LYS A 1024 -4.49 0.21 -16.27
N MET A 1025 -3.96 -0.09 -15.08
CA MET A 1025 -3.96 0.84 -13.97
C MET A 1025 -2.53 1.10 -13.50
N GLY A 1026 -1.74 1.75 -14.36
CA GLY A 1026 -0.48 2.35 -13.96
C GLY A 1026 0.58 1.37 -13.47
N PRO A 1027 1.70 1.92 -12.99
CA PRO A 1027 2.77 1.08 -12.44
C PRO A 1027 2.61 0.70 -10.98
N ARG A 1028 1.55 1.18 -10.31
CA ARG A 1028 1.36 0.85 -8.90
C ARG A 1028 1.13 -0.63 -8.67
N ILE A 1029 0.83 -1.41 -9.72
CA ILE A 1029 0.70 -2.85 -9.56
C ILE A 1029 2.05 -3.54 -9.43
N LEU A 1030 3.14 -2.82 -9.63
CA LEU A 1030 4.48 -3.33 -9.39
C LEU A 1030 4.91 -3.18 -7.93
N ASP A 1031 4.03 -2.69 -7.07
CA ASP A 1031 4.36 -2.57 -5.66
C ASP A 1031 4.38 -3.96 -5.01
N LEU A 1032 5.36 -4.17 -4.12
CA LEU A 1032 5.46 -5.44 -3.41
C LEU A 1032 4.44 -5.55 -2.28
N GLN A 1033 3.84 -4.42 -1.86
CA GLN A 1033 2.77 -4.42 -0.88
C GLN A 1033 1.76 -3.33 -1.25
N LEU A 1034 0.49 -3.61 -1.00
CA LEU A 1034 -0.55 -2.63 -1.29
C LEU A 1034 -0.36 -1.39 -0.43
N GLU A 1035 -0.71 -0.23 -0.99
CA GLU A 1035 -0.54 1.03 -0.28
C GLU A 1035 -1.53 1.22 0.86
N PHE A 1036 -2.53 0.36 0.98
CA PHE A 1036 -3.58 0.49 1.98
C PHE A 1036 -3.78 -0.84 2.70
N ASP A 1037 -4.52 -0.78 3.80
CA ASP A 1037 -4.81 -1.96 4.61
C ASP A 1037 -5.93 -2.76 3.94
N GLU A 1038 -5.61 -3.97 3.51
CA GLU A 1038 -6.58 -4.78 2.78
C GLU A 1038 -7.65 -5.35 3.71
N LYS A 1039 -7.22 -6.00 4.80
CA LYS A 1039 -8.16 -6.58 5.74
C LYS A 1039 -9.05 -5.50 6.35
N ALA A 1040 -8.48 -4.34 6.68
CA ALA A 1040 -9.29 -3.26 7.25
C ALA A 1040 -10.32 -2.76 6.26
N VAL A 1041 -9.95 -2.67 4.98
CA VAL A 1041 -10.90 -2.26 3.95
C VAL A 1041 -12.06 -3.24 3.89
N LEU A 1042 -11.77 -4.53 3.92
CA LEU A 1042 -12.85 -5.51 3.91
C LEU A 1042 -13.71 -5.42 5.17
N MET A 1043 -13.10 -5.13 6.31
CA MET A 1043 -13.84 -5.07 7.57
C MET A 1043 -14.74 -3.83 7.64
N GLU A 1044 -14.35 -2.75 6.98
CA GLU A 1044 -15.19 -1.56 6.97
C GLU A 1044 -16.50 -1.77 6.23
N ASN A 1045 -16.62 -2.84 5.44
CA ASN A 1045 -17.82 -3.08 4.63
C ASN A 1045 -18.28 -4.53 4.70
N ILE A 1046 -17.80 -5.29 5.69
CA ILE A 1046 -18.32 -6.64 5.94
C ILE A 1046 -19.85 -6.64 5.98
N VAL A 1047 -20.45 -5.61 6.58
CA VAL A 1047 -21.90 -5.58 6.70
C VAL A 1047 -22.55 -5.55 5.33
N TYR A 1048 -22.12 -4.61 4.48
CA TYR A 1048 -22.68 -4.54 3.13
C TYR A 1048 -22.41 -5.81 2.35
N LEU A 1049 -21.20 -6.37 2.47
CA LEU A 1049 -20.88 -7.59 1.73
C LEU A 1049 -21.81 -8.72 2.14
N THR A 1050 -22.06 -8.88 3.44
CA THR A 1050 -22.94 -9.93 3.92
C THR A 1050 -24.37 -9.70 3.43
N ASN A 1051 -24.81 -8.44 3.40
CA ASN A 1051 -26.19 -8.16 2.98
C ASN A 1051 -26.39 -8.42 1.50
N SER A 1052 -25.52 -7.86 0.65
CA SER A 1052 -25.72 -7.97 -0.80
C SER A 1052 -25.48 -9.38 -1.33
N LEU A 1053 -24.73 -10.20 -0.60
CA LEU A 1053 -24.47 -11.58 -1.02
C LEU A 1053 -25.51 -12.55 -0.50
N GLU A 1054 -26.44 -12.09 0.34
CA GLU A 1054 -27.47 -12.94 0.95
C GLU A 1054 -26.82 -14.08 1.73
N LEU A 1055 -25.95 -13.71 2.67
CA LEU A 1055 -25.25 -14.65 3.53
C LEU A 1055 -25.49 -14.30 4.99
N GLU A 1056 -25.04 -15.18 5.87
CA GLU A 1056 -25.21 -14.97 7.30
C GLU A 1056 -23.93 -14.49 7.98
N HIS A 1057 -22.76 -14.90 7.50
CA HIS A 1057 -21.53 -14.42 8.10
C HIS A 1057 -20.38 -14.51 7.11
N ILE A 1058 -19.43 -13.59 7.29
CA ILE A 1058 -18.21 -13.51 6.48
C ILE A 1058 -17.03 -13.42 7.44
N GLU A 1059 -16.09 -14.35 7.31
CA GLU A 1059 -14.92 -14.43 8.17
C GLU A 1059 -13.68 -14.01 7.38
N VAL A 1060 -13.10 -12.89 7.76
CA VAL A 1060 -11.92 -12.35 7.08
C VAL A 1060 -10.70 -12.76 7.88
N LYS A 1061 -9.79 -13.50 7.24
CA LYS A 1061 -8.60 -14.02 7.91
C LYS A 1061 -7.35 -13.71 7.09
N PHE A 1062 -6.20 -13.90 7.73
CA PHE A 1062 -4.92 -13.40 7.23
C PHE A 1062 -4.13 -14.44 6.44
N ALA A 1063 -4.81 -15.31 5.70
CA ALA A 1063 -4.19 -16.22 4.73
C ALA A 1063 -3.22 -17.22 5.36
N SER A 1064 -2.45 -16.80 6.36
CA SER A 1064 -1.54 -17.73 7.03
C SER A 1064 -2.30 -18.83 7.74
N GLU A 1065 -3.54 -18.57 8.13
CA GLU A 1065 -4.37 -19.55 8.82
C GLU A 1065 -4.96 -20.58 7.88
N ALA A 1066 -5.07 -20.27 6.59
CA ALA A 1066 -5.74 -21.15 5.64
C ALA A 1066 -4.90 -22.41 5.39
N GLU A 1067 -5.42 -23.27 4.51
CA GLU A 1067 -4.74 -24.52 4.17
C GLU A 1067 -3.64 -24.25 3.16
N ASP A 1068 -3.15 -25.31 2.52
CA ASP A 1068 -1.96 -25.19 1.67
C ASP A 1068 -2.28 -24.49 0.36
N LYS A 1069 -3.36 -24.93 -0.32
CA LYS A 1069 -3.69 -24.38 -1.63
C LYS A 1069 -3.89 -22.87 -1.57
N ILE A 1070 -4.70 -22.42 -0.62
CA ILE A 1070 -5.03 -21.00 -0.55
C ILE A 1070 -3.81 -20.18 -0.10
N ARG A 1071 -3.14 -20.64 0.96
CA ARG A 1071 -1.96 -19.91 1.44
C ARG A 1071 -0.88 -19.82 0.37
N GLU A 1072 -0.81 -20.81 -0.53
CA GLU A 1072 0.20 -20.77 -1.59
C GLU A 1072 -0.23 -19.96 -2.80
N ASP A 1073 -1.53 -19.93 -3.12
CA ASP A 1073 -1.99 -19.23 -4.30
C ASP A 1073 -2.53 -17.83 -4.02
N CYS A 1074 -2.69 -17.44 -2.76
CA CYS A 1074 -3.22 -16.12 -2.46
C CYS A 1074 -2.13 -15.07 -2.55
N CYS A 1075 -2.48 -13.93 -3.13
CA CYS A 1075 -1.57 -12.80 -3.31
C CYS A 1075 -2.31 -11.53 -2.95
N PRO A 1076 -1.59 -10.50 -2.48
CA PRO A 1076 -2.27 -9.26 -2.08
C PRO A 1076 -2.98 -8.61 -3.26
N GLY A 1077 -4.17 -8.08 -3.00
CA GLY A 1077 -4.99 -7.50 -4.03
C GLY A 1077 -5.92 -8.48 -4.71
N LYS A 1078 -5.61 -9.78 -4.67
CA LYS A 1078 -6.45 -10.84 -5.23
C LYS A 1078 -6.80 -11.83 -4.12
N PRO A 1079 -7.59 -11.39 -3.14
CA PRO A 1079 -7.91 -12.28 -2.01
C PRO A 1079 -8.82 -13.42 -2.46
N LEU A 1080 -8.65 -14.58 -1.84
CA LEU A 1080 -9.43 -15.74 -2.20
C LEU A 1080 -10.56 -15.95 -1.19
N ASN A 1081 -11.52 -16.79 -1.56
CA ASN A 1081 -12.70 -16.98 -0.73
C ASN A 1081 -13.26 -18.38 -0.94
N VAL A 1082 -13.97 -18.87 0.09
CA VAL A 1082 -14.54 -20.21 0.07
C VAL A 1082 -15.78 -20.24 0.94
N PHE A 1083 -16.80 -20.96 0.47
CA PHE A 1083 -18.08 -21.01 1.15
C PHE A 1083 -18.30 -22.37 1.80
N THR B 29 46.69 -9.11 26.44
CA THR B 29 45.50 -8.45 26.96
C THR B 29 45.20 -7.16 26.21
N ALA B 30 45.74 -7.02 25.00
CA ALA B 30 45.62 -5.77 24.26
C ALA B 30 44.21 -5.57 23.73
N LYS B 31 43.63 -6.61 23.13
CA LYS B 31 42.29 -6.51 22.57
C LYS B 31 41.25 -6.22 23.64
N VAL B 32 41.34 -6.91 24.78
CA VAL B 32 40.43 -6.66 25.89
C VAL B 32 40.57 -5.22 26.36
N ASP B 33 41.80 -4.69 26.40
CA ASP B 33 42.00 -3.34 26.92
C ASP B 33 41.44 -2.29 25.95
N PHE B 34 41.57 -2.51 24.65
CA PHE B 34 40.94 -1.60 23.71
C PHE B 34 39.43 -1.65 23.82
N LEU B 35 38.87 -2.85 24.00
CA LEU B 35 37.44 -2.98 24.25
C LEU B 35 37.05 -2.17 25.49
N LYS B 36 37.83 -2.27 26.56
CA LYS B 36 37.51 -1.55 27.79
C LYS B 36 37.59 -0.03 27.60
N LYS B 37 38.54 0.42 26.78
CA LYS B 37 38.63 1.85 26.50
C LYS B 37 37.40 2.35 25.74
N ILE B 38 37.02 1.61 24.69
CA ILE B 38 35.77 1.89 23.98
C ILE B 38 34.61 1.99 24.97
N GLU B 39 34.56 1.03 25.88
CA GLU B 39 33.44 0.94 26.81
C GLU B 39 33.38 2.17 27.71
N LYS B 40 34.53 2.58 28.26
CA LYS B 40 34.54 3.76 29.12
C LYS B 40 34.11 5.01 28.34
N GLU B 41 34.61 5.16 27.11
CA GLU B 41 34.22 6.32 26.30
C GLU B 41 32.71 6.36 26.09
N ILE B 42 32.15 5.24 25.63
CA ILE B 42 30.73 5.21 25.26
C ILE B 42 29.86 5.33 26.49
N GLN B 43 30.28 4.78 27.63
CA GLN B 43 29.51 4.96 28.86
C GLN B 43 29.51 6.41 29.30
N GLN B 44 30.64 7.11 29.19
CA GLN B 44 30.62 8.53 29.51
C GLN B 44 29.68 9.30 28.59
N LYS B 45 29.66 8.94 27.30
CA LYS B 45 28.76 9.62 26.38
C LYS B 45 27.30 9.37 26.76
N TRP B 46 26.95 8.12 27.07
CA TRP B 46 25.59 7.81 27.52
C TRP B 46 25.23 8.58 28.78
N ASP B 47 26.14 8.57 29.76
CA ASP B 47 25.94 9.33 31.00
C ASP B 47 25.63 10.79 30.70
N THR B 48 26.39 11.41 29.81
CA THR B 48 26.16 12.81 29.49
C THR B 48 24.83 13.02 28.78
N GLU B 49 24.54 12.19 27.77
CA GLU B 49 23.31 12.33 27.01
C GLU B 49 22.06 11.99 27.81
N ARG B 50 22.21 11.38 28.99
CA ARG B 50 21.09 10.96 29.83
C ARG B 50 20.17 10.00 29.05
N VAL B 51 20.78 9.02 28.40
CA VAL B 51 20.04 8.14 27.50
C VAL B 51 19.02 7.32 28.27
N PHE B 52 19.43 6.72 29.39
CA PHE B 52 18.61 5.75 30.09
C PHE B 52 17.82 6.36 31.25
N GLU B 53 17.76 7.68 31.34
CA GLU B 53 16.88 8.34 32.27
C GLU B 53 15.52 8.52 31.62
N VAL B 54 14.46 8.21 32.37
CA VAL B 54 13.11 8.28 31.86
C VAL B 54 12.25 9.05 32.83
N ASN B 55 11.26 9.77 32.30
CA ASN B 55 10.34 10.58 33.09
C ASN B 55 8.93 10.39 32.56
N ALA B 56 7.97 10.22 33.47
CA ALA B 56 6.59 10.03 33.07
C ALA B 56 5.95 11.30 32.52
N SER B 57 6.48 12.48 32.86
CA SER B 57 5.84 13.73 32.48
C SER B 57 5.79 13.92 30.96
N ASN B 58 6.84 13.48 30.25
CA ASN B 58 6.87 13.57 28.79
C ASN B 58 6.55 12.25 28.11
N LEU B 59 6.93 11.12 28.71
CA LEU B 59 6.60 9.82 28.12
C LEU B 59 5.10 9.57 28.15
N GLU B 60 4.39 10.09 29.15
CA GLU B 60 2.94 9.89 29.20
C GLU B 60 2.24 10.58 28.04
N LYS B 61 2.86 11.60 27.45
CA LYS B 61 2.33 12.28 26.28
C LYS B 61 2.81 11.65 24.98
N GLN B 62 4.10 11.35 24.89
CA GLN B 62 4.67 10.94 23.60
C GLN B 62 4.40 9.48 23.26
N THR B 63 4.22 8.61 24.26
CA THR B 63 4.26 7.18 24.01
C THR B 63 3.13 6.74 23.09
N SER B 64 3.45 5.81 22.20
CA SER B 64 2.44 5.15 21.38
C SER B 64 2.71 3.67 21.22
N LYS B 65 3.70 3.12 21.94
CA LYS B 65 4.07 1.71 21.83
C LYS B 65 3.98 0.97 23.16
N GLY B 66 3.69 1.66 24.26
CA GLY B 66 3.59 1.02 25.56
C GLY B 66 4.87 1.20 26.37
N LYS B 67 4.84 0.60 27.56
CA LYS B 67 5.94 0.71 28.51
C LYS B 67 6.47 -0.69 28.86
N TYR B 68 7.72 -0.74 29.31
CA TYR B 68 8.32 -1.98 29.77
C TYR B 68 9.10 -1.71 31.05
N PHE B 69 8.66 -2.31 32.15
CA PHE B 69 9.25 -2.10 33.47
C PHE B 69 9.81 -3.42 33.95
N VAL B 70 11.12 -3.47 34.18
CA VAL B 70 11.77 -4.70 34.64
C VAL B 70 12.48 -4.43 35.95
N THR B 71 12.68 -5.50 36.72
CA THR B 71 13.36 -5.41 38.01
C THR B 71 14.24 -6.63 38.21
N PHE B 72 15.39 -6.41 38.85
CA PHE B 72 16.26 -7.44 39.36
C PHE B 72 16.26 -7.38 40.89
N PRO B 73 15.95 -8.49 41.57
CA PRO B 73 15.81 -8.46 43.04
C PRO B 73 17.07 -7.90 43.67
N TYR B 74 16.92 -6.80 44.40
CA TYR B 74 18.10 -6.02 44.76
C TYR B 74 19.01 -6.84 45.68
N PRO B 75 20.32 -6.77 45.48
CA PRO B 75 21.23 -7.72 46.12
C PRO B 75 21.74 -7.25 47.48
N TYR B 76 22.12 -8.23 48.29
CA TYR B 76 22.66 -7.95 49.61
C TYR B 76 24.03 -7.29 49.50
N MET B 77 24.24 -6.28 50.34
CA MET B 77 25.46 -5.48 50.31
C MET B 77 26.47 -5.92 51.36
N ASN B 78 26.59 -7.22 51.60
CA ASN B 78 27.64 -7.73 52.48
C ASN B 78 28.85 -8.18 51.69
N GLY B 79 29.15 -7.50 50.60
CA GLY B 79 30.28 -7.86 49.77
C GLY B 79 30.14 -7.28 48.38
N ARG B 80 31.12 -7.62 47.54
CA ARG B 80 31.14 -7.19 46.15
C ARG B 80 30.25 -8.08 45.30
N LEU B 81 29.60 -7.48 44.31
CA LEU B 81 28.80 -8.26 43.37
C LEU B 81 29.69 -9.22 42.62
N HIS B 82 29.21 -10.45 42.43
CA HIS B 82 29.97 -11.48 41.74
C HIS B 82 29.24 -11.92 40.48
N LEU B 83 29.70 -13.02 39.88
CA LEU B 83 29.25 -13.40 38.54
C LEU B 83 27.85 -14.01 38.53
N GLY B 84 27.38 -14.56 39.65
CA GLY B 84 26.03 -15.11 39.68
C GLY B 84 24.97 -14.02 39.61
N HIS B 85 25.12 -12.99 40.44
CA HIS B 85 24.30 -11.80 40.31
C HIS B 85 24.31 -11.30 38.87
N THR B 86 25.47 -11.33 38.21
CA THR B 86 25.58 -10.80 36.86
C THR B 86 24.80 -11.66 35.87
N PHE B 87 24.92 -12.98 36.00
CA PHE B 87 24.17 -13.86 35.10
C PHE B 87 22.68 -13.67 35.27
N SER B 88 22.21 -13.49 36.51
CA SER B 88 20.77 -13.35 36.71
C SER B 88 20.26 -11.99 36.24
N LEU B 89 21.00 -10.91 36.50
CA LEU B 89 20.52 -9.60 36.06
C LEU B 89 20.66 -9.43 34.54
N SER B 90 21.54 -10.20 33.91
CA SER B 90 21.65 -10.11 32.46
C SER B 90 20.34 -10.42 31.76
N LYS B 91 19.45 -11.18 32.42
CA LYS B 91 18.18 -11.51 31.78
C LYS B 91 17.33 -10.25 31.54
N CYS B 92 17.13 -9.44 32.57
CA CYS B 92 16.37 -8.21 32.34
C CYS B 92 17.19 -7.14 31.64
N GLU B 93 18.52 -7.20 31.73
CA GLU B 93 19.34 -6.28 30.92
C GLU B 93 19.16 -6.53 29.43
N PHE B 94 19.31 -7.79 29.01
CA PHE B 94 19.08 -8.13 27.61
C PHE B 94 17.62 -7.88 27.23
N ALA B 95 16.70 -8.12 28.15
CA ALA B 95 15.28 -7.91 27.86
C ALA B 95 14.99 -6.45 27.54
N VAL B 96 15.50 -5.53 28.35
CA VAL B 96 15.25 -4.11 28.05
C VAL B 96 16.00 -3.69 26.79
N GLY B 97 17.21 -4.20 26.59
CA GLY B 97 17.94 -3.88 25.38
C GLY B 97 17.20 -4.27 24.11
N TYR B 98 16.50 -5.41 24.16
CA TYR B 98 15.70 -5.84 23.01
C TYR B 98 14.38 -5.07 22.94
N GLN B 99 13.74 -4.83 24.09
CA GLN B 99 12.42 -4.23 24.05
C GLN B 99 12.47 -2.77 23.61
N ARG B 100 13.59 -2.09 23.84
CA ARG B 100 13.66 -0.72 23.36
C ARG B 100 13.74 -0.67 21.84
N LEU B 101 14.33 -1.69 21.22
CA LEU B 101 14.31 -1.77 19.76
C LEU B 101 12.92 -2.10 19.23
N LYS B 102 12.03 -2.63 20.07
CA LYS B 102 10.66 -2.89 19.70
C LYS B 102 9.76 -1.67 19.89
N GLY B 103 10.33 -0.53 20.28
CA GLY B 103 9.59 0.70 20.42
C GLY B 103 9.18 1.04 21.84
N LYS B 104 9.15 0.06 22.74
CA LYS B 104 8.70 0.31 24.10
C LYS B 104 9.71 1.17 24.86
N CYS B 105 9.19 2.05 25.71
CA CYS B 105 10.01 2.87 26.60
C CYS B 105 10.24 2.12 27.91
N CYS B 106 11.51 2.01 28.32
CA CYS B 106 11.92 1.02 29.31
C CYS B 106 12.33 1.70 30.61
N LEU B 107 12.04 1.02 31.72
CA LEU B 107 12.45 1.42 33.05
C LEU B 107 13.13 0.22 33.68
N PHE B 108 14.43 0.34 33.94
CA PHE B 108 15.26 -0.70 34.56
C PHE B 108 15.98 -0.08 35.75
N PRO B 109 15.39 -0.13 36.93
CA PRO B 109 16.00 0.45 38.12
C PRO B 109 16.83 -0.58 38.88
N PHE B 110 17.57 -0.10 39.87
CA PHE B 110 18.49 -0.95 40.62
C PHE B 110 18.71 -0.39 42.01
N GLY B 111 18.26 -1.13 43.03
CA GLY B 111 18.46 -0.78 44.41
C GLY B 111 19.42 -1.74 45.11
N LEU B 112 19.57 -1.51 46.42
CA LEU B 112 20.55 -2.24 47.20
C LEU B 112 19.95 -2.58 48.57
N HIS B 113 19.95 -3.86 48.91
CA HIS B 113 19.28 -4.38 50.10
C HIS B 113 20.28 -4.53 51.24
N CYS B 114 20.13 -3.70 52.28
CA CYS B 114 21.02 -3.75 53.44
C CYS B 114 20.33 -4.33 54.67
N THR B 115 19.05 -4.70 54.57
CA THR B 115 18.33 -5.30 55.68
C THR B 115 18.83 -6.72 55.96
N GLY B 116 18.85 -7.09 57.23
CA GLY B 116 19.17 -8.43 57.64
C GLY B 116 20.28 -8.44 58.67
N MET B 117 20.77 -9.63 58.96
CA MET B 117 21.74 -9.85 60.01
C MET B 117 23.21 -9.98 59.58
N PRO B 118 23.53 -10.36 58.32
CA PRO B 118 24.95 -10.59 58.01
C PRO B 118 25.87 -9.43 58.33
N ILE B 119 25.49 -8.21 57.95
CA ILE B 119 26.39 -7.07 58.12
C ILE B 119 26.62 -6.78 59.60
N LYS B 120 25.54 -6.74 60.39
CA LYS B 120 25.67 -6.52 61.82
C LYS B 120 26.51 -7.63 62.47
N ALA B 121 26.20 -8.88 62.12
CA ALA B 121 26.92 -10.02 62.68
C ALA B 121 28.41 -9.91 62.42
N CYS B 122 28.79 -9.62 61.17
CA CYS B 122 30.21 -9.61 60.82
C CYS B 122 30.92 -8.39 61.41
N ALA B 123 30.26 -7.24 61.45
CA ALA B 123 30.87 -6.07 62.09
C ALA B 123 31.16 -6.35 63.57
N ASP B 124 30.19 -6.93 64.28
CA ASP B 124 30.39 -7.22 65.69
C ASP B 124 31.40 -8.36 65.89
N LYS B 125 31.42 -9.33 64.99
CA LYS B 125 32.40 -10.41 65.06
C LYS B 125 33.82 -9.86 64.92
N LEU B 126 34.01 -8.95 63.96
CA LEU B 126 35.32 -8.30 63.81
C LEU B 126 35.66 -7.47 65.04
N LYS B 127 34.68 -6.75 65.58
CA LYS B 127 34.94 -5.94 66.78
C LYS B 127 35.37 -6.82 67.96
N ARG B 128 34.73 -7.97 68.13
CA ARG B 128 35.08 -8.88 69.22
C ARG B 128 36.46 -9.48 69.01
N GLU B 129 36.78 -9.90 67.79
CA GLU B 129 38.12 -10.39 67.50
C GLU B 129 39.17 -9.34 67.82
N ILE B 130 38.90 -8.08 67.49
CA ILE B 130 39.89 -7.02 67.72
C ILE B 130 40.01 -6.71 69.21
N GLU B 131 38.89 -6.74 69.95
CA GLU B 131 38.96 -6.51 71.39
C GLU B 131 39.68 -7.65 72.10
N LEU B 132 39.57 -8.88 71.61
CA LEU B 132 40.14 -10.02 72.31
C LEU B 132 41.59 -10.30 71.93
N TYR B 133 42.00 -10.01 70.70
CA TYR B 133 43.33 -10.40 70.23
C TYR B 133 44.12 -9.24 69.64
N GLY B 134 43.79 -8.00 69.99
CA GLY B 134 44.58 -6.87 69.57
C GLY B 134 44.35 -6.48 68.12
N CYS B 135 45.14 -5.50 67.68
CA CYS B 135 45.01 -4.91 66.35
C CYS B 135 46.38 -4.71 65.72
N PRO B 136 46.78 -5.54 64.74
CA PRO B 136 46.06 -6.67 64.14
C PRO B 136 45.94 -7.87 65.09
N PRO B 137 45.04 -8.80 64.80
CA PRO B 137 44.83 -9.93 65.72
C PRO B 137 45.92 -10.99 65.60
N ASP B 138 46.27 -11.57 66.75
CA ASP B 138 47.25 -12.64 66.85
C ASP B 138 46.53 -13.97 66.99
N PHE B 139 46.93 -14.94 66.18
CA PHE B 139 46.24 -16.22 66.08
C PHE B 139 47.23 -17.37 66.23
N PRO B 140 46.76 -18.55 66.67
CA PRO B 140 45.39 -18.82 67.10
C PRO B 140 45.14 -18.45 68.56
N LYS B 177 37.42 -18.51 57.59
CA LYS B 177 37.83 -18.64 58.98
C LYS B 177 37.47 -17.38 59.75
N TYR B 178 38.47 -16.75 60.36
CA TYR B 178 38.25 -15.48 61.05
C TYR B 178 37.77 -14.42 60.06
N GLN B 179 37.08 -13.41 60.58
CA GLN B 179 36.54 -12.37 59.72
C GLN B 179 37.64 -11.45 59.20
N TRP B 180 38.65 -11.19 60.02
CA TRP B 180 39.79 -10.39 59.59
C TRP B 180 40.46 -11.02 58.36
N GLY B 181 40.53 -12.35 58.31
CA GLY B 181 41.11 -13.00 57.15
C GLY B 181 40.32 -12.76 55.88
N ILE B 182 38.99 -12.78 55.99
CA ILE B 182 38.15 -12.56 54.81
C ILE B 182 38.23 -11.11 54.35
N MET B 183 38.24 -10.16 55.30
CA MET B 183 38.37 -8.76 54.91
C MET B 183 39.75 -8.47 54.33
N LYS B 184 40.79 -9.18 54.80
CA LYS B 184 42.11 -9.04 54.19
C LYS B 184 42.12 -9.63 52.79
N SER B 185 41.42 -10.76 52.61
CA SER B 185 41.39 -11.41 51.30
C SER B 185 40.81 -10.51 50.22
N LEU B 186 40.03 -9.50 50.60
CA LEU B 186 39.48 -8.55 49.64
C LEU B 186 40.44 -7.40 49.32
N GLY B 187 41.73 -7.55 49.63
CA GLY B 187 42.71 -6.53 49.28
C GLY B 187 42.78 -5.36 50.23
N LEU B 188 42.30 -5.51 51.45
CA LEU B 188 42.25 -4.40 52.39
C LEU B 188 43.48 -4.40 53.30
N SER B 189 43.91 -3.19 53.67
CA SER B 189 45.00 -3.02 54.61
C SER B 189 44.48 -3.11 56.04
N ASP B 190 45.41 -3.34 56.98
CA ASP B 190 45.04 -3.42 58.38
C ASP B 190 44.36 -2.13 58.86
N GLU B 191 44.73 -0.99 58.27
CA GLU B 191 44.22 0.29 58.74
C GLU B 191 42.75 0.48 58.40
N GLU B 192 42.30 -0.05 57.26
CA GLU B 192 40.92 0.13 56.83
C GLU B 192 40.00 -1.02 57.25
N ILE B 193 40.57 -2.17 57.64
CA ILE B 193 39.73 -3.26 58.11
C ILE B 193 39.08 -2.91 59.45
N VAL B 194 39.77 -2.16 60.30
CA VAL B 194 39.21 -1.83 61.60
C VAL B 194 37.99 -0.94 61.45
N LYS B 195 37.92 -0.16 60.37
CA LYS B 195 36.73 0.66 60.11
C LYS B 195 35.48 -0.20 60.03
N PHE B 196 35.61 -1.44 59.59
CA PHE B 196 34.48 -2.36 59.42
C PHE B 196 34.02 -2.98 60.72
N SER B 197 34.45 -2.44 61.87
CA SER B 197 33.89 -2.84 63.15
C SER B 197 32.52 -2.24 63.41
N GLU B 198 32.07 -1.33 62.55
CA GLU B 198 30.74 -0.76 62.60
C GLU B 198 30.00 -1.07 61.30
N ALA B 199 28.74 -1.50 61.41
CA ALA B 199 27.99 -1.85 60.22
C ALA B 199 27.77 -0.63 59.33
N GLU B 200 27.73 0.57 59.92
CA GLU B 200 27.53 1.77 59.14
C GLU B 200 28.63 1.94 58.11
N HIS B 201 29.85 1.48 58.41
CA HIS B 201 30.91 1.56 57.42
C HIS B 201 30.67 0.59 56.26
N TRP B 202 30.13 -0.59 56.54
CA TRP B 202 29.71 -1.48 55.45
C TRP B 202 28.72 -0.77 54.54
N LEU B 203 27.69 -0.15 55.14
CA LEU B 203 26.69 0.57 54.37
C LEU B 203 27.26 1.78 53.64
N ASP B 204 28.41 2.29 54.08
CA ASP B 204 29.06 3.38 53.37
C ASP B 204 29.98 2.91 52.26
N TYR B 205 30.54 1.70 52.40
CA TYR B 205 31.59 1.20 51.53
C TYR B 205 31.04 0.40 50.36
N PHE B 206 30.21 -0.60 50.63
CA PHE B 206 29.83 -1.56 49.59
C PHE B 206 28.87 -0.99 48.54
N PRO B 207 27.81 -0.28 48.91
CA PRO B 207 26.83 0.20 47.91
C PRO B 207 27.45 1.00 46.78
N PRO B 208 28.33 1.98 47.06
CA PRO B 208 28.91 2.72 45.94
C PRO B 208 29.79 1.87 45.05
N LEU B 209 30.50 0.88 45.62
CA LEU B 209 31.28 -0.03 44.79
C LEU B 209 30.37 -0.86 43.89
N ALA B 210 29.20 -1.24 44.39
CA ALA B 210 28.24 -1.95 43.56
C ALA B 210 27.79 -1.09 42.39
N ILE B 211 27.44 0.17 42.69
CA ILE B 211 27.04 1.09 41.61
C ILE B 211 28.16 1.25 40.60
N GLN B 212 29.40 1.36 41.09
CA GLN B 212 30.55 1.53 40.20
C GLN B 212 30.72 0.33 39.27
N ASP B 213 30.75 -0.88 39.85
CA ASP B 213 30.83 -2.09 39.05
C ASP B 213 29.73 -2.15 38.01
N LEU B 214 28.52 -1.74 38.38
CA LEU B 214 27.42 -1.90 37.45
C LEU B 214 27.47 -0.88 36.33
N LYS B 215 27.94 0.34 36.62
CA LYS B 215 28.13 1.32 35.55
C LYS B 215 29.20 0.87 34.58
N ARG B 216 30.27 0.25 35.09
CA ARG B 216 31.29 -0.28 34.18
C ARG B 216 30.72 -1.34 33.25
N MET B 217 29.66 -2.02 33.66
CA MET B 217 29.07 -3.05 32.80
C MET B 217 28.21 -2.46 31.70
N GLY B 218 27.86 -1.18 31.78
CA GLY B 218 27.02 -0.58 30.77
C GLY B 218 25.56 -0.93 30.86
N LEU B 219 25.04 -1.15 32.06
CA LEU B 219 23.64 -1.49 32.22
C LEU B 219 22.75 -0.31 31.86
N LYS B 220 21.64 -0.60 31.17
CA LYS B 220 20.70 0.43 30.75
C LYS B 220 19.76 0.77 31.93
N VAL B 221 20.33 1.50 32.88
CA VAL B 221 19.71 1.75 34.18
C VAL B 221 19.59 3.25 34.41
N ASP B 222 18.46 3.66 35.01
CA ASP B 222 18.27 5.04 35.48
C ASP B 222 18.79 5.11 36.92
N TRP B 223 20.02 5.56 37.08
CA TRP B 223 20.66 5.57 38.39
C TRP B 223 20.13 6.66 39.32
N ARG B 224 19.19 7.49 38.87
CA ARG B 224 18.56 8.44 39.77
C ARG B 224 17.61 7.77 40.76
N ARG B 225 17.23 6.51 40.50
CA ARG B 225 16.19 5.83 41.25
C ARG B 225 16.75 4.78 42.22
N SER B 226 18.04 4.87 42.55
CA SER B 226 18.67 3.90 43.43
C SER B 226 18.65 4.37 44.89
N PHE B 227 18.89 3.43 45.81
CA PHE B 227 18.72 3.67 47.23
C PHE B 227 19.22 2.46 48.01
N ILE B 228 19.22 2.59 49.34
CA ILE B 228 19.50 1.51 50.27
C ILE B 228 18.36 1.47 51.29
N THR B 229 18.29 0.38 52.06
CA THR B 229 17.01 -0.07 52.60
C THR B 229 16.83 0.03 54.10
N THR B 230 17.86 0.28 54.90
CA THR B 230 17.57 0.27 56.33
C THR B 230 17.05 1.63 56.76
N ASP B 231 16.85 1.80 58.08
CA ASP B 231 16.44 3.10 58.61
C ASP B 231 17.46 4.20 58.32
N VAL B 232 18.66 3.84 57.84
CA VAL B 232 19.63 4.82 57.37
C VAL B 232 19.00 5.73 56.32
N ASN B 233 18.14 5.17 55.48
CA ASN B 233 17.45 5.94 54.45
C ASN B 233 16.09 6.37 54.98
N PRO B 234 15.85 7.68 55.17
CA PRO B 234 14.54 8.10 55.70
C PRO B 234 13.38 7.82 54.75
N TYR B 235 13.56 8.05 53.45
CA TYR B 235 12.44 7.88 52.52
C TYR B 235 12.01 6.42 52.43
N TYR B 236 12.97 5.51 52.32
CA TYR B 236 12.63 4.09 52.28
C TYR B 236 12.03 3.64 53.61
N ASP B 237 12.56 4.16 54.72
CA ASP B 237 12.00 3.84 56.03
C ASP B 237 10.53 4.22 56.09
N SER B 238 10.20 5.42 55.64
CA SER B 238 8.81 5.85 55.61
C SER B 238 7.96 4.97 54.70
N PHE B 239 8.52 4.55 53.57
CA PHE B 239 7.76 3.68 52.67
C PHE B 239 7.42 2.37 53.34
N VAL B 240 8.39 1.75 54.02
CA VAL B 240 8.11 0.48 54.67
C VAL B 240 7.14 0.67 55.82
N ARG B 241 7.21 1.80 56.51
CA ARG B 241 6.28 2.06 57.60
C ARG B 241 4.86 2.18 57.09
N TRP B 242 4.66 2.93 56.00
CA TRP B 242 3.33 3.00 55.39
C TRP B 242 2.84 1.62 54.96
N GLN B 243 3.73 0.83 54.35
CA GLN B 243 3.33 -0.52 53.93
C GLN B 243 2.84 -1.33 55.11
N PHE B 244 3.58 -1.31 56.22
CA PHE B 244 3.20 -2.20 57.31
C PHE B 244 2.01 -1.66 58.11
N LEU B 245 1.84 -0.34 58.20
CA LEU B 245 0.62 0.21 58.77
C LEU B 245 -0.59 -0.17 57.94
N THR B 246 -0.46 -0.11 56.61
CA THR B 246 -1.56 -0.55 55.74
C THR B 246 -1.85 -2.04 55.92
N LEU B 247 -0.79 -2.85 56.06
CA LEU B 247 -0.98 -4.28 56.19
C LEU B 247 -1.67 -4.64 57.50
N ARG B 248 -1.25 -4.01 58.60
CA ARG B 248 -1.88 -4.27 59.89
C ARG B 248 -3.33 -3.78 59.88
N GLU B 249 -3.57 -2.56 59.39
CA GLU B 249 -4.92 -2.03 59.27
C GLU B 249 -5.85 -2.95 58.49
N ARG B 250 -5.31 -3.89 57.70
CA ARG B 250 -6.12 -4.81 56.93
C ARG B 250 -6.09 -6.22 57.50
N ASN B 251 -5.61 -6.37 58.73
CA ASN B 251 -5.60 -7.66 59.45
C ASN B 251 -4.74 -8.69 58.74
N LYS B 252 -3.62 -8.25 58.18
CA LYS B 252 -2.64 -9.14 57.56
C LYS B 252 -1.47 -9.43 58.47
N ILE B 253 -1.11 -8.50 59.35
CA ILE B 253 -0.07 -8.70 60.35
C ILE B 253 -0.73 -8.91 61.70
N LYS B 254 -0.42 -10.02 62.36
CA LYS B 254 -1.02 -10.35 63.63
C LYS B 254 0.06 -10.70 64.64
N PHE B 255 -0.23 -10.45 65.91
CA PHE B 255 0.67 -10.86 66.99
C PHE B 255 0.20 -12.18 67.57
N GLY B 256 1.15 -13.01 67.97
CA GLY B 256 0.76 -14.29 68.54
C GLY B 256 2.00 -15.13 68.80
N LYS B 257 1.76 -16.31 69.37
CA LYS B 257 2.81 -17.23 69.76
C LYS B 257 2.74 -18.43 68.83
N ARG B 258 3.76 -18.61 68.00
CA ARG B 258 3.76 -19.63 66.96
C ARG B 258 5.05 -20.46 67.02
N TYR B 259 4.99 -21.61 66.36
CA TYR B 259 6.17 -22.48 66.20
C TYR B 259 7.01 -21.97 65.03
N THR B 260 8.32 -21.90 65.24
CA THR B 260 9.20 -21.38 64.21
C THR B 260 10.58 -21.97 64.37
N ILE B 261 11.25 -22.20 63.24
CA ILE B 261 12.67 -22.53 63.28
C ILE B 261 13.42 -21.35 63.88
N TYR B 262 14.19 -21.61 64.93
CA TYR B 262 14.69 -20.57 65.81
C TYR B 262 16.17 -20.82 66.09
N SER B 263 16.95 -19.74 66.05
CA SER B 263 18.37 -19.81 66.33
C SER B 263 18.63 -19.43 67.78
N PRO B 264 18.99 -20.37 68.65
CA PRO B 264 19.32 -19.98 70.04
C PRO B 264 20.46 -18.98 70.12
N LYS B 265 21.56 -19.25 69.43
CA LYS B 265 22.73 -18.35 69.48
C LYS B 265 22.37 -16.95 68.98
N ASP B 266 21.39 -16.82 68.09
CA ASP B 266 21.01 -15.53 67.55
C ASP B 266 19.79 -14.93 68.23
N GLY B 267 19.00 -15.74 68.93
CA GLY B 267 17.94 -15.22 69.77
C GLY B 267 16.76 -14.63 69.03
N GLN B 268 16.39 -15.22 67.89
CA GLN B 268 15.28 -14.74 67.08
C GLN B 268 15.01 -15.78 65.98
N PRO B 269 13.87 -15.69 65.28
CA PRO B 269 13.61 -16.66 64.21
C PRO B 269 14.70 -16.65 63.16
N CYS B 270 14.86 -17.79 62.50
CA CYS B 270 15.91 -18.02 61.51
C CYS B 270 15.24 -18.41 60.20
N MET B 271 14.84 -17.42 59.41
CA MET B 271 14.18 -17.67 58.13
C MET B 271 15.23 -18.04 57.07
N ASP B 272 14.78 -18.16 55.83
CA ASP B 272 15.57 -18.82 54.78
C ASP B 272 16.89 -18.09 54.51
N HIS B 273 16.88 -16.77 54.56
CA HIS B 273 18.11 -16.01 54.28
C HIS B 273 19.04 -15.91 55.49
N ASP B 274 18.65 -16.46 56.64
CA ASP B 274 19.53 -16.56 57.79
C ASP B 274 20.06 -17.98 58.02
N ARG B 275 19.66 -18.93 57.18
CA ARG B 275 20.15 -20.30 57.26
C ARG B 275 21.31 -20.50 56.28
N GLN B 276 22.08 -21.57 56.51
CA GLN B 276 23.06 -22.02 55.53
C GLN B 276 22.91 -23.47 55.15
N THR B 277 22.09 -24.25 55.86
CA THR B 277 21.70 -25.58 55.45
C THR B 277 20.20 -25.76 55.67
N GLY B 278 19.57 -26.56 54.81
CA GLY B 278 18.14 -26.83 54.88
C GLY B 278 17.31 -25.55 54.80
N GLU B 279 17.18 -25.00 53.60
CA GLU B 279 16.60 -23.66 53.48
C GLU B 279 15.08 -23.66 53.46
N GLY B 280 14.45 -24.80 53.15
CA GLY B 280 13.01 -24.89 53.19
C GLY B 280 12.43 -25.70 54.32
N VAL B 281 13.24 -26.09 55.32
CA VAL B 281 12.78 -27.01 56.36
C VAL B 281 11.79 -26.32 57.28
N GLY B 282 10.78 -27.08 57.72
CA GLY B 282 9.82 -26.60 58.69
C GLY B 282 9.75 -27.50 59.92
N PRO B 283 8.93 -27.12 60.90
CA PRO B 283 8.74 -27.97 62.07
C PRO B 283 7.99 -29.24 61.74
N GLN B 284 8.32 -30.31 62.45
CA GLN B 284 7.61 -31.58 62.37
C GLN B 284 7.08 -31.91 63.75
N GLU B 285 5.82 -32.35 63.77
CA GLU B 285 5.04 -32.56 64.98
C GLU B 285 5.05 -34.03 65.38
N TYR B 286 5.20 -34.28 66.68
CA TYR B 286 5.04 -35.59 67.28
C TYR B 286 4.07 -35.49 68.43
N THR B 287 3.33 -36.57 68.67
CA THR B 287 2.63 -36.74 69.93
C THR B 287 3.61 -37.38 70.90
N LEU B 288 3.80 -36.73 72.03
CA LEU B 288 4.82 -37.11 73.00
C LEU B 288 4.10 -37.76 74.17
N LEU B 289 4.20 -39.08 74.28
CA LEU B 289 3.52 -39.82 75.31
C LEU B 289 4.35 -39.87 76.57
N LYS B 290 3.69 -39.69 77.71
CA LYS B 290 4.31 -39.69 79.03
C LYS B 290 4.05 -41.03 79.70
N LEU B 291 5.07 -41.90 79.71
CA LEU B 291 5.01 -43.18 80.38
C LEU B 291 5.60 -43.01 81.77
N LYS B 292 4.75 -43.09 82.80
CA LYS B 292 5.22 -42.87 84.17
C LYS B 292 5.99 -44.08 84.67
N VAL B 293 7.10 -43.82 85.34
CA VAL B 293 7.92 -44.88 85.92
C VAL B 293 7.37 -45.26 87.28
N LEU B 294 7.15 -46.54 87.49
CA LEU B 294 6.57 -47.06 88.73
C LEU B 294 7.67 -47.59 89.65
N GLU B 295 7.42 -47.50 90.95
CA GLU B 295 8.34 -48.08 91.91
C GLU B 295 8.33 -49.61 91.77
N PRO B 296 9.49 -50.27 91.90
CA PRO B 296 10.79 -49.68 92.24
C PRO B 296 11.56 -49.15 91.03
N TYR B 297 12.09 -47.93 91.16
CA TYR B 297 12.84 -47.32 90.08
C TYR B 297 14.08 -48.17 89.76
N PRO B 298 14.62 -48.04 88.56
CA PRO B 298 15.95 -48.59 88.30
C PRO B 298 16.96 -47.98 89.24
N SER B 299 18.02 -48.75 89.54
CA SER B 299 19.00 -48.31 90.54
C SER B 299 19.55 -46.94 90.22
N LYS B 300 19.87 -46.69 88.94
CA LYS B 300 20.44 -45.40 88.54
C LYS B 300 19.50 -44.24 88.83
N LEU B 301 18.19 -44.50 88.94
CA LEU B 301 17.21 -43.46 89.23
C LEU B 301 16.82 -43.40 90.70
N SER B 302 17.44 -44.23 91.56
CA SER B 302 17.01 -44.32 92.94
C SER B 302 17.09 -42.97 93.65
N GLY B 303 18.04 -42.13 93.28
CA GLY B 303 18.19 -40.83 93.91
C GLY B 303 17.03 -39.88 93.68
N LEU B 304 16.10 -40.22 92.79
CA LEU B 304 14.96 -39.36 92.48
C LEU B 304 13.66 -39.92 93.05
N LYS B 305 13.74 -40.50 94.24
CA LYS B 305 12.63 -41.30 94.76
C LYS B 305 11.37 -40.48 94.95
N GLY B 306 11.49 -39.25 95.45
CA GLY B 306 10.33 -38.47 95.79
C GLY B 306 9.64 -37.78 94.63
N LYS B 307 10.27 -37.74 93.46
CA LYS B 307 9.77 -37.00 92.33
C LYS B 307 9.16 -37.93 91.29
N ASN B 308 8.27 -37.37 90.46
CA ASN B 308 7.60 -38.12 89.40
C ASN B 308 8.47 -38.12 88.14
N ILE B 309 8.68 -39.30 87.58
CA ILE B 309 9.57 -39.49 86.44
C ILE B 309 8.77 -40.06 85.27
N PHE B 310 9.02 -39.53 84.07
CA PHE B 310 8.33 -39.95 82.86
C PHE B 310 9.33 -40.26 81.75
N LEU B 311 9.06 -41.32 81.00
CA LEU B 311 9.68 -41.54 79.70
C LEU B 311 8.81 -40.88 78.64
N VAL B 312 9.41 -39.96 77.88
CA VAL B 312 8.67 -39.22 76.86
C VAL B 312 8.98 -39.86 75.51
N ALA B 313 8.03 -40.65 75.01
CA ALA B 313 8.18 -41.33 73.73
C ALA B 313 7.55 -40.50 72.63
N ALA B 314 8.18 -40.49 71.46
CA ALA B 314 7.65 -39.77 70.32
C ALA B 314 6.87 -40.72 69.41
N THR B 315 5.75 -40.25 68.89
CA THR B 315 4.97 -41.10 67.99
C THR B 315 4.23 -40.23 66.97
N LEU B 316 4.06 -40.82 65.78
CA LEU B 316 3.28 -40.22 64.70
C LEU B 316 1.92 -40.88 64.53
N ARG B 317 1.60 -41.89 65.34
CA ARG B 317 0.35 -42.63 65.25
C ARG B 317 -0.25 -42.78 66.64
N PRO B 318 -0.83 -41.70 67.18
CA PRO B 318 -1.45 -41.79 68.51
C PRO B 318 -2.63 -42.75 68.56
N GLU B 319 -3.40 -42.84 67.48
CA GLU B 319 -4.59 -43.69 67.47
C GLU B 319 -4.26 -45.15 67.78
N THR B 320 -3.03 -45.59 67.53
CA THR B 320 -2.64 -46.97 67.77
C THR B 320 -2.32 -47.26 69.22
N MET B 321 -2.18 -46.23 70.05
CA MET B 321 -1.63 -46.38 71.40
C MET B 321 -2.41 -47.36 72.27
N PHE B 322 -3.61 -47.77 71.86
CA PHE B 322 -4.34 -48.78 72.63
C PHE B 322 -3.64 -50.13 72.64
N GLY B 323 -2.73 -50.36 71.71
CA GLY B 323 -2.08 -51.65 71.61
C GLY B 323 -0.62 -51.64 72.02
N GLN B 324 -0.25 -50.77 72.94
CA GLN B 324 1.12 -50.74 73.43
C GLN B 324 1.43 -52.01 74.21
N THR B 325 2.54 -52.65 73.85
CA THR B 325 3.04 -53.78 74.63
C THR B 325 4.20 -53.41 75.52
N ASN B 326 5.04 -52.47 75.10
CA ASN B 326 6.22 -52.10 75.85
C ASN B 326 6.81 -50.78 75.36
N CYS B 327 8.08 -50.54 75.72
CA CYS B 327 8.80 -49.33 75.37
C CYS B 327 10.19 -49.71 74.91
N TRP B 328 10.71 -49.02 73.90
CA TRP B 328 12.03 -49.27 73.34
C TRP B 328 12.96 -48.13 73.68
N VAL B 329 14.14 -48.47 74.21
CA VAL B 329 15.28 -47.56 74.25
C VAL B 329 16.49 -48.28 73.65
N ARG B 330 17.44 -47.48 73.16
CA ARG B 330 18.68 -48.01 72.63
C ARG B 330 19.73 -48.12 73.74
N PRO B 331 20.31 -49.30 73.98
CA PRO B 331 21.15 -49.48 75.17
C PRO B 331 22.46 -48.70 75.12
N ASP B 332 22.96 -48.36 73.93
CA ASP B 332 24.20 -47.62 73.77
C ASP B 332 23.96 -46.14 73.50
N MET B 333 22.82 -45.61 73.94
CA MET B 333 22.47 -44.21 73.69
C MET B 333 22.52 -43.41 74.99
N LYS B 334 22.81 -42.13 74.86
CA LYS B 334 22.86 -41.22 75.99
C LYS B 334 21.48 -40.62 76.22
N TYR B 335 20.93 -40.82 77.42
CA TYR B 335 19.70 -40.19 77.83
C TYR B 335 19.94 -39.32 79.06
N ILE B 336 19.16 -38.26 79.15
CA ILE B 336 19.18 -37.35 80.30
C ILE B 336 17.77 -37.24 80.84
N GLY B 337 17.67 -37.13 82.16
CA GLY B 337 16.42 -36.79 82.82
C GLY B 337 16.54 -35.39 83.39
N PHE B 338 15.59 -34.53 83.01
CA PHE B 338 15.61 -33.13 83.35
C PHE B 338 14.31 -32.74 84.02
N GLU B 339 14.33 -31.55 84.64
CA GLU B 339 13.21 -31.04 85.42
C GLU B 339 12.37 -30.10 84.58
N THR B 340 11.05 -30.33 84.57
CA THR B 340 10.14 -29.55 83.74
C THR B 340 9.62 -28.34 84.52
N VAL B 341 8.58 -27.70 84.00
CA VAL B 341 8.08 -26.47 84.59
C VAL B 341 7.36 -26.73 85.91
N ASN B 342 6.80 -27.93 86.09
CA ASN B 342 6.03 -28.24 87.28
C ASN B 342 6.73 -29.23 88.20
N GLY B 343 8.04 -29.43 88.03
CA GLY B 343 8.80 -30.27 88.93
C GLY B 343 8.92 -31.72 88.51
N ASP B 344 8.24 -32.14 87.45
CA ASP B 344 8.36 -33.52 87.00
C ASP B 344 9.65 -33.72 86.22
N ILE B 345 10.07 -34.98 86.12
CA ILE B 345 11.30 -35.35 85.45
C ILE B 345 10.95 -36.05 84.15
N PHE B 346 11.48 -35.53 83.05
CA PHE B 346 11.34 -36.12 81.73
C PHE B 346 12.66 -36.73 81.28
N ILE B 347 12.60 -37.94 80.74
CA ILE B 347 13.77 -38.68 80.30
C ILE B 347 13.75 -38.76 78.78
N CYS B 348 14.76 -38.16 78.15
CA CYS B 348 14.88 -38.23 76.69
C CYS B 348 16.33 -37.97 76.31
N THR B 349 16.55 -37.38 75.15
CA THR B 349 17.90 -37.08 74.69
C THR B 349 18.20 -35.60 74.89
N GLN B 350 19.48 -35.25 74.73
CA GLN B 350 19.91 -33.87 74.93
C GLN B 350 19.32 -32.96 73.86
N LYS B 351 19.29 -33.41 72.61
CA LYS B 351 18.70 -32.61 71.54
C LYS B 351 17.19 -32.45 71.75
N ALA B 352 16.51 -33.54 72.14
CA ALA B 352 15.08 -33.46 72.41
C ALA B 352 14.79 -32.46 73.52
N ALA B 353 15.52 -32.57 74.63
CA ALA B 353 15.31 -31.65 75.74
C ALA B 353 15.63 -30.22 75.34
N ARG B 354 16.64 -30.03 74.49
CA ARG B 354 16.95 -28.68 74.02
C ARG B 354 15.80 -28.10 73.22
N ASN B 355 15.18 -28.92 72.36
CA ASN B 355 13.99 -28.45 71.65
C ASN B 355 12.86 -28.15 72.62
N MET B 356 12.69 -28.99 73.64
CA MET B 356 11.58 -28.80 74.58
C MET B 356 11.75 -27.51 75.39
N SER B 357 12.99 -27.18 75.75
CA SER B 357 13.23 -26.00 76.57
C SER B 357 12.79 -24.71 75.88
N TYR B 358 12.65 -24.71 74.56
CA TYR B 358 12.20 -23.54 73.82
C TYR B 358 10.72 -23.61 73.47
N GLN B 359 10.01 -24.61 74.00
CA GLN B 359 8.58 -24.79 73.74
C GLN B 359 7.80 -24.79 75.04
N GLY B 360 8.34 -24.17 76.08
CA GLY B 360 7.65 -24.02 77.35
C GLY B 360 7.73 -25.20 78.28
N PHE B 361 8.43 -26.27 77.92
CA PHE B 361 8.53 -27.43 78.80
C PHE B 361 9.25 -27.11 80.10
N THR B 362 10.14 -26.13 80.09
CA THR B 362 10.94 -25.78 81.26
C THR B 362 10.44 -24.47 81.86
N LYS B 363 10.94 -24.16 83.07
CA LYS B 363 10.46 -22.96 83.74
C LYS B 363 11.13 -21.71 83.20
N ASP B 364 12.42 -21.79 82.87
CA ASP B 364 13.14 -20.70 82.22
C ASP B 364 13.35 -21.08 80.75
N ASN B 365 13.07 -20.13 79.86
CA ASN B 365 13.20 -20.39 78.44
C ASN B 365 14.64 -20.78 78.10
N GLY B 366 14.79 -21.89 77.38
CA GLY B 366 16.10 -22.32 76.93
C GLY B 366 17.06 -22.76 78.01
N VAL B 367 16.57 -23.14 79.19
CA VAL B 367 17.40 -23.65 80.27
C VAL B 367 16.96 -25.08 80.56
N VAL B 368 17.90 -26.02 80.46
CA VAL B 368 17.60 -27.43 80.69
C VAL B 368 18.29 -27.91 81.96
N PRO B 369 17.60 -27.95 83.09
CA PRO B 369 18.23 -28.43 84.33
C PRO B 369 18.32 -29.95 84.40
N VAL B 370 19.46 -30.50 84.02
CA VAL B 370 19.66 -31.94 83.95
C VAL B 370 19.91 -32.48 85.36
N VAL B 371 19.06 -33.41 85.80
CA VAL B 371 19.21 -34.02 87.12
C VAL B 371 19.68 -35.46 87.06
N LYS B 372 19.75 -36.06 85.87
CA LYS B 372 20.33 -37.39 85.78
C LYS B 372 20.84 -37.63 84.37
N GLU B 373 22.00 -38.30 84.29
CA GLU B 373 22.58 -38.71 83.02
C GLU B 373 22.77 -40.23 83.05
N LEU B 374 22.39 -40.90 81.97
CA LEU B 374 22.46 -42.36 82.00
C LEU B 374 22.42 -42.91 80.57
N MET B 375 22.63 -44.22 80.48
CA MET B 375 22.60 -44.95 79.23
C MET B 375 21.33 -45.80 79.16
N GLY B 376 20.99 -46.23 77.95
CA GLY B 376 19.78 -47.01 77.76
C GLY B 376 19.71 -48.22 78.69
N GLU B 377 20.78 -49.02 78.74
CA GLU B 377 20.79 -50.22 79.57
C GLU B 377 20.52 -49.91 81.03
N GLU B 378 20.79 -48.68 81.46
CA GLU B 378 20.59 -48.34 82.86
C GLU B 378 19.11 -48.20 83.22
N ILE B 379 18.22 -48.12 82.24
CA ILE B 379 16.78 -48.06 82.50
C ILE B 379 16.04 -49.28 81.98
N LEU B 380 16.74 -50.28 81.45
CA LEU B 380 16.07 -51.47 80.94
C LEU B 380 15.39 -52.21 82.08
N GLY B 381 14.20 -52.74 81.80
CA GLY B 381 13.43 -53.48 82.78
C GLY B 381 12.60 -52.64 83.72
N ALA B 382 12.54 -51.32 83.52
CA ALA B 382 11.76 -50.46 84.39
C ALA B 382 10.27 -50.64 84.12
N SER B 383 9.48 -50.48 85.17
CA SER B 383 8.03 -50.63 85.11
C SER B 383 7.40 -49.29 84.71
N LEU B 384 6.66 -49.28 83.61
CA LEU B 384 6.00 -48.08 83.13
C LEU B 384 4.49 -48.24 83.19
N SER B 385 3.80 -47.13 83.48
CA SER B 385 2.35 -47.04 83.36
C SER B 385 2.03 -46.25 82.10
N ALA B 386 1.39 -46.90 81.14
CA ALA B 386 1.26 -46.28 79.84
C ALA B 386 -0.19 -45.87 79.57
N PRO B 387 -0.39 -44.80 78.80
CA PRO B 387 -1.75 -44.35 78.51
C PRO B 387 -2.49 -45.31 77.59
N LEU B 388 -3.80 -45.42 77.82
CA LEU B 388 -4.76 -46.04 76.90
C LEU B 388 -4.64 -47.55 76.79
N THR B 389 -3.42 -48.08 76.85
CA THR B 389 -3.21 -49.50 76.59
C THR B 389 -3.94 -50.36 77.61
N SER B 390 -4.23 -51.60 77.20
CA SER B 390 -4.93 -52.54 78.05
C SER B 390 -4.00 -53.24 79.03
N TYR B 391 -2.70 -53.28 78.73
CA TYR B 391 -1.71 -53.78 79.68
C TYR B 391 -1.45 -52.70 80.73
N LYS B 392 -1.70 -53.03 82.00
CA LYS B 392 -1.55 -52.04 83.06
C LYS B 392 -0.08 -51.74 83.37
N VAL B 393 0.80 -52.74 83.26
CA VAL B 393 2.23 -52.55 83.47
C VAL B 393 2.97 -53.07 82.25
N ILE B 394 3.76 -52.20 81.63
CA ILE B 394 4.67 -52.59 80.56
C ILE B 394 6.08 -52.23 81.01
N TYR B 395 7.06 -52.81 80.30
CA TYR B 395 8.46 -52.68 80.70
C TYR B 395 9.29 -52.10 79.56
N VAL B 396 10.48 -51.61 79.92
CA VAL B 396 11.41 -51.03 78.95
C VAL B 396 12.30 -52.13 78.42
N LEU B 397 12.55 -52.11 77.11
CA LEU B 397 13.23 -53.15 76.37
C LEU B 397 14.19 -52.50 75.38
N PRO B 398 15.14 -53.27 74.81
CA PRO B 398 16.12 -52.68 73.90
C PRO B 398 15.81 -52.90 72.43
N MET B 399 15.78 -51.82 71.66
CA MET B 399 15.72 -51.88 70.21
C MET B 399 17.00 -51.28 69.67
N LEU B 400 17.69 -52.02 68.80
CA LEU B 400 19.05 -51.65 68.40
C LEU B 400 19.10 -50.67 67.23
N THR B 401 18.00 -50.44 66.52
CA THR B 401 18.02 -49.64 65.30
C THR B 401 17.47 -48.24 65.50
N ILE B 402 17.34 -47.77 66.74
CA ILE B 402 16.80 -46.43 66.98
C ILE B 402 17.78 -45.39 66.45
N LYS B 403 17.26 -44.40 65.74
CA LYS B 403 18.09 -43.30 65.24
C LYS B 403 18.30 -42.28 66.34
N GLU B 404 19.54 -41.80 66.47
CA GLU B 404 19.90 -40.86 67.52
C GLU B 404 19.73 -39.41 67.09
N ASP B 405 19.07 -39.15 65.97
CA ASP B 405 18.78 -37.79 65.53
C ASP B 405 17.30 -37.50 65.40
N LYS B 406 16.42 -38.49 65.57
CA LYS B 406 14.99 -38.34 65.37
C LYS B 406 14.25 -38.60 66.67
N GLY B 407 13.30 -37.72 66.99
CA GLY B 407 12.43 -37.94 68.14
C GLY B 407 13.14 -37.70 69.45
N THR B 408 12.83 -38.53 70.45
CA THR B 408 13.38 -38.39 71.78
C THR B 408 14.27 -39.56 72.17
N GLY B 409 14.61 -40.43 71.22
CA GLY B 409 15.32 -41.65 71.53
C GLY B 409 14.50 -42.68 72.27
N VAL B 410 13.24 -42.39 72.56
CA VAL B 410 12.33 -43.33 73.22
C VAL B 410 11.21 -43.62 72.23
N VAL B 411 10.88 -44.90 72.06
CA VAL B 411 9.83 -45.31 71.13
C VAL B 411 8.85 -46.21 71.86
N THR B 412 7.56 -46.05 71.59
CA THR B 412 6.61 -46.96 72.21
C THR B 412 6.35 -48.13 71.26
N SER B 413 5.87 -49.24 71.82
CA SER B 413 5.83 -50.51 71.10
C SER B 413 4.38 -50.92 70.85
N VAL B 414 3.93 -50.74 69.62
CA VAL B 414 2.64 -51.26 69.16
C VAL B 414 2.93 -52.29 68.07
N PRO B 415 3.32 -53.52 68.43
CA PRO B 415 3.76 -54.48 67.40
C PRO B 415 2.65 -54.92 66.49
N SER B 416 1.39 -54.71 66.85
CA SER B 416 0.29 -55.11 66.00
C SER B 416 0.31 -54.36 64.67
N ASP B 417 0.74 -53.10 64.67
CA ASP B 417 0.65 -52.25 63.50
C ASP B 417 1.95 -51.55 63.14
N SER B 418 3.05 -51.87 63.80
CA SER B 418 4.37 -51.32 63.47
C SER B 418 5.32 -52.44 63.10
N PRO B 419 5.91 -52.43 61.90
CA PRO B 419 6.79 -53.54 61.52
C PRO B 419 8.07 -53.61 62.33
N ASP B 420 8.72 -52.47 62.56
CA ASP B 420 9.92 -52.46 63.41
C ASP B 420 9.60 -53.02 64.80
N ASP B 421 8.43 -52.69 65.33
CA ASP B 421 8.08 -53.12 66.68
C ASP B 421 7.90 -54.63 66.74
N ILE B 422 7.18 -55.20 65.78
CA ILE B 422 6.96 -56.65 65.80
C ILE B 422 8.26 -57.38 65.53
N ALA B 423 9.10 -56.85 64.64
CA ALA B 423 10.38 -57.48 64.37
C ALA B 423 11.26 -57.51 65.61
N ALA B 424 11.36 -56.37 66.32
CA ALA B 424 12.21 -56.31 67.51
C ALA B 424 11.65 -57.16 68.64
N LEU B 425 10.33 -57.13 68.85
CA LEU B 425 9.73 -57.97 69.90
C LEU B 425 9.91 -59.44 69.60
N ARG B 426 9.80 -59.83 68.32
CA ARG B 426 10.06 -61.22 67.94
C ARG B 426 11.51 -61.60 68.18
N ASP B 427 12.44 -60.71 67.84
CA ASP B 427 13.85 -60.99 68.11
C ASP B 427 14.11 -61.18 69.60
N LEU B 428 13.44 -60.39 70.44
CA LEU B 428 13.65 -60.50 71.87
C LEU B 428 13.03 -61.78 72.44
N LYS B 429 11.86 -62.16 71.92
CA LYS B 429 11.24 -63.41 72.33
C LYS B 429 11.92 -64.64 71.73
N LYS B 430 12.78 -64.44 70.73
CA LYS B 430 13.34 -65.53 69.97
C LYS B 430 14.61 -66.06 70.60
N LYS B 431 15.40 -65.18 71.20
CA LYS B 431 16.76 -65.48 71.64
C LYS B 431 16.88 -65.18 73.13
N GLN B 432 16.99 -66.23 73.95
CA GLN B 432 17.18 -66.03 75.38
C GLN B 432 18.55 -65.45 75.69
N ALA B 433 19.53 -65.68 74.81
CA ALA B 433 20.83 -65.03 74.97
C ALA B 433 20.69 -63.52 74.89
N LEU B 434 19.95 -63.03 73.89
CA LEU B 434 19.70 -61.60 73.75
C LEU B 434 19.01 -61.03 74.98
N ARG B 435 18.11 -61.81 75.60
CA ARG B 435 17.36 -61.34 76.75
C ARG B 435 18.22 -61.28 78.01
N ALA B 436 18.98 -62.35 78.29
CA ALA B 436 19.84 -62.37 79.46
C ALA B 436 21.07 -61.49 79.30
N LYS B 437 21.39 -61.05 78.07
CA LYS B 437 22.50 -60.14 77.89
C LYS B 437 22.23 -58.80 78.57
N TYR B 438 20.99 -58.33 78.52
CA TYR B 438 20.65 -57.01 79.02
C TYR B 438 19.93 -57.03 80.37
N GLY B 439 19.81 -58.20 81.00
CA GLY B 439 19.23 -58.28 82.32
C GLY B 439 17.71 -58.29 82.37
N ILE B 440 17.05 -58.72 81.30
CA ILE B 440 15.59 -58.71 81.22
C ILE B 440 15.05 -60.05 81.69
N ARG B 441 14.23 -60.03 82.73
CA ARG B 441 13.53 -61.24 83.15
C ARG B 441 12.63 -61.74 82.05
N ASP B 442 11.97 -62.88 82.25
CA ASP B 442 11.06 -63.40 81.25
C ASP B 442 9.62 -62.94 81.44
N ASP B 443 9.29 -62.38 82.61
CA ASP B 443 7.96 -61.81 82.84
C ASP B 443 7.81 -60.43 82.21
N MET B 444 8.86 -59.88 81.63
CA MET B 444 8.84 -58.53 81.06
C MET B 444 8.57 -58.52 79.56
N VAL B 445 8.61 -59.68 78.89
CA VAL B 445 8.57 -59.70 77.44
C VAL B 445 7.68 -60.82 76.92
N LEU B 446 7.77 -62.00 77.54
CA LEU B 446 7.05 -63.16 77.00
C LEU B 446 5.54 -63.06 77.15
N PRO B 447 4.97 -62.67 78.32
CA PRO B 447 3.50 -62.70 78.44
C PRO B 447 2.78 -61.56 77.74
N PHE B 448 3.45 -60.88 76.81
CA PHE B 448 2.89 -59.73 76.10
C PHE B 448 2.79 -60.08 74.62
N GLU B 449 1.56 -60.07 74.08
CA GLU B 449 1.28 -60.29 72.67
C GLU B 449 0.68 -59.02 72.07
N PRO B 450 0.86 -58.78 70.78
CA PRO B 450 0.21 -57.61 70.15
C PRO B 450 -1.29 -57.63 70.39
N VAL B 451 -1.86 -56.44 70.42
CA VAL B 451 -3.29 -56.24 70.68
C VAL B 451 -3.94 -55.76 69.39
N PRO B 452 -4.96 -56.45 68.88
CA PRO B 452 -5.67 -55.94 67.69
C PRO B 452 -6.38 -54.64 68.02
N VAL B 453 -6.03 -53.59 67.28
CA VAL B 453 -6.55 -52.26 67.55
C VAL B 453 -7.20 -51.71 66.29
N ILE B 454 -6.52 -51.87 65.16
CA ILE B 454 -7.01 -51.39 63.87
C ILE B 454 -7.19 -52.60 62.97
N GLU B 455 -8.28 -52.60 62.21
CA GLU B 455 -8.58 -53.65 61.24
C GLU B 455 -8.43 -53.08 59.84
N ILE B 456 -7.56 -53.69 59.05
CA ILE B 456 -7.38 -53.34 57.65
C ILE B 456 -8.15 -54.37 56.81
N PRO B 457 -8.96 -53.93 55.83
CA PRO B 457 -9.75 -54.91 55.07
C PRO B 457 -8.91 -55.97 54.38
N GLY B 458 -7.79 -55.60 53.77
CA GLY B 458 -6.95 -56.53 53.05
C GLY B 458 -5.88 -57.23 53.85
N PHE B 459 -5.82 -57.03 55.17
CA PHE B 459 -4.75 -57.63 55.96
C PHE B 459 -5.27 -58.24 57.27
N GLY B 460 -6.09 -57.50 58.02
CA GLY B 460 -6.67 -58.06 59.23
C GLY B 460 -6.32 -57.32 60.50
N ASN B 461 -6.46 -58.01 61.64
CA ASN B 461 -6.31 -57.36 62.93
C ASN B 461 -4.86 -56.97 63.22
N LEU B 462 -3.91 -57.70 62.66
CA LEU B 462 -2.49 -57.50 62.95
C LEU B 462 -1.74 -57.37 61.62
N SER B 463 -1.92 -56.24 60.94
CA SER B 463 -1.31 -56.05 59.63
C SER B 463 0.21 -56.21 59.70
N ALA B 464 0.84 -55.70 60.76
CA ALA B 464 2.29 -55.79 60.88
C ALA B 464 2.75 -57.24 60.93
N VAL B 465 2.08 -58.07 61.74
CA VAL B 465 2.47 -59.47 61.86
C VAL B 465 2.37 -60.17 60.52
N THR B 466 1.27 -59.95 59.80
CA THR B 466 1.07 -60.67 58.54
C THR B 466 2.06 -60.22 57.48
N ILE B 467 2.30 -58.90 57.38
CA ILE B 467 3.24 -58.45 56.36
C ILE B 467 4.68 -58.82 56.70
N CYS B 468 4.99 -58.96 58.00
CA CYS B 468 6.33 -59.44 58.37
C CYS B 468 6.50 -60.92 58.06
N ASP B 469 5.43 -61.72 58.21
CA ASP B 469 5.51 -63.12 57.81
C ASP B 469 5.56 -63.26 56.29
N GLU B 470 4.94 -62.34 55.55
CA GLU B 470 4.98 -62.39 54.10
C GLU B 470 6.34 -61.99 53.53
N LEU B 471 7.00 -61.01 54.14
CA LEU B 471 8.25 -60.50 53.61
C LEU B 471 9.47 -61.25 54.14
N LYS B 472 9.28 -62.32 54.90
CA LYS B 472 10.39 -63.08 55.47
C LYS B 472 11.31 -62.18 56.30
N ILE B 473 10.72 -61.44 57.22
CA ILE B 473 11.47 -60.60 58.14
C ILE B 473 11.70 -61.37 59.43
N GLN B 474 12.96 -61.52 59.82
CA GLN B 474 13.33 -62.27 61.00
C GLN B 474 14.26 -61.52 61.94
N SER B 475 14.62 -60.29 61.62
CA SER B 475 15.52 -59.50 62.46
C SER B 475 15.14 -58.04 62.34
N GLN B 476 15.54 -57.26 63.34
CA GLN B 476 15.30 -55.82 63.31
C GLN B 476 16.28 -55.08 62.40
N ASN B 477 17.35 -55.74 61.96
CA ASN B 477 18.33 -55.14 61.08
C ASN B 477 18.05 -55.39 59.60
N ASP B 478 16.82 -55.81 59.26
CA ASP B 478 16.42 -56.04 57.87
C ASP B 478 15.90 -54.72 57.30
N ARG B 479 16.83 -53.83 56.99
CA ARG B 479 16.48 -52.43 56.75
C ARG B 479 15.53 -52.27 55.57
N GLU B 480 15.87 -52.85 54.41
CA GLU B 480 15.09 -52.61 53.20
C GLU B 480 13.70 -53.21 53.31
N LYS B 481 13.60 -54.46 53.75
CA LYS B 481 12.29 -55.10 53.91
C LYS B 481 11.43 -54.34 54.91
N LEU B 482 12.03 -53.93 56.03
CA LEU B 482 11.28 -53.20 57.04
C LEU B 482 10.77 -51.87 56.50
N ALA B 483 11.61 -51.14 55.76
CA ALA B 483 11.18 -49.85 55.20
C ALA B 483 10.04 -50.04 54.21
N GLU B 484 10.15 -51.05 53.35
CA GLU B 484 9.09 -51.30 52.36
C GLU B 484 7.78 -51.63 53.06
N ALA B 485 7.81 -52.60 53.97
CA ALA B 485 6.61 -52.97 54.71
C ALA B 485 6.04 -51.78 55.48
N LYS B 486 6.93 -50.97 56.06
CA LYS B 486 6.50 -49.83 56.86
C LYS B 486 5.68 -48.86 56.02
N GLU B 487 6.20 -48.47 54.86
CA GLU B 487 5.44 -47.55 54.01
C GLU B 487 4.13 -48.18 53.54
N LYS B 488 4.19 -49.45 53.10
CA LYS B 488 2.99 -50.14 52.62
C LYS B 488 1.85 -50.05 53.64
N ILE B 489 2.08 -50.59 54.84
CA ILE B 489 0.97 -50.63 55.79
C ILE B 489 0.70 -49.29 56.44
N TYR B 490 1.65 -48.35 56.48
CA TYR B 490 1.32 -47.03 56.99
C TYR B 490 0.26 -46.38 56.12
N LEU B 491 0.45 -46.41 54.79
CA LEU B 491 -0.56 -45.85 53.90
C LEU B 491 -1.88 -46.61 54.04
N LYS B 492 -1.82 -47.95 53.96
CA LYS B 492 -3.05 -48.73 54.01
C LYS B 492 -3.80 -48.55 55.32
N GLY B 493 -3.10 -48.42 56.44
CA GLY B 493 -3.71 -48.20 57.72
C GLY B 493 -4.33 -46.83 57.88
N PHE B 494 -3.66 -45.78 57.42
CA PHE B 494 -4.28 -44.46 57.50
C PHE B 494 -5.57 -44.40 56.69
N TYR B 495 -5.57 -44.98 55.48
CA TYR B 495 -6.69 -44.74 54.57
C TYR B 495 -7.80 -45.78 54.63
N GLU B 496 -7.51 -47.05 54.91
CA GLU B 496 -8.54 -48.07 54.98
C GLU B 496 -8.71 -48.64 56.37
N GLY B 497 -8.03 -48.09 57.37
CA GLY B 497 -8.10 -48.66 58.71
C GLY B 497 -9.43 -48.39 59.37
N ILE B 498 -9.85 -49.33 60.23
CA ILE B 498 -11.08 -49.22 60.99
C ILE B 498 -10.77 -49.54 62.43
N MET B 499 -11.12 -48.62 63.34
CA MET B 499 -10.84 -48.84 64.75
C MET B 499 -11.64 -50.01 65.30
N LEU B 500 -11.11 -50.63 66.35
CA LEU B 500 -11.78 -51.75 67.00
C LEU B 500 -11.92 -51.59 68.51
N VAL B 501 -11.34 -50.55 69.11
CA VAL B 501 -11.39 -50.41 70.56
C VAL B 501 -12.72 -49.79 70.98
N ASP B 502 -13.00 -49.90 72.28
CA ASP B 502 -14.22 -49.32 72.83
C ASP B 502 -14.17 -47.80 72.75
N GLY B 503 -15.30 -47.21 72.38
CA GLY B 503 -15.39 -45.79 72.16
C GLY B 503 -15.14 -45.36 70.74
N PHE B 504 -14.67 -46.27 69.88
CA PHE B 504 -14.38 -45.91 68.49
C PHE B 504 -14.64 -47.05 67.51
N LYS B 505 -15.37 -48.09 67.91
CA LYS B 505 -15.60 -49.23 67.03
C LYS B 505 -16.23 -48.79 65.72
N GLY B 506 -15.73 -49.34 64.62
CA GLY B 506 -16.28 -49.02 63.32
C GLY B 506 -15.97 -47.64 62.80
N GLN B 507 -15.03 -46.93 63.41
CA GLN B 507 -14.67 -45.59 62.98
C GLN B 507 -13.47 -45.64 62.05
N LYS B 508 -13.45 -44.72 61.09
CA LYS B 508 -12.29 -44.56 60.23
C LYS B 508 -11.13 -43.99 61.03
N VAL B 509 -9.96 -44.65 60.93
CA VAL B 509 -8.77 -44.12 61.60
C VAL B 509 -8.53 -42.69 61.20
N GLN B 510 -8.70 -42.39 59.91
CA GLN B 510 -8.51 -41.05 59.40
C GLN B 510 -9.38 -40.02 60.13
N ASP B 511 -10.49 -40.47 60.72
CA ASP B 511 -11.44 -39.56 61.35
C ASP B 511 -11.33 -39.50 62.86
N VAL B 512 -10.33 -40.16 63.46
CA VAL B 512 -10.26 -40.21 64.92
C VAL B 512 -8.83 -39.98 65.43
N LYS B 513 -7.87 -39.79 64.51
CA LYS B 513 -6.49 -39.58 64.92
C LYS B 513 -6.36 -38.38 65.86
N LYS B 514 -6.72 -37.19 65.35
CA LYS B 514 -6.61 -35.98 66.15
C LYS B 514 -7.45 -36.06 67.42
N THR B 515 -8.56 -36.80 67.38
CA THR B 515 -9.44 -36.88 68.54
C THR B 515 -8.82 -37.73 69.66
N ILE B 516 -8.24 -38.87 69.32
CA ILE B 516 -7.55 -39.64 70.35
C ILE B 516 -6.32 -38.90 70.85
N GLN B 517 -5.62 -38.19 69.96
CA GLN B 517 -4.50 -37.36 70.40
C GLN B 517 -4.95 -36.34 71.43
N LYS B 518 -6.05 -35.63 71.14
CA LYS B 518 -6.56 -34.63 72.07
C LYS B 518 -7.05 -35.28 73.36
N LYS B 519 -7.62 -36.48 73.26
CA LYS B 519 -8.04 -37.22 74.45
C LYS B 519 -6.86 -37.46 75.38
N MET B 520 -5.74 -37.93 74.82
CA MET B 520 -4.55 -38.13 75.64
C MET B 520 -3.99 -36.81 76.17
N ILE B 521 -4.11 -35.72 75.42
CA ILE B 521 -3.57 -34.45 75.89
C ILE B 521 -4.42 -33.88 77.03
N ASP B 522 -5.74 -34.04 76.95
CA ASP B 522 -6.62 -33.46 77.96
C ASP B 522 -6.50 -34.16 79.31
N ALA B 523 -6.22 -35.47 79.31
CA ALA B 523 -6.00 -36.21 80.53
C ALA B 523 -4.59 -36.03 81.09
N GLY B 524 -3.77 -35.17 80.48
CA GLY B 524 -2.41 -34.98 80.94
C GLY B 524 -1.51 -36.17 80.72
N ASP B 525 -1.75 -36.95 79.65
CA ASP B 525 -0.97 -38.14 79.36
C ASP B 525 -0.16 -38.03 78.08
N ALA B 526 -0.18 -36.87 77.43
CA ALA B 526 0.58 -36.66 76.20
C ALA B 526 0.70 -35.17 75.94
N LEU B 527 1.74 -34.79 75.23
CA LEU B 527 2.02 -33.41 74.88
C LEU B 527 2.33 -33.29 73.40
N ILE B 528 2.50 -32.06 72.94
CA ILE B 528 2.85 -31.77 71.56
C ILE B 528 4.33 -31.42 71.49
N TYR B 529 5.10 -32.23 70.76
CA TYR B 529 6.53 -32.00 70.59
C TYR B 529 6.77 -31.56 69.16
N MET B 530 7.74 -30.67 68.96
CA MET B 530 8.08 -30.13 67.65
C MET B 530 9.58 -30.11 67.49
N GLU B 531 10.07 -30.64 66.38
CA GLU B 531 11.49 -30.59 66.10
C GLU B 531 11.66 -30.41 64.58
N PRO B 532 12.81 -29.90 64.14
CA PRO B 532 13.00 -29.71 62.70
C PRO B 532 12.89 -31.03 61.94
N GLU B 533 12.34 -30.96 60.72
CA GLU B 533 12.30 -32.12 59.84
C GLU B 533 13.69 -32.68 59.62
N LYS B 534 14.60 -31.85 59.11
CA LYS B 534 16.00 -32.16 58.91
C LYS B 534 16.84 -31.13 59.66
N GLN B 535 18.11 -31.43 59.85
CA GLN B 535 18.98 -30.51 60.59
C GLN B 535 19.09 -29.18 59.86
N VAL B 536 19.04 -28.08 60.62
CA VAL B 536 19.09 -26.73 60.09
C VAL B 536 20.17 -25.95 60.83
N MET B 537 21.06 -25.31 60.08
CA MET B 537 22.22 -24.60 60.63
C MET B 537 22.18 -23.14 60.21
N SER B 538 22.41 -22.25 61.17
CA SER B 538 22.31 -20.82 60.93
C SER B 538 23.60 -20.26 60.37
N ARG B 539 23.58 -18.97 60.01
CA ARG B 539 24.77 -18.33 59.46
C ARG B 539 25.89 -18.24 60.48
N SER B 540 25.56 -18.24 61.77
CA SER B 540 26.54 -18.28 62.85
C SER B 540 26.92 -19.72 63.21
N SER B 541 26.65 -20.67 62.33
CA SER B 541 26.96 -22.10 62.56
C SER B 541 26.38 -22.58 63.88
N ASP B 542 25.11 -22.28 64.10
CA ASP B 542 24.38 -22.76 65.27
C ASP B 542 23.30 -23.73 64.81
N GLU B 543 23.09 -24.79 65.60
CA GLU B 543 22.04 -25.76 65.31
C GLU B 543 20.71 -25.20 65.79
N CYS B 544 19.77 -25.03 64.86
CA CYS B 544 18.49 -24.40 65.19
C CYS B 544 17.55 -25.41 65.85
N VAL B 545 16.55 -24.86 66.52
CA VAL B 545 15.51 -25.66 67.16
C VAL B 545 14.15 -25.21 66.62
N VAL B 546 13.09 -25.80 67.13
CA VAL B 546 11.74 -25.26 66.95
C VAL B 546 11.36 -24.60 68.26
N ALA B 547 11.13 -23.29 68.21
CA ALA B 547 10.74 -22.53 69.38
C ALA B 547 9.29 -22.06 69.23
N LEU B 548 8.57 -22.07 70.34
CA LEU B 548 7.18 -21.63 70.40
C LEU B 548 7.19 -20.25 71.04
N CYS B 549 7.26 -19.21 70.20
CA CYS B 549 7.59 -17.89 70.69
C CYS B 549 6.62 -16.84 70.15
N ASP B 550 6.56 -15.72 70.90
CA ASP B 550 5.80 -14.56 70.48
C ASP B 550 6.45 -13.93 69.25
N GLN B 551 5.61 -13.33 68.40
CA GLN B 551 6.07 -12.81 67.13
C GLN B 551 4.92 -12.07 66.44
N TRP B 552 5.28 -11.05 65.69
CA TRP B 552 4.41 -10.49 64.67
C TRP B 552 4.60 -11.30 63.39
N TYR B 553 3.51 -11.77 62.82
CA TYR B 553 3.57 -12.67 61.68
C TYR B 553 2.62 -12.19 60.58
N LEU B 554 3.07 -12.38 59.34
CA LEU B 554 2.23 -12.19 58.17
C LEU B 554 1.32 -13.40 58.00
N ASP B 555 0.05 -13.13 57.78
CA ASP B 555 -1.01 -14.14 57.84
C ASP B 555 -1.22 -14.80 56.48
N TYR B 556 -0.14 -15.35 55.94
CA TYR B 556 -0.22 -15.97 54.62
C TYR B 556 -1.08 -17.22 54.60
N GLY B 557 -1.73 -17.58 55.71
CA GLY B 557 -2.60 -18.73 55.74
C GLY B 557 -4.05 -18.39 55.53
N GLU B 558 -4.39 -17.10 55.60
CA GLU B 558 -5.76 -16.65 55.44
C GLU B 558 -6.32 -17.14 54.11
N GLU B 559 -7.44 -17.86 54.17
CA GLU B 559 -7.98 -18.53 52.99
C GLU B 559 -8.28 -17.55 51.86
N ASN B 560 -8.91 -16.41 52.17
CA ASN B 560 -9.25 -15.44 51.14
C ASN B 560 -8.00 -14.88 50.48
N TRP B 561 -7.01 -14.50 51.30
CA TRP B 561 -5.74 -14.01 50.79
C TRP B 561 -5.05 -15.05 49.91
N LYS B 562 -5.05 -16.30 50.36
CA LYS B 562 -4.40 -17.36 49.58
C LYS B 562 -5.12 -17.57 48.25
N LYS B 563 -6.45 -17.54 48.25
CA LYS B 563 -7.19 -17.72 46.99
C LYS B 563 -6.91 -16.56 46.03
N GLN B 564 -6.84 -15.33 46.56
CA GLN B 564 -6.55 -14.19 45.70
C GLN B 564 -5.16 -14.28 45.11
N THR B 565 -4.16 -14.63 45.95
CA THR B 565 -2.80 -14.74 45.42
C THR B 565 -2.67 -15.91 44.45
N SER B 566 -3.50 -16.94 44.60
CA SER B 566 -3.51 -18.02 43.61
C SER B 566 -4.12 -17.55 42.29
N GLN B 567 -5.13 -16.66 42.36
CA GLN B 567 -5.62 -16.06 41.14
C GLN B 567 -4.52 -15.24 40.46
N CYS B 568 -3.76 -14.48 41.25
CA CYS B 568 -2.63 -13.74 40.70
C CYS B 568 -1.62 -14.67 40.06
N LEU B 569 -1.34 -15.80 40.70
CA LEU B 569 -0.43 -16.78 40.15
C LEU B 569 -0.97 -17.38 38.84
N LYS B 570 -2.29 -17.56 38.76
CA LYS B 570 -2.88 -18.09 37.53
C LYS B 570 -2.59 -17.17 36.35
N ASN B 571 -2.79 -15.86 36.54
CA ASN B 571 -2.60 -14.89 35.47
C ASN B 571 -1.15 -14.53 35.23
N LEU B 572 -0.23 -15.10 36.00
CA LEU B 572 1.19 -14.75 35.90
C LEU B 572 1.87 -15.61 34.83
N GLU B 573 2.79 -14.99 34.10
CA GLU B 573 3.60 -15.70 33.12
C GLU B 573 4.85 -16.23 33.82
N THR B 574 5.02 -17.56 33.84
CA THR B 574 6.15 -18.16 34.52
C THR B 574 7.12 -18.86 33.57
N PHE B 575 6.93 -18.70 32.26
CA PHE B 575 7.89 -19.12 31.24
C PHE B 575 8.08 -20.64 31.13
N CYS B 576 8.14 -21.36 32.25
CA CYS B 576 8.23 -22.81 32.17
C CYS B 576 7.27 -23.43 33.17
N GLU B 577 6.94 -24.71 32.94
CA GLU B 577 5.97 -25.40 33.79
C GLU B 577 6.53 -25.64 35.19
N GLU B 578 7.83 -25.87 35.31
CA GLU B 578 8.42 -26.21 36.59
C GLU B 578 8.33 -25.04 37.57
N THR B 579 8.51 -23.81 37.08
CA THR B 579 8.38 -22.65 37.96
C THR B 579 6.96 -22.53 38.49
N ARG B 580 5.96 -22.72 37.62
CA ARG B 580 4.57 -22.66 38.07
C ARG B 580 4.25 -23.74 39.08
N ARG B 581 4.75 -24.96 38.85
CA ARG B 581 4.54 -26.04 39.82
C ARG B 581 5.16 -25.69 41.17
N ASN B 582 6.37 -25.12 41.16
CA ASN B 582 7.04 -24.77 42.41
C ASN B 582 6.29 -23.65 43.14
N PHE B 583 5.78 -22.67 42.39
CA PHE B 583 4.93 -21.64 42.98
C PHE B 583 3.68 -22.25 43.60
N GLU B 584 3.03 -23.18 42.88
CA GLU B 584 1.84 -23.81 43.41
C GLU B 584 2.14 -24.55 44.72
N ALA B 585 3.27 -25.26 44.77
CA ALA B 585 3.62 -25.98 45.98
C ALA B 585 3.87 -25.03 47.14
N THR B 586 4.63 -23.95 46.89
CA THR B 586 4.88 -22.98 47.94
C THR B 586 3.58 -22.36 48.46
N LEU B 587 2.69 -21.97 47.55
CA LEU B 587 1.42 -21.39 47.98
C LEU B 587 0.58 -22.39 48.75
N GLY B 588 0.65 -23.67 48.40
CA GLY B 588 -0.08 -24.67 49.16
C GLY B 588 0.49 -24.87 50.55
N TRP B 589 1.81 -24.74 50.71
CA TRP B 589 2.48 -24.98 51.98
C TRP B 589 2.43 -23.78 52.91
N LEU B 590 2.46 -22.57 52.36
CA LEU B 590 2.73 -21.37 53.15
C LEU B 590 1.67 -21.17 54.22
N GLN B 591 2.13 -20.78 55.43
CA GLN B 591 1.26 -20.51 56.56
C GLN B 591 1.61 -19.18 57.21
N GLU B 592 1.66 -19.13 58.54
CA GLU B 592 2.15 -17.93 59.22
C GLU B 592 3.60 -17.69 58.87
N HIS B 593 3.98 -16.42 58.73
CA HIS B 593 5.38 -16.07 58.44
C HIS B 593 5.84 -15.03 59.46
N ALA B 594 6.62 -15.46 60.44
CA ALA B 594 7.15 -14.54 61.44
C ALA B 594 8.06 -13.52 60.77
N CYS B 595 7.70 -12.24 60.87
CA CYS B 595 8.38 -11.19 60.14
C CYS B 595 9.12 -10.22 61.05
N SER B 596 9.26 -10.53 62.33
CA SER B 596 9.92 -9.63 63.27
C SER B 596 11.27 -10.21 63.71
N ARG B 597 12.25 -9.33 63.84
CA ARG B 597 13.55 -9.64 64.41
C ARG B 597 13.85 -8.62 65.51
N THR B 598 14.73 -9.01 66.44
CA THR B 598 15.17 -8.11 67.49
C THR B 598 16.60 -7.64 67.32
N TYR B 599 17.32 -8.16 66.32
CA TYR B 599 18.73 -7.88 66.14
C TYR B 599 19.01 -7.79 64.65
N GLY B 600 19.86 -6.84 64.27
CA GLY B 600 20.25 -6.68 62.88
C GLY B 600 20.02 -5.26 62.41
N LEU B 601 19.90 -5.12 61.10
CA LEU B 601 19.64 -3.84 60.46
C LEU B 601 18.25 -3.87 59.84
N GLY B 602 17.63 -2.71 59.73
CA GLY B 602 16.37 -2.65 59.02
C GLY B 602 15.50 -1.51 59.53
N THR B 603 14.19 -1.70 59.37
CA THR B 603 13.19 -0.73 59.75
C THR B 603 12.37 -1.28 60.91
N HIS B 604 12.14 -0.45 61.92
CA HIS B 604 11.37 -0.85 63.09
C HIS B 604 9.88 -0.82 62.80
N LEU B 605 9.16 -1.75 63.41
CA LEU B 605 7.70 -1.73 63.33
C LEU B 605 7.17 -0.40 63.88
N PRO B 606 6.37 0.34 63.12
CA PRO B 606 5.95 1.68 63.57
C PRO B 606 5.13 1.64 64.85
N TRP B 607 4.51 0.52 65.19
CA TRP B 607 3.70 0.41 66.40
C TRP B 607 4.41 -0.29 67.56
N ASP B 608 5.61 -0.85 67.35
CA ASP B 608 6.36 -1.58 68.39
C ASP B 608 7.85 -1.54 68.02
N GLU B 609 8.49 -0.39 68.26
CA GLU B 609 9.81 -0.12 67.71
C GLU B 609 10.91 -0.89 68.42
N GLN B 610 10.55 -1.96 69.13
CA GLN B 610 11.53 -2.89 69.65
C GLN B 610 11.80 -4.04 68.70
N TRP B 611 10.97 -4.20 67.68
CA TRP B 611 11.18 -5.23 66.66
C TRP B 611 11.71 -4.60 65.38
N LEU B 612 12.54 -5.36 64.68
CA LEU B 612 12.97 -5.04 63.33
C LEU B 612 12.14 -5.86 62.34
N ILE B 613 12.07 -5.37 61.11
CA ILE B 613 11.44 -6.08 60.00
C ILE B 613 12.52 -6.84 59.25
N GLU B 614 12.35 -8.16 59.15
CA GLU B 614 13.36 -9.01 58.53
C GLU B 614 13.51 -8.68 57.04
N SER B 615 14.58 -9.23 56.46
CA SER B 615 14.93 -8.88 55.07
C SER B 615 13.93 -9.46 54.08
N LEU B 616 13.26 -10.57 54.42
CA LEU B 616 12.29 -11.17 53.51
C LEU B 616 10.89 -10.61 53.68
N SER B 617 10.74 -9.49 54.41
CA SER B 617 9.42 -8.88 54.60
C SER B 617 9.39 -7.40 54.28
N ASP B 618 10.51 -6.68 54.30
CA ASP B 618 10.54 -5.29 53.87
C ASP B 618 10.87 -5.15 52.40
N SER B 619 10.66 -6.21 51.62
CA SER B 619 11.21 -6.27 50.28
C SER B 619 10.21 -6.83 49.29
N THR B 620 8.91 -6.66 49.55
CA THR B 620 7.92 -7.27 48.68
C THR B 620 7.35 -6.32 47.65
N ILE B 621 7.26 -5.02 47.94
CA ILE B 621 6.66 -4.07 47.01
C ILE B 621 7.54 -2.84 46.82
N TYR B 622 8.86 -2.98 46.94
CA TYR B 622 9.74 -1.82 46.75
C TYR B 622 9.81 -1.39 45.29
N MET B 623 9.44 -2.28 44.36
CA MET B 623 9.36 -1.90 42.96
C MET B 623 8.48 -0.67 42.76
N ALA B 624 7.46 -0.50 43.60
CA ALA B 624 6.65 0.70 43.55
C ALA B 624 7.45 1.93 43.99
N PHE B 625 8.37 1.74 44.93
CA PHE B 625 9.22 2.85 45.37
C PHE B 625 10.20 3.26 44.27
N TYR B 626 10.59 2.31 43.40
CA TYR B 626 11.41 2.67 42.25
C TYR B 626 10.81 3.83 41.46
N THR B 627 9.48 3.82 41.28
CA THR B 627 8.84 4.74 40.36
C THR B 627 8.87 6.19 40.83
N VAL B 628 9.18 6.44 42.10
CA VAL B 628 9.22 7.79 42.63
C VAL B 628 10.51 8.11 43.35
N ALA B 629 11.44 7.15 43.43
CA ALA B 629 12.73 7.42 44.09
C ALA B 629 13.45 8.60 43.47
N HIS B 630 13.52 8.66 42.14
CA HIS B 630 14.29 9.71 41.48
C HIS B 630 13.79 11.11 41.82
N LEU B 631 12.50 11.24 42.15
CA LEU B 631 11.96 12.52 42.59
C LEU B 631 12.01 12.68 44.11
N LEU B 632 12.04 11.58 44.86
CA LEU B 632 12.04 11.71 46.31
C LEU B 632 13.44 11.94 46.87
N GLN B 633 14.42 11.11 46.45
CA GLN B 633 15.78 11.23 46.94
C GLN B 633 16.81 11.35 45.85
N GLY B 634 16.40 11.39 44.58
CA GLY B 634 17.28 11.66 43.46
C GLY B 634 18.65 11.03 43.50
N GLY B 635 18.73 9.71 43.48
CA GLY B 635 19.99 9.03 43.26
C GLY B 635 20.99 9.06 44.40
N ASN B 636 20.77 9.86 45.45
CA ASN B 636 21.64 9.84 46.62
C ASN B 636 21.31 8.62 47.47
N LEU B 637 22.22 7.65 47.49
CA LEU B 637 21.89 6.29 47.94
C LEU B 637 21.29 6.29 49.33
N HIS B 638 21.91 7.00 50.27
CA HIS B 638 21.42 7.01 51.64
C HIS B 638 20.23 7.94 51.83
N GLY B 639 19.82 8.66 50.77
CA GLY B 639 18.67 9.55 50.86
C GLY B 639 18.88 10.72 51.81
N GLN B 640 20.12 11.16 51.99
CA GLN B 640 20.44 12.22 52.93
C GLN B 640 20.52 13.59 52.28
N ALA B 641 20.53 13.66 50.96
CA ALA B 641 20.65 14.93 50.25
C ALA B 641 19.28 15.59 50.13
N GLU B 642 19.27 16.81 49.59
CA GLU B 642 18.03 17.54 49.43
C GLU B 642 17.20 16.89 48.32
N SER B 643 15.89 16.89 48.51
CA SER B 643 15.01 16.21 47.57
C SER B 643 14.92 16.99 46.27
N PRO B 644 14.85 16.30 45.12
CA PRO B 644 14.60 17.02 43.85
C PRO B 644 13.35 17.86 43.88
N LEU B 645 12.27 17.36 44.48
CA LEU B 645 11.00 18.06 44.57
C LEU B 645 10.85 18.85 45.86
N GLY B 646 11.90 18.91 46.70
CA GLY B 646 11.81 19.64 47.95
C GLY B 646 10.86 19.05 48.95
N ILE B 647 10.64 17.75 48.92
CA ILE B 647 9.78 17.06 49.88
C ILE B 647 10.67 16.47 50.97
N ARG B 648 10.49 16.94 52.21
CA ARG B 648 11.23 16.40 53.33
C ARG B 648 10.66 15.03 53.72
N PRO B 649 11.52 14.11 54.15
CA PRO B 649 11.04 12.74 54.43
C PRO B 649 9.98 12.68 55.51
N GLN B 650 10.02 13.56 56.51
CA GLN B 650 8.97 13.60 57.51
C GLN B 650 7.62 14.03 56.94
N GLN B 651 7.61 14.75 55.80
CA GLN B 651 6.35 15.14 55.19
C GLN B 651 5.61 13.97 54.54
N MET B 652 6.26 12.81 54.38
CA MET B 652 5.68 11.67 53.67
C MET B 652 4.89 10.81 54.65
N THR B 653 3.69 11.27 54.97
CA THR B 653 2.83 10.57 55.92
C THR B 653 2.02 9.49 55.22
N LYS B 654 1.37 8.65 56.03
CA LYS B 654 0.59 7.54 55.51
C LYS B 654 -0.42 8.00 54.46
N GLU B 655 -1.02 9.17 54.67
CA GLU B 655 -2.03 9.66 53.73
C GLU B 655 -1.40 10.16 52.44
N VAL B 656 -0.19 10.72 52.53
CA VAL B 656 0.52 11.12 51.31
C VAL B 656 0.87 9.90 50.47
N TRP B 657 1.44 8.86 51.09
CA TRP B 657 1.71 7.62 50.38
C TRP B 657 0.42 7.05 49.81
N ASP B 658 -0.67 7.09 50.57
CA ASP B 658 -1.98 6.63 50.09
C ASP B 658 -2.37 7.34 48.80
N TYR B 659 -2.18 8.66 48.77
CA TYR B 659 -2.50 9.41 47.56
C TYR B 659 -1.58 8.99 46.41
N VAL B 660 -0.32 8.70 46.72
CA VAL B 660 0.63 8.37 45.66
C VAL B 660 0.28 7.03 45.02
N PHE B 661 -0.10 6.04 45.83
CA PHE B 661 -0.18 4.67 45.34
C PHE B 661 -1.59 4.13 45.13
N PHE B 662 -2.60 4.73 45.75
CA PHE B 662 -3.99 4.30 45.58
C PHE B 662 -4.71 5.38 44.79
N LYS B 663 -5.09 5.07 43.54
CA LYS B 663 -5.61 6.10 42.65
C LYS B 663 -6.90 6.71 43.19
N GLU B 664 -7.63 5.98 44.04
CA GLU B 664 -8.92 6.43 44.54
C GLU B 664 -8.83 7.10 45.91
N ALA B 665 -7.62 7.36 46.40
CA ALA B 665 -7.45 8.01 47.68
C ALA B 665 -7.75 9.50 47.58
N PRO B 666 -8.12 10.13 48.70
CA PRO B 666 -8.30 11.58 48.70
C PRO B 666 -6.98 12.32 48.80
N PHE B 667 -6.98 13.55 48.30
CA PHE B 667 -5.80 14.39 48.43
C PHE B 667 -5.57 14.71 49.91
N PRO B 668 -4.40 14.39 50.46
CA PRO B 668 -4.22 14.47 51.92
C PRO B 668 -3.99 15.89 52.41
N LYS B 669 -3.92 16.01 53.73
CA LYS B 669 -3.68 17.28 54.40
C LYS B 669 -2.17 17.40 54.63
N THR B 670 -1.49 18.06 53.71
CA THR B 670 -0.06 18.32 53.86
C THR B 670 0.28 19.66 53.22
N GLN B 671 1.43 20.19 53.62
CA GLN B 671 1.97 21.40 53.01
C GLN B 671 2.57 21.15 51.64
N ILE B 672 2.68 19.89 51.21
CA ILE B 672 3.24 19.59 49.90
C ILE B 672 2.31 20.13 48.81
N ALA B 673 2.89 20.82 47.84
CA ALA B 673 2.12 21.32 46.71
C ALA B 673 1.54 20.17 45.90
N LYS B 674 0.34 20.39 45.34
CA LYS B 674 -0.33 19.33 44.60
C LYS B 674 0.38 19.00 43.29
N GLU B 675 1.14 19.94 42.73
CA GLU B 675 1.89 19.63 41.50
C GLU B 675 2.90 18.52 41.74
N LYS B 676 3.63 18.60 42.85
CA LYS B 676 4.66 17.59 43.15
C LYS B 676 4.03 16.22 43.38
N LEU B 677 3.00 16.17 44.23
CA LEU B 677 2.34 14.91 44.50
C LEU B 677 1.71 14.33 43.24
N ASP B 678 1.20 15.19 42.34
CA ASP B 678 0.68 14.69 41.08
C ASP B 678 1.80 14.14 40.21
N GLN B 679 2.99 14.71 40.28
CA GLN B 679 4.13 14.12 39.57
C GLN B 679 4.40 12.71 40.09
N LEU B 680 4.44 12.54 41.42
CA LEU B 680 4.68 11.20 41.98
C LEU B 680 3.60 10.22 41.57
N LYS B 681 2.33 10.62 41.73
CA LYS B 681 1.20 9.78 41.36
C LYS B 681 1.25 9.41 39.88
N GLN B 682 1.64 10.36 39.04
CA GLN B 682 1.72 10.10 37.60
C GLN B 682 2.80 9.07 37.30
N GLU B 683 3.99 9.26 37.87
CA GLU B 683 5.06 8.29 37.67
C GLU B 683 4.58 6.89 38.04
N PHE B 684 3.94 6.75 39.21
CA PHE B 684 3.51 5.42 39.64
C PHE B 684 2.45 4.84 38.72
N GLU B 685 1.38 5.59 38.46
CA GLU B 685 0.30 5.06 37.63
C GLU B 685 0.76 4.77 36.20
N PHE B 686 1.82 5.45 35.74
CA PHE B 686 2.33 5.18 34.40
C PHE B 686 3.17 3.92 34.37
N TRP B 687 4.08 3.75 35.33
CA TRP B 687 5.05 2.67 35.21
C TRP B 687 4.49 1.32 35.65
N TYR B 688 3.68 1.29 36.71
CA TYR B 688 3.17 0.01 37.19
C TYR B 688 2.22 -0.61 36.16
N PRO B 689 2.14 -1.95 36.10
CA PRO B 689 2.83 -2.92 36.96
C PRO B 689 4.23 -3.31 36.51
N VAL B 690 4.79 -4.32 37.18
CA VAL B 690 6.12 -4.84 36.87
C VAL B 690 5.97 -5.93 35.81
N ASP B 691 6.38 -5.62 34.59
CA ASP B 691 6.24 -6.58 33.50
C ASP B 691 7.10 -7.81 33.74
N LEU B 692 8.30 -7.64 34.28
CA LEU B 692 9.25 -8.74 34.37
C LEU B 692 10.05 -8.64 35.67
N ARG B 693 10.24 -9.79 36.30
CA ARG B 693 11.12 -9.92 37.46
C ARG B 693 11.88 -11.23 37.28
N VAL B 694 13.19 -11.14 37.03
CA VAL B 694 14.06 -12.29 36.81
C VAL B 694 14.78 -12.61 38.10
N SER B 695 15.04 -13.89 38.34
CA SER B 695 15.69 -14.29 39.58
C SER B 695 16.20 -15.72 39.47
N GLY B 696 17.07 -16.08 40.39
CA GLY B 696 17.44 -17.47 40.55
C GLY B 696 16.30 -18.26 41.17
N LYS B 697 16.26 -19.56 40.87
CA LYS B 697 15.16 -20.41 41.33
C LYS B 697 15.12 -20.57 42.85
N ASP B 698 16.11 -20.05 43.56
CA ASP B 698 16.14 -20.12 45.01
C ASP B 698 15.23 -19.10 45.68
N LEU B 699 14.75 -18.09 44.95
CA LEU B 699 13.86 -17.10 45.51
C LEU B 699 12.39 -17.39 45.21
N VAL B 700 12.10 -18.39 44.38
CA VAL B 700 10.71 -18.76 44.15
C VAL B 700 10.02 -19.27 45.41
N PRO B 701 10.63 -20.14 46.23
CA PRO B 701 9.95 -20.60 47.45
C PRO B 701 9.73 -19.53 48.50
N ASN B 702 10.40 -18.38 48.43
CA ASN B 702 10.20 -17.39 49.48
C ASN B 702 9.86 -16.00 48.93
N HIS B 703 10.87 -15.26 48.46
CA HIS B 703 10.63 -13.85 48.11
C HIS B 703 9.51 -13.69 47.11
N LEU B 704 9.57 -14.42 46.00
CA LEU B 704 8.61 -14.16 44.91
C LEU B 704 7.19 -14.52 45.32
N SER B 705 7.01 -15.54 46.15
CA SER B 705 5.70 -15.85 46.66
C SER B 705 5.17 -14.72 47.55
N TYR B 706 6.01 -14.22 48.45
CA TYR B 706 5.62 -13.08 49.27
C TYR B 706 5.38 -11.84 48.40
N TYR B 707 6.02 -11.79 47.24
CA TYR B 707 5.88 -10.67 46.31
C TYR B 707 4.49 -10.64 45.69
N LEU B 708 4.04 -11.80 45.19
CA LEU B 708 2.66 -11.92 44.76
C LEU B 708 1.69 -11.61 45.90
N TYR B 709 1.92 -12.20 47.08
CA TYR B 709 1.02 -12.03 48.22
C TYR B 709 0.85 -10.56 48.57
N ASN B 710 1.96 -9.83 48.66
CA ASN B 710 1.88 -8.45 49.11
C ASN B 710 1.32 -7.54 48.04
N HIS B 711 1.55 -7.83 46.76
CA HIS B 711 0.88 -7.06 45.72
C HIS B 711 -0.64 -7.26 45.80
N VAL B 712 -1.07 -8.49 46.10
CA VAL B 712 -2.50 -8.74 46.29
C VAL B 712 -3.02 -7.96 47.51
N ALA B 713 -2.25 -7.94 48.58
CA ALA B 713 -2.72 -7.29 49.81
C ALA B 713 -2.81 -5.79 49.67
N MET B 714 -1.90 -5.16 48.91
CA MET B 714 -1.90 -3.70 48.86
C MET B 714 -2.92 -3.17 47.86
N TRP B 715 -3.02 -3.78 46.68
CA TRP B 715 -3.95 -3.34 45.63
C TRP B 715 -4.94 -4.47 45.36
N PRO B 716 -5.82 -4.78 46.32
CA PRO B 716 -6.67 -5.97 46.17
C PRO B 716 -7.78 -5.81 45.14
N GLU B 717 -8.07 -4.58 44.71
CA GLU B 717 -9.16 -4.33 43.77
C GLU B 717 -8.67 -4.01 42.37
N GLN B 718 -7.36 -3.94 42.17
CA GLN B 718 -6.77 -3.62 40.87
C GLN B 718 -5.88 -4.79 40.47
N SER B 719 -6.47 -5.78 39.79
CA SER B 719 -5.68 -6.88 39.27
C SER B 719 -4.65 -6.41 38.24
N ASP B 720 -4.90 -5.29 37.57
CA ASP B 720 -3.95 -4.72 36.64
C ASP B 720 -2.80 -3.99 37.33
N LYS B 721 -2.67 -4.13 38.64
CA LYS B 721 -1.52 -3.61 39.37
C LYS B 721 -0.62 -4.73 39.88
N TRP B 722 -0.96 -5.97 39.60
CA TRP B 722 -0.24 -7.13 40.07
C TRP B 722 0.89 -7.49 39.12
N PRO B 723 1.87 -8.26 39.57
CA PRO B 723 2.99 -8.62 38.69
C PRO B 723 2.51 -9.38 37.46
N THR B 724 3.17 -9.11 36.33
CA THR B 724 2.82 -9.72 35.05
C THR B 724 3.57 -11.02 34.79
N ALA B 725 4.89 -11.03 34.97
CA ALA B 725 5.71 -12.16 34.61
C ALA B 725 6.84 -12.33 35.61
N VAL B 726 7.31 -13.56 35.73
CA VAL B 726 8.39 -13.94 36.63
C VAL B 726 9.18 -15.04 35.95
N ARG B 727 10.49 -14.83 35.79
CA ARG B 727 11.35 -15.77 35.08
C ARG B 727 12.48 -16.21 35.99
N ALA B 728 12.62 -17.52 36.16
CA ALA B 728 13.64 -18.08 37.02
C ALA B 728 14.74 -18.75 36.19
N ASN B 729 15.95 -18.71 36.72
CA ASN B 729 17.09 -19.39 36.14
C ASN B 729 17.81 -20.16 37.23
N GLY B 730 18.60 -21.16 36.81
CA GLY B 730 19.41 -21.89 37.75
C GLY B 730 20.58 -21.05 38.22
N HIS B 731 21.48 -21.68 38.95
CA HIS B 731 22.66 -20.98 39.42
C HIS B 731 23.84 -21.21 38.46
N LEU B 732 24.79 -20.29 38.52
CA LEU B 732 25.85 -20.19 37.52
C LEU B 732 27.07 -21.02 37.94
N LEU B 733 27.47 -21.94 37.06
CA LEU B 733 28.74 -22.64 37.20
C LEU B 733 29.83 -21.90 36.44
N LEU B 734 31.07 -22.07 36.89
CA LEU B 734 32.23 -21.48 36.23
C LEU B 734 33.12 -22.60 35.73
N ASN B 735 33.31 -22.66 34.41
CA ASN B 735 34.11 -23.70 33.76
C ASN B 735 33.59 -25.10 34.13
N SER B 736 32.27 -25.21 34.24
CA SER B 736 31.56 -26.45 34.57
C SER B 736 31.85 -26.92 36.00
N GLU B 737 32.26 -26.02 36.88
CA GLU B 737 32.55 -26.34 38.27
C GLU B 737 31.78 -25.39 39.17
N LYS B 738 31.48 -25.84 40.39
CA LYS B 738 30.84 -24.98 41.36
C LYS B 738 31.70 -23.75 41.63
N MET B 739 31.12 -22.57 41.45
CA MET B 739 31.85 -21.34 41.70
C MET B 739 32.13 -21.23 43.19
N SER B 740 33.41 -21.18 43.55
CA SER B 740 33.81 -21.27 44.95
C SER B 740 35.10 -20.48 45.16
N LYS B 741 35.10 -19.61 46.18
CA LYS B 741 36.32 -18.87 46.50
C LYS B 741 37.42 -19.79 46.99
N SER B 742 37.06 -20.92 47.61
CA SER B 742 38.09 -21.75 48.23
C SER B 742 38.92 -22.50 47.20
N THR B 743 38.34 -22.88 46.07
CA THR B 743 39.09 -23.68 45.10
C THR B 743 39.78 -22.85 44.02
N GLY B 744 39.35 -21.60 43.81
CA GLY B 744 40.03 -20.76 42.85
C GLY B 744 39.15 -20.19 41.76
N ASN B 745 38.27 -21.01 41.17
CA ASN B 745 37.41 -20.49 40.10
C ASN B 745 36.23 -19.77 40.77
N PHE B 746 36.37 -18.45 40.83
CA PHE B 746 35.36 -17.56 41.38
C PHE B 746 35.71 -16.18 40.87
N LEU B 747 34.77 -15.54 40.17
CA LEU B 747 34.99 -14.21 39.63
C LEU B 747 33.98 -13.26 40.23
N THR B 748 34.46 -12.19 40.84
CA THR B 748 33.57 -11.07 41.13
C THR B 748 33.27 -10.31 39.84
N LEU B 749 32.24 -9.47 39.90
CA LEU B 749 31.84 -8.73 38.71
C LEU B 749 32.96 -7.84 38.19
N THR B 750 33.67 -7.16 39.10
CA THR B 750 34.74 -6.27 38.66
C THR B 750 35.94 -7.06 38.13
N GLN B 751 36.21 -8.26 38.69
CA GLN B 751 37.26 -9.11 38.13
C GLN B 751 36.89 -9.60 36.73
N ALA B 752 35.63 -10.01 36.54
CA ALA B 752 35.20 -10.48 35.24
C ALA B 752 35.28 -9.36 34.19
N ILE B 753 34.94 -8.13 34.57
CA ILE B 753 35.05 -7.03 33.61
C ILE B 753 36.51 -6.74 33.30
N ASP B 754 37.36 -6.68 34.34
CA ASP B 754 38.79 -6.52 34.08
C ASP B 754 39.31 -7.56 33.11
N LYS B 755 38.84 -8.81 33.24
CA LYS B 755 39.43 -9.90 32.50
C LYS B 755 38.86 -10.05 31.08
N PHE B 756 37.61 -9.67 30.84
CA PHE B 756 37.00 -9.86 29.52
C PHE B 756 36.38 -8.61 28.92
N SER B 757 36.46 -7.45 29.60
CA SER B 757 35.69 -6.27 29.23
C SER B 757 34.19 -6.53 29.35
N ALA B 758 33.39 -5.46 29.33
CA ALA B 758 31.95 -5.64 29.45
C ALA B 758 31.42 -6.52 28.33
N ASP B 759 31.70 -6.16 27.08
CA ASP B 759 31.04 -6.83 25.96
C ASP B 759 31.41 -8.31 25.90
N GLY B 760 32.66 -8.66 26.19
CA GLY B 760 33.04 -10.06 26.16
C GLY B 760 32.32 -10.87 27.22
N MET B 761 32.31 -10.35 28.45
CA MET B 761 31.58 -11.03 29.52
C MET B 761 30.08 -11.08 29.21
N ARG B 762 29.51 -9.96 28.78
CA ARG B 762 28.09 -9.93 28.45
C ARG B 762 27.77 -10.97 27.39
N LEU B 763 28.65 -11.15 26.41
CA LEU B 763 28.41 -12.14 25.37
C LEU B 763 28.45 -13.54 25.96
N ALA B 764 29.47 -13.84 26.75
CA ALA B 764 29.57 -15.18 27.32
C ALA B 764 28.45 -15.46 28.32
N LEU B 765 27.80 -14.43 28.85
CA LEU B 765 26.64 -14.61 29.71
C LEU B 765 25.39 -14.91 28.89
N ALA B 766 25.27 -14.31 27.71
CA ALA B 766 24.17 -14.65 26.83
C ALA B 766 24.19 -16.11 26.41
N ASP B 767 25.34 -16.76 26.52
CA ASP B 767 25.51 -18.13 26.03
C ASP B 767 25.48 -19.17 27.15
N ALA B 768 25.25 -18.76 28.40
CA ALA B 768 25.47 -19.64 29.54
C ALA B 768 24.32 -20.60 29.80
N GLY B 769 23.08 -20.22 29.47
CA GLY B 769 21.97 -21.11 29.76
C GLY B 769 20.60 -20.48 29.75
N ASP B 770 19.65 -21.15 29.09
CA ASP B 770 18.30 -20.63 28.90
C ASP B 770 17.25 -21.36 29.73
N THR B 771 17.64 -22.35 30.52
CA THR B 771 16.69 -23.15 31.28
C THR B 771 16.77 -22.78 32.75
N VAL B 772 16.19 -23.64 33.60
CA VAL B 772 16.31 -23.48 35.05
C VAL B 772 17.36 -24.42 35.63
N GLU B 773 17.95 -25.29 34.81
CA GLU B 773 19.09 -26.09 35.23
C GLU B 773 20.35 -25.25 35.21
N ASP B 774 21.36 -25.71 35.97
CA ASP B 774 22.58 -24.94 36.16
C ASP B 774 23.13 -24.42 34.84
N ALA B 775 23.61 -23.18 34.86
CA ALA B 775 24.21 -22.53 33.71
C ALA B 775 25.73 -22.52 33.85
N ASN B 776 26.40 -22.33 32.71
CA ASN B 776 27.86 -22.46 32.65
C ASN B 776 28.45 -21.24 31.96
N PHE B 777 29.31 -20.52 32.67
CA PHE B 777 30.09 -19.44 32.09
C PHE B 777 31.47 -20.00 31.75
N VAL B 778 31.73 -20.19 30.46
CA VAL B 778 32.96 -20.81 30.00
C VAL B 778 33.92 -19.70 29.61
N GLU B 779 35.10 -19.68 30.25
CA GLU B 779 36.07 -18.63 29.99
C GLU B 779 36.69 -18.76 28.61
N ALA B 780 36.92 -19.99 28.17
CA ALA B 780 37.39 -20.20 26.81
C ALA B 780 36.42 -19.63 25.80
N MET B 781 35.12 -19.83 26.03
CA MET B 781 34.13 -19.27 25.13
C MET B 781 34.18 -17.75 25.14
N ALA B 782 34.40 -17.16 26.32
CA ALA B 782 34.49 -15.70 26.42
C ALA B 782 35.64 -15.17 25.58
N ASP B 783 36.83 -15.78 25.72
CA ASP B 783 37.97 -15.39 24.90
C ASP B 783 37.68 -15.57 23.42
N ALA B 784 37.11 -16.72 23.05
CA ALA B 784 36.78 -16.97 21.65
C ALA B 784 35.86 -15.91 21.11
N GLY B 785 34.83 -15.54 21.88
CA GLY B 785 33.91 -14.50 21.45
C GLY B 785 34.54 -13.13 21.36
N ILE B 786 35.53 -12.84 22.21
CA ILE B 786 36.26 -11.58 22.06
C ILE B 786 37.02 -11.57 20.74
N LEU B 787 37.69 -12.68 20.43
CA LEU B 787 38.35 -12.80 19.13
C LEU B 787 37.36 -12.61 18.00
N ARG B 788 36.17 -13.19 18.12
CA ARG B 788 35.19 -13.11 17.04
C ARG B 788 34.64 -11.71 16.88
N LEU B 789 34.46 -11.00 18.00
CA LEU B 789 34.01 -9.60 17.93
C LEU B 789 35.06 -8.75 17.24
N TYR B 790 36.35 -8.98 17.55
CA TYR B 790 37.41 -8.25 16.86
C TYR B 790 37.40 -8.55 15.37
N THR B 791 37.29 -9.84 15.01
CA THR B 791 37.20 -10.21 13.60
C THR B 791 36.09 -9.42 12.90
N TRP B 792 34.91 -9.38 13.50
CA TRP B 792 33.80 -8.70 12.83
C TRP B 792 34.03 -7.19 12.75
N VAL B 793 34.55 -6.57 13.81
CA VAL B 793 34.77 -5.13 13.76
C VAL B 793 35.78 -4.80 12.67
N GLU B 794 36.84 -5.59 12.56
CA GLU B 794 37.85 -5.32 11.54
C GLU B 794 37.30 -5.55 10.14
N TRP B 795 36.42 -6.54 9.98
CA TRP B 795 35.76 -6.73 8.70
C TRP B 795 34.91 -5.52 8.34
N VAL B 796 34.21 -4.96 9.33
CA VAL B 796 33.39 -3.77 9.09
C VAL B 796 34.28 -2.61 8.65
N LYS B 797 35.43 -2.44 9.31
CA LYS B 797 36.35 -1.37 8.92
C LYS B 797 36.85 -1.56 7.49
N GLU B 798 37.20 -2.81 7.14
CA GLU B 798 37.62 -3.11 5.78
C GLU B 798 36.54 -2.79 4.77
N MET B 799 35.29 -3.15 5.06
CA MET B 799 34.21 -2.91 4.12
C MET B 799 33.88 -1.42 4.00
N VAL B 800 34.10 -0.66 5.07
CA VAL B 800 33.88 0.78 4.99
C VAL B 800 34.97 1.43 4.14
N ALA B 801 36.22 0.97 4.30
CA ALA B 801 37.32 1.51 3.50
C ALA B 801 37.09 1.28 2.01
N ASN B 802 36.81 0.04 1.61
CA ASN B 802 36.68 -0.32 0.21
C ASN B 802 35.26 -0.08 -0.30
N TRP B 803 34.69 1.09 0.00
CA TRP B 803 33.29 1.34 -0.36
C TRP B 803 33.13 1.45 -1.87
N ASP B 804 34.14 1.95 -2.57
CA ASP B 804 34.07 2.06 -4.02
C ASP B 804 34.41 0.75 -4.72
N SER B 805 35.14 -0.15 -4.05
CA SER B 805 35.64 -1.38 -4.67
C SER B 805 34.65 -2.53 -4.60
N LEU B 806 33.35 -2.25 -4.55
CA LEU B 806 32.34 -3.29 -4.39
C LEU B 806 31.30 -3.20 -5.49
N ARG B 807 30.71 -4.35 -5.80
CA ARG B 807 29.74 -4.45 -6.88
C ARG B 807 28.52 -3.58 -6.61
N SER B 808 27.96 -3.00 -7.67
CA SER B 808 26.72 -2.23 -7.55
C SER B 808 25.67 -2.75 -8.51
N GLY B 809 24.63 -1.95 -8.75
CA GLY B 809 23.58 -2.31 -9.68
C GLY B 809 22.52 -3.17 -9.05
N PRO B 810 22.13 -4.25 -9.75
CA PRO B 810 21.11 -5.15 -9.20
C PRO B 810 21.71 -6.31 -8.42
N ALA B 811 21.14 -6.59 -7.23
CA ALA B 811 21.56 -7.74 -6.43
C ALA B 811 20.69 -8.95 -6.79
N SER B 812 20.84 -9.39 -8.04
CA SER B 812 20.07 -10.49 -8.59
C SER B 812 20.88 -11.77 -8.72
N THR B 813 22.15 -11.76 -8.32
CA THR B 813 22.97 -12.97 -8.36
C THR B 813 22.34 -14.05 -7.47
N PHE B 814 22.53 -15.30 -7.86
CA PHE B 814 22.04 -16.43 -7.08
C PHE B 814 22.49 -16.31 -5.62
N ASN B 815 23.76 -15.99 -5.41
CA ASN B 815 24.26 -15.84 -4.05
C ASN B 815 23.69 -14.61 -3.36
N ASP B 816 23.40 -13.54 -4.13
CA ASP B 816 22.74 -12.39 -3.54
C ASP B 816 21.36 -12.75 -3.00
N ARG B 817 20.60 -13.53 -3.77
CA ARG B 817 19.28 -13.96 -3.33
C ARG B 817 19.37 -14.89 -2.13
N VAL B 818 20.30 -15.85 -2.17
CA VAL B 818 20.49 -16.76 -1.04
C VAL B 818 20.82 -15.97 0.22
N PHE B 819 21.76 -15.02 0.10
CA PHE B 819 22.20 -14.26 1.25
C PHE B 819 21.08 -13.40 1.80
N ALA B 820 20.28 -12.79 0.91
CA ALA B 820 19.12 -12.02 1.37
C ALA B 820 18.16 -12.90 2.15
N SER B 821 17.89 -14.10 1.65
CA SER B 821 16.95 -14.99 2.34
C SER B 821 17.49 -15.43 3.69
N GLU B 822 18.79 -15.74 3.76
CA GLU B 822 19.38 -16.14 5.03
C GLU B 822 19.37 -14.98 6.03
N LEU B 823 19.62 -13.76 5.54
CA LEU B 823 19.59 -12.59 6.41
C LEU B 823 18.20 -12.38 7.00
N ASN B 824 17.17 -12.45 6.16
CA ASN B 824 15.82 -12.24 6.67
C ASN B 824 15.37 -13.38 7.59
N ALA B 825 15.71 -14.63 7.24
CA ALA B 825 15.39 -15.74 8.12
C ALA B 825 16.05 -15.58 9.47
N GLY B 826 17.29 -15.06 9.49
CA GLY B 826 17.95 -14.79 10.75
C GLY B 826 17.23 -13.72 11.55
N ILE B 827 16.79 -12.65 10.88
CA ILE B 827 16.04 -11.61 11.59
C ILE B 827 14.80 -12.20 12.24
N ILE B 828 14.10 -13.07 11.52
CA ILE B 828 12.86 -13.63 12.06
C ILE B 828 13.14 -14.57 13.23
N LYS B 829 14.07 -15.51 13.04
CA LYS B 829 14.38 -16.46 14.11
C LYS B 829 14.90 -15.74 15.34
N THR B 830 15.72 -14.71 15.16
CA THR B 830 16.27 -13.99 16.29
C THR B 830 15.21 -13.18 17.00
N ASP B 831 14.29 -12.56 16.25
CA ASP B 831 13.15 -11.91 16.89
C ASP B 831 12.39 -12.91 17.76
N GLN B 832 12.13 -14.09 17.22
CA GLN B 832 11.35 -15.08 17.98
C GLN B 832 12.11 -15.54 19.23
N ASN B 833 13.42 -15.73 19.11
CA ASN B 833 14.19 -16.18 20.27
C ASN B 833 14.29 -15.10 21.34
N TYR B 834 14.43 -13.84 20.93
CA TYR B 834 14.43 -12.73 21.88
C TYR B 834 13.09 -12.62 22.59
N GLU B 835 11.99 -12.78 21.84
CA GLU B 835 10.66 -12.61 22.42
C GLU B 835 10.39 -13.64 23.50
N LYS B 836 10.87 -14.87 23.31
CA LYS B 836 10.77 -15.91 24.32
C LYS B 836 11.84 -15.80 25.40
N MET B 837 12.72 -14.80 25.32
CA MET B 837 13.84 -14.63 26.25
C MET B 837 14.73 -15.87 26.27
N MET B 838 14.96 -16.43 25.08
CA MET B 838 15.94 -17.50 24.86
C MET B 838 17.20 -16.86 24.31
N PHE B 839 18.00 -16.29 25.22
CA PHE B 839 19.12 -15.47 24.78
C PHE B 839 20.26 -16.31 24.21
N LYS B 840 20.39 -17.57 24.63
CA LYS B 840 21.37 -18.45 24.00
C LYS B 840 20.99 -18.77 22.56
N GLU B 841 19.71 -19.09 22.33
CA GLU B 841 19.26 -19.31 20.95
C GLU B 841 19.30 -18.03 20.14
N ALA B 842 19.03 -16.88 20.78
CA ALA B 842 19.15 -15.60 20.10
C ALA B 842 20.59 -15.36 19.65
N LEU B 843 21.56 -15.61 20.54
CA LEU B 843 22.96 -15.48 20.16
C LEU B 843 23.34 -16.48 19.09
N LYS B 844 22.71 -17.66 19.08
CA LYS B 844 23.01 -18.64 18.04
C LYS B 844 22.54 -18.15 16.67
N THR B 845 21.26 -17.78 16.56
CA THR B 845 20.70 -17.43 15.27
C THR B 845 21.06 -16.02 14.81
N GLY B 846 21.51 -15.15 15.71
CA GLY B 846 21.68 -13.75 15.36
C GLY B 846 23.12 -13.29 15.37
N PHE B 847 24.05 -14.20 15.63
CA PHE B 847 25.47 -13.86 15.56
C PHE B 847 26.27 -14.99 14.90
N PHE B 848 26.23 -16.19 15.49
CA PHE B 848 27.02 -17.29 14.95
C PHE B 848 26.53 -17.70 13.57
N GLU B 849 25.23 -17.97 13.43
CA GLU B 849 24.68 -18.32 12.12
C GLU B 849 24.69 -17.13 11.16
N PHE B 850 24.47 -15.93 11.68
CA PHE B 850 24.53 -14.73 10.85
C PHE B 850 25.90 -14.59 10.21
N GLN B 851 26.96 -14.65 11.03
CA GLN B 851 28.31 -14.56 10.51
C GLN B 851 28.67 -15.75 9.63
N ALA B 852 28.11 -16.93 9.92
CA ALA B 852 28.35 -18.08 9.05
C ALA B 852 27.77 -17.86 7.67
N ALA B 853 26.57 -17.29 7.58
CA ALA B 853 25.98 -16.98 6.30
C ALA B 853 26.78 -15.90 5.57
N LYS B 854 27.31 -14.93 6.31
CA LYS B 854 28.14 -13.90 5.67
C LYS B 854 29.45 -14.49 5.14
N ASP B 855 30.06 -15.40 5.88
CA ASP B 855 31.27 -16.07 5.39
C ASP B 855 30.97 -16.89 4.13
N LYS B 856 29.84 -17.60 4.13
CA LYS B 856 29.45 -18.36 2.94
C LYS B 856 29.24 -17.42 1.75
N TYR B 857 28.62 -16.27 1.98
CA TYR B 857 28.38 -15.32 0.90
C TYR B 857 29.69 -14.76 0.35
N ARG B 858 30.63 -14.42 1.22
CA ARG B 858 31.92 -13.93 0.75
C ARG B 858 32.65 -15.01 -0.04
N GLU B 859 32.68 -16.24 0.48
CA GLU B 859 33.41 -17.31 -0.18
C GLU B 859 32.87 -17.59 -1.58
N LEU B 860 31.54 -17.55 -1.73
CA LEU B 860 30.90 -17.91 -2.99
C LEU B 860 30.71 -16.72 -3.93
N ALA B 861 30.81 -15.48 -3.43
CA ALA B 861 30.72 -14.30 -4.27
C ALA B 861 31.96 -14.22 -5.15
N VAL B 862 31.98 -15.06 -6.19
CA VAL B 862 33.12 -15.12 -7.08
C VAL B 862 33.27 -13.80 -7.84
N GLU B 863 32.16 -13.10 -8.08
CA GLU B 863 32.19 -11.80 -8.73
C GLU B 863 32.31 -10.65 -7.74
N GLY B 864 32.48 -10.94 -6.46
CA GLY B 864 32.51 -9.89 -5.45
C GLY B 864 31.16 -9.64 -4.81
N MET B 865 31.21 -9.30 -3.52
CA MET B 865 29.99 -9.07 -2.77
C MET B 865 29.33 -7.75 -3.18
N HIS B 866 28.00 -7.74 -3.18
CA HIS B 866 27.23 -6.56 -3.55
C HIS B 866 27.23 -5.55 -2.41
N ARG B 867 27.35 -4.27 -2.77
CA ARG B 867 27.57 -3.22 -1.78
C ARG B 867 26.37 -3.03 -0.87
N GLU B 868 25.18 -2.88 -1.46
CA GLU B 868 24.00 -2.63 -0.63
C GLU B 868 23.69 -3.81 0.27
N LEU B 869 23.91 -5.03 -0.22
CA LEU B 869 23.75 -6.20 0.64
C LEU B 869 24.73 -6.17 1.80
N VAL B 870 25.99 -5.79 1.54
CA VAL B 870 26.99 -5.76 2.60
C VAL B 870 26.60 -4.75 3.67
N PHE B 871 26.18 -3.56 3.28
CA PHE B 871 25.85 -2.57 4.29
C PHE B 871 24.53 -2.87 4.99
N ARG B 872 23.58 -3.48 4.29
CA ARG B 872 22.37 -3.98 4.97
C ARG B 872 22.74 -5.02 6.02
N PHE B 873 23.62 -5.96 5.67
CA PHE B 873 24.03 -6.96 6.63
C PHE B 873 24.72 -6.33 7.83
N ILE B 874 25.61 -5.37 7.59
CA ILE B 874 26.30 -4.73 8.71
C ILE B 874 25.30 -4.05 9.64
N GLU B 875 24.37 -3.28 9.07
CA GLU B 875 23.37 -2.60 9.88
C GLU B 875 22.54 -3.59 10.68
N VAL B 876 21.99 -4.61 10.00
CA VAL B 876 21.09 -5.54 10.66
C VAL B 876 21.83 -6.34 11.73
N GLN B 877 23.06 -6.79 11.44
CA GLN B 877 23.83 -7.54 12.43
C GLN B 877 24.12 -6.68 13.64
N THR B 878 24.48 -5.41 13.43
CA THR B 878 24.74 -4.53 14.56
C THR B 878 23.50 -4.37 15.41
N LEU B 879 22.33 -4.25 14.77
CA LEU B 879 21.10 -4.13 15.55
C LEU B 879 20.79 -5.43 16.30
N LEU B 880 21.02 -6.58 15.66
CA LEU B 880 20.71 -7.85 16.30
C LEU B 880 21.60 -8.10 17.51
N LEU B 881 22.87 -7.71 17.43
CA LEU B 881 23.81 -7.97 18.51
C LEU B 881 23.73 -6.92 19.62
N ALA B 882 23.03 -5.82 19.39
CA ALA B 882 23.05 -4.70 20.33
C ALA B 882 22.55 -5.01 21.74
N PRO B 883 21.56 -5.90 21.96
CA PRO B 883 21.21 -6.21 23.35
C PRO B 883 22.37 -6.75 24.16
N PHE B 884 23.22 -7.58 23.54
CA PHE B 884 24.32 -8.26 24.22
C PHE B 884 25.58 -7.41 24.28
N CYS B 885 25.92 -6.72 23.20
CA CYS B 885 27.16 -5.94 23.10
C CYS B 885 26.82 -4.51 22.71
N PRO B 886 26.24 -3.73 23.61
CA PRO B 886 25.82 -2.36 23.24
C PRO B 886 26.98 -1.43 22.97
N HIS B 887 28.11 -1.59 23.65
CA HIS B 887 29.23 -0.68 23.44
C HIS B 887 29.82 -0.86 22.04
N LEU B 888 30.22 -2.08 21.70
CA LEU B 888 30.77 -2.35 20.38
C LEU B 888 29.80 -1.93 19.28
N CYS B 889 28.50 -2.14 19.51
CA CYS B 889 27.52 -1.84 18.47
C CYS B 889 27.31 -0.34 18.31
N GLU B 890 27.35 0.41 19.42
CA GLU B 890 27.30 1.86 19.31
C GLU B 890 28.54 2.40 18.59
N HIS B 891 29.69 1.80 18.90
CA HIS B 891 30.93 2.15 18.21
C HIS B 891 30.79 1.95 16.70
N ILE B 892 30.30 0.77 16.29
CA ILE B 892 30.15 0.48 14.87
C ILE B 892 29.09 1.36 14.23
N TRP B 893 28.04 1.70 14.99
CA TRP B 893 27.06 2.66 14.50
C TRP B 893 27.72 3.99 14.20
N THR B 894 28.65 4.42 15.05
CA THR B 894 29.38 5.66 14.79
C THR B 894 30.35 5.51 13.63
N LEU B 895 30.87 4.30 13.40
CA LEU B 895 31.70 4.07 12.22
C LEU B 895 30.92 4.32 10.94
N LEU B 896 29.67 3.85 10.88
CA LEU B 896 28.85 3.97 9.69
C LEU B 896 28.29 5.37 9.48
N GLY B 897 28.74 6.36 10.24
CA GLY B 897 28.29 7.73 10.04
C GLY B 897 26.81 7.96 10.28
N LYS B 898 26.19 7.14 11.13
CA LYS B 898 24.81 7.41 11.51
C LYS B 898 24.73 8.68 12.36
N PRO B 899 23.68 9.48 12.22
CA PRO B 899 23.63 10.74 12.97
C PRO B 899 23.31 10.57 14.44
N ASP B 900 22.40 9.66 14.78
CA ASP B 900 21.92 9.50 16.15
C ASP B 900 22.58 8.32 16.83
N SER B 901 22.26 8.15 18.11
CA SER B 901 22.74 7.00 18.86
C SER B 901 21.95 5.75 18.47
N ILE B 902 22.63 4.60 18.51
CA ILE B 902 21.97 3.33 18.21
C ILE B 902 20.90 2.98 19.23
N MET B 903 20.89 3.66 20.38
CA MET B 903 19.83 3.51 21.37
C MET B 903 18.52 4.16 20.95
N ASN B 904 18.49 4.83 19.79
CA ASN B 904 17.26 5.32 19.19
C ASN B 904 16.79 4.48 18.00
N ALA B 905 17.52 3.41 17.68
CA ALA B 905 17.24 2.65 16.47
C ALA B 905 15.95 1.84 16.61
N SER B 906 15.55 1.22 15.50
CA SER B 906 14.39 0.35 15.44
C SER B 906 14.83 -1.06 15.09
N TRP B 907 14.01 -2.02 15.48
CA TRP B 907 14.25 -3.41 15.11
C TRP B 907 14.28 -3.54 13.60
N PRO B 908 15.20 -4.32 13.04
CA PRO B 908 15.28 -4.46 11.58
C PRO B 908 14.06 -5.15 11.00
N VAL B 909 13.58 -4.61 9.89
CA VAL B 909 12.42 -5.16 9.20
C VAL B 909 12.89 -6.27 8.27
N ALA B 910 12.48 -7.51 8.55
CA ALA B 910 12.82 -8.64 7.73
C ALA B 910 12.02 -8.64 6.44
N GLY B 911 12.67 -8.93 5.33
CA GLY B 911 12.01 -9.06 4.05
C GLY B 911 11.53 -10.47 3.81
N PRO B 912 11.28 -10.80 2.54
CA PRO B 912 10.77 -12.14 2.23
C PRO B 912 11.87 -13.19 2.32
N VAL B 913 11.47 -14.41 2.68
CA VAL B 913 12.36 -15.55 2.82
C VAL B 913 11.92 -16.63 1.85
N ASN B 914 12.87 -17.22 1.13
CA ASN B 914 12.63 -18.28 0.17
C ASN B 914 13.32 -19.55 0.69
N GLU B 915 12.52 -20.48 1.24
CA GLU B 915 13.09 -21.66 1.87
C GLU B 915 13.73 -22.60 0.84
N VAL B 916 13.13 -22.72 -0.34
CA VAL B 916 13.66 -23.61 -1.36
C VAL B 916 15.04 -23.16 -1.80
N LEU B 917 15.24 -21.85 -1.92
CA LEU B 917 16.55 -21.30 -2.25
C LEU B 917 17.59 -21.68 -1.19
N ILE B 918 17.18 -21.66 0.08
CA ILE B 918 18.09 -22.02 1.17
C ILE B 918 18.45 -23.49 1.11
N HIS B 919 17.45 -24.36 0.88
CA HIS B 919 17.72 -25.78 0.72
C HIS B 919 18.68 -26.02 -0.45
N SER B 920 18.55 -25.24 -1.53
CA SER B 920 19.43 -25.40 -2.67
C SER B 920 20.86 -25.00 -2.33
N SER B 921 21.03 -23.90 -1.61
CA SER B 921 22.40 -23.52 -1.21
C SER B 921 23.02 -24.55 -0.27
N GLN B 922 22.20 -25.13 0.62
CA GLN B 922 22.70 -26.21 1.46
C GLN B 922 23.13 -27.40 0.62
N TYR B 923 22.34 -27.74 -0.40
CA TYR B 923 22.72 -28.80 -1.33
C TYR B 923 24.05 -28.49 -1.99
N LEU B 924 24.22 -27.25 -2.46
CA LEU B 924 25.46 -26.87 -3.13
C LEU B 924 26.66 -27.06 -2.21
N MET B 925 26.55 -26.59 -0.96
CA MET B 925 27.67 -26.71 -0.04
C MET B 925 27.96 -28.17 0.29
N GLU B 926 26.92 -29.00 0.40
CA GLU B 926 27.12 -30.42 0.63
C GLU B 926 27.86 -31.06 -0.54
N VAL B 927 27.48 -30.69 -1.77
CA VAL B 927 28.16 -31.22 -2.94
C VAL B 927 29.63 -30.80 -2.93
N THR B 928 29.91 -29.55 -2.56
CA THR B 928 31.29 -29.09 -2.53
C THR B 928 32.11 -29.87 -1.52
N HIS B 929 31.57 -30.08 -0.32
CA HIS B 929 32.26 -30.87 0.71
C HIS B 929 32.55 -32.28 0.21
N ASP B 930 31.55 -32.92 -0.42
CA ASP B 930 31.74 -34.26 -0.97
C ASP B 930 32.82 -34.26 -2.04
N LEU B 931 32.86 -33.23 -2.88
CA LEU B 931 33.84 -33.19 -3.97
C LEU B 931 35.25 -33.04 -3.42
N ARG B 932 35.45 -32.15 -2.44
CA ARG B 932 36.77 -32.03 -1.82
C ARG B 932 37.20 -33.34 -1.18
N LEU B 933 36.29 -34.00 -0.47
CA LEU B 933 36.62 -35.27 0.18
C LEU B 933 37.00 -36.34 -0.83
N ARG B 934 36.25 -36.44 -1.93
CA ARG B 934 36.55 -37.46 -2.93
C ARG B 934 37.81 -37.11 -3.73
N LEU B 935 38.13 -35.82 -3.83
CA LEU B 935 39.36 -35.43 -4.51
C LEU B 935 40.59 -35.80 -3.68
N LYS B 936 40.56 -35.50 -2.38
CA LYS B 936 41.67 -35.93 -1.52
C LYS B 936 41.76 -37.45 -1.41
N ASN B 937 40.63 -38.14 -1.59
CA ASN B 937 40.61 -39.61 -1.62
C ASN B 937 41.08 -40.16 -2.95
N TYR B 938 41.25 -39.31 -3.96
CA TYR B 938 41.57 -39.74 -5.32
C TYR B 938 43.07 -39.87 -5.57
N MET B 939 43.89 -39.16 -4.81
CA MET B 939 45.33 -39.12 -5.09
C MET B 939 46.14 -39.85 -4.01
N MET B 940 45.77 -41.09 -3.72
CA MET B 940 46.51 -41.89 -2.74
C MET B 940 46.23 -43.37 -2.91
N PRO B 955 44.97 -35.24 -12.76
CA PRO B 955 44.50 -34.51 -11.59
C PRO B 955 43.93 -33.13 -11.94
N SER B 956 43.05 -33.02 -12.96
CA SER B 956 42.63 -31.68 -13.38
C SER B 956 41.41 -31.64 -14.30
N HIS B 957 40.57 -32.68 -14.37
CA HIS B 957 39.41 -32.61 -15.28
C HIS B 957 38.31 -33.51 -14.74
N CYS B 958 37.22 -32.91 -14.29
CA CYS B 958 36.13 -33.62 -13.63
C CYS B 958 34.80 -33.40 -14.37
N THR B 959 33.86 -34.29 -14.09
CA THR B 959 32.53 -34.26 -14.69
C THR B 959 31.52 -34.69 -13.63
N ILE B 960 30.41 -33.97 -13.56
CA ILE B 960 29.39 -34.17 -12.54
C ILE B 960 28.15 -34.75 -13.20
N TYR B 961 27.52 -35.70 -12.53
CA TYR B 961 26.32 -36.37 -13.00
C TYR B 961 25.17 -36.13 -12.03
N VAL B 962 24.06 -35.61 -12.56
CA VAL B 962 22.89 -35.21 -11.78
C VAL B 962 21.68 -35.97 -12.31
N ALA B 963 20.95 -36.63 -11.42
CA ALA B 963 19.80 -37.43 -11.80
C ALA B 963 18.51 -36.64 -11.62
N LYS B 964 17.61 -36.75 -12.59
CA LYS B 964 16.31 -36.09 -12.49
C LYS B 964 15.39 -36.81 -11.52
N ASN B 965 15.44 -38.14 -11.48
CA ASN B 965 14.54 -38.94 -10.68
C ASN B 965 15.29 -40.15 -10.13
N TYR B 966 14.73 -40.72 -9.06
CA TYR B 966 15.31 -41.93 -8.50
C TYR B 966 15.19 -43.07 -9.51
N PRO B 967 16.24 -43.86 -9.71
CA PRO B 967 16.11 -45.09 -10.51
C PRO B 967 15.08 -46.01 -9.89
N PRO B 968 14.59 -47.01 -10.65
CA PRO B 968 13.39 -47.75 -10.20
C PRO B 968 13.50 -48.43 -8.85
N TRP B 969 14.63 -49.08 -8.52
CA TRP B 969 14.70 -49.80 -7.25
C TRP B 969 14.79 -48.85 -6.07
N GLN B 970 15.58 -47.79 -6.20
CA GLN B 970 15.62 -46.76 -5.17
C GLN B 970 14.26 -46.08 -5.04
N HIS B 971 13.57 -45.87 -6.16
CA HIS B 971 12.24 -45.28 -6.11
C HIS B 971 11.27 -46.19 -5.37
N THR B 972 11.38 -47.50 -5.58
CA THR B 972 10.49 -48.45 -4.88
C THR B 972 10.75 -48.42 -3.38
N THR B 973 12.03 -48.45 -2.98
CA THR B 973 12.33 -48.45 -1.55
C THR B 973 11.91 -47.13 -0.90
N LEU B 974 12.13 -46.01 -1.60
CA LEU B 974 11.70 -44.72 -1.07
C LEU B 974 10.17 -44.66 -0.99
N SER B 975 9.46 -45.33 -1.89
CA SER B 975 8.00 -45.37 -1.80
C SER B 975 7.54 -46.17 -0.59
N VAL B 976 8.22 -47.29 -0.30
CA VAL B 976 7.91 -48.03 0.92
C VAL B 976 8.15 -47.17 2.16
N LEU B 977 9.26 -46.43 2.16
CA LEU B 977 9.55 -45.53 3.27
C LEU B 977 8.48 -44.46 3.41
N ARG B 978 8.02 -43.90 2.28
CA ARG B 978 6.96 -42.89 2.31
C ARG B 978 5.67 -43.48 2.87
N LYS B 979 5.33 -44.70 2.46
CA LYS B 979 4.15 -45.38 2.99
C LYS B 979 4.22 -45.51 4.51
N HIS B 980 5.34 -46.04 5.02
CA HIS B 980 5.44 -46.25 6.45
C HIS B 980 5.56 -44.93 7.22
N PHE B 981 6.08 -43.88 6.58
CA PHE B 981 6.13 -42.58 7.23
C PHE B 981 4.74 -41.97 7.33
N GLU B 982 3.92 -42.14 6.30
CA GLU B 982 2.54 -41.67 6.38
C GLU B 982 1.72 -42.48 7.38
N ALA B 983 2.03 -43.76 7.54
CA ALA B 983 1.26 -44.59 8.47
C ALA B 983 1.62 -44.28 9.91
N ASN B 984 2.90 -44.38 10.26
CA ASN B 984 3.39 -44.22 11.63
C ASN B 984 3.45 -42.76 12.10
N ASN B 985 2.83 -41.84 11.36
CA ASN B 985 2.68 -40.45 11.79
C ASN B 985 4.04 -39.78 11.99
N GLY B 986 5.00 -40.12 11.12
CA GLY B 986 6.32 -39.52 11.16
C GLY B 986 7.42 -40.36 11.78
N LYS B 987 7.23 -41.67 11.91
CA LYS B 987 8.20 -42.56 12.53
C LYS B 987 8.58 -43.68 11.57
N LEU B 988 9.87 -43.98 11.52
CA LEU B 988 10.30 -45.04 10.63
C LEU B 988 10.50 -46.34 11.39
N PRO B 989 9.94 -47.45 10.92
CA PRO B 989 10.08 -48.72 11.64
C PRO B 989 11.50 -49.25 11.66
N ASP B 990 11.68 -50.43 12.26
CA ASP B 990 13.01 -50.99 12.45
C ASP B 990 13.55 -51.55 11.14
N ASN B 991 14.88 -51.56 11.03
CA ASN B 991 15.53 -52.10 9.84
C ASN B 991 15.20 -53.58 9.62
N LYS B 992 14.83 -54.31 10.67
CA LYS B 992 14.40 -55.69 10.47
C LYS B 992 13.06 -55.74 9.73
N VAL B 993 12.09 -54.92 10.15
CA VAL B 993 10.79 -54.88 9.47
C VAL B 993 10.95 -54.41 8.03
N ILE B 994 11.75 -53.35 7.82
CA ILE B 994 11.97 -52.83 6.48
C ILE B 994 12.65 -53.87 5.60
N ALA B 995 13.70 -54.51 6.11
CA ALA B 995 14.43 -55.50 5.33
C ALA B 995 13.53 -56.70 5.00
N SER B 996 12.65 -57.09 5.92
CA SER B 996 11.73 -58.19 5.65
C SER B 996 10.73 -57.82 4.56
N GLU B 997 10.12 -56.64 4.67
CA GLU B 997 9.16 -56.22 3.66
C GLU B 997 9.80 -56.11 2.30
N LEU B 998 11.04 -55.62 2.24
CA LEU B 998 11.72 -55.49 0.95
C LEU B 998 12.16 -56.84 0.41
N GLY B 999 12.54 -57.78 1.29
CA GLY B 999 12.84 -59.12 0.85
C GLY B 999 11.63 -59.89 0.37
N SER B 1000 10.43 -59.48 0.80
CA SER B 1000 9.21 -60.10 0.30
C SER B 1000 8.82 -59.59 -1.09
N MET B 1001 9.39 -58.48 -1.55
CA MET B 1001 9.04 -57.93 -2.85
C MET B 1001 9.87 -58.62 -3.94
N PRO B 1002 9.22 -59.26 -4.91
CA PRO B 1002 10.00 -60.01 -5.93
C PRO B 1002 10.89 -59.14 -6.79
N GLU B 1003 10.55 -57.86 -6.96
CA GLU B 1003 11.40 -56.96 -7.74
C GLU B 1003 12.77 -56.81 -7.11
N LEU B 1004 12.82 -56.78 -5.78
CA LEU B 1004 14.06 -56.50 -5.05
C LEU B 1004 14.79 -57.81 -4.74
N LYS B 1005 15.38 -58.39 -5.79
CA LYS B 1005 16.25 -59.54 -5.65
C LYS B 1005 17.70 -59.19 -5.94
N LYS B 1006 17.98 -58.66 -7.12
CA LYS B 1006 19.30 -58.23 -7.54
C LYS B 1006 19.80 -57.02 -6.77
N TYR B 1007 19.07 -56.52 -5.76
CA TYR B 1007 19.48 -55.30 -5.06
C TYR B 1007 19.38 -55.43 -3.54
N MET B 1008 19.21 -56.65 -3.02
CA MET B 1008 19.04 -56.84 -1.58
C MET B 1008 20.29 -56.50 -0.78
N LYS B 1009 21.46 -56.55 -1.41
CA LYS B 1009 22.65 -56.11 -0.70
C LYS B 1009 22.83 -54.60 -0.79
N LYS B 1010 22.26 -53.96 -1.82
CA LYS B 1010 22.43 -52.53 -2.04
C LYS B 1010 21.32 -51.69 -1.43
N VAL B 1011 20.31 -52.30 -0.83
CA VAL B 1011 19.10 -51.56 -0.45
C VAL B 1011 19.22 -50.97 0.95
N MET B 1012 19.69 -51.75 1.91
CA MET B 1012 19.74 -51.30 3.29
C MET B 1012 20.72 -50.15 3.52
N PRO B 1013 21.87 -50.09 2.82
CA PRO B 1013 22.66 -48.84 2.83
C PRO B 1013 21.86 -47.63 2.38
N PHE B 1014 21.02 -47.77 1.36
CA PHE B 1014 20.17 -46.66 0.92
C PHE B 1014 19.17 -46.28 2.00
N VAL B 1015 18.54 -47.27 2.63
CA VAL B 1015 17.59 -46.98 3.70
C VAL B 1015 18.28 -46.26 4.84
N ALA B 1016 19.50 -46.67 5.18
CA ALA B 1016 20.24 -46.04 6.26
C ALA B 1016 20.61 -44.60 5.92
N MET B 1017 21.07 -44.37 4.69
CA MET B 1017 21.37 -43.00 4.26
C MET B 1017 20.13 -42.12 4.33
N ILE B 1018 18.98 -42.66 3.92
CA ILE B 1018 17.74 -41.91 4.00
C ILE B 1018 17.38 -41.58 5.45
N LYS B 1019 17.55 -42.55 6.35
CA LYS B 1019 17.24 -42.31 7.76
C LYS B 1019 18.17 -41.25 8.36
N GLU B 1020 19.47 -41.32 8.03
CA GLU B 1020 20.42 -40.36 8.58
C GLU B 1020 20.12 -38.95 8.09
N ASN B 1021 19.83 -38.80 6.79
CA ASN B 1021 19.50 -37.48 6.26
C ASN B 1021 18.14 -37.00 6.76
N LEU B 1022 17.21 -37.93 7.07
CA LEU B 1022 15.97 -37.54 7.71
C LEU B 1022 16.24 -36.92 9.07
N GLU B 1023 17.07 -37.60 9.87
CA GLU B 1023 17.47 -37.04 11.16
C GLU B 1023 18.14 -35.69 10.99
N LYS B 1024 18.93 -35.53 9.92
CA LYS B 1024 19.66 -34.28 9.70
C LYS B 1024 18.72 -33.12 9.36
N MET B 1025 18.15 -33.10 8.16
CA MET B 1025 17.37 -31.95 7.69
C MET B 1025 15.95 -32.37 7.31
N GLY B 1026 15.09 -32.49 8.31
CA GLY B 1026 13.66 -32.57 8.10
C GLY B 1026 13.19 -33.77 7.31
N PRO B 1027 11.89 -33.79 7.00
CA PRO B 1027 11.31 -34.89 6.24
C PRO B 1027 11.28 -34.68 4.72
N ARG B 1028 11.85 -33.58 4.21
CA ARG B 1028 11.89 -33.42 2.77
C ARG B 1028 12.83 -34.41 2.09
N ILE B 1029 13.53 -35.24 2.87
CA ILE B 1029 14.30 -36.33 2.28
C ILE B 1029 13.40 -37.36 1.63
N LEU B 1030 12.10 -37.36 1.96
CA LEU B 1030 11.15 -38.30 1.38
C LEU B 1030 10.48 -37.77 0.12
N ASP B 1031 10.88 -36.59 -0.37
CA ASP B 1031 10.36 -36.08 -1.62
C ASP B 1031 10.96 -36.84 -2.79
N LEU B 1032 10.12 -37.15 -3.78
CA LEU B 1032 10.57 -37.93 -4.94
C LEU B 1032 11.35 -37.10 -5.94
N GLN B 1033 11.28 -35.77 -5.86
CA GLN B 1033 12.07 -34.88 -6.69
C GLN B 1033 12.42 -33.65 -5.87
N LEU B 1034 13.61 -33.11 -6.10
CA LEU B 1034 14.04 -31.93 -5.37
C LEU B 1034 13.19 -30.72 -5.73
N GLU B 1035 12.87 -29.91 -4.72
CA GLU B 1035 12.05 -28.73 -4.92
C GLU B 1035 12.70 -27.70 -5.83
N PHE B 1036 13.99 -27.83 -6.10
CA PHE B 1036 14.75 -26.87 -6.88
C PHE B 1036 15.41 -27.57 -8.05
N ASP B 1037 15.90 -26.77 -9.01
CA ASP B 1037 16.59 -27.30 -10.18
C ASP B 1037 18.02 -27.64 -9.80
N GLU B 1038 18.33 -28.92 -9.70
CA GLU B 1038 19.65 -29.35 -9.26
C GLU B 1038 20.72 -28.98 -10.28
N LYS B 1039 20.46 -29.29 -11.56
CA LYS B 1039 21.38 -28.93 -12.63
C LYS B 1039 21.67 -27.44 -12.63
N ALA B 1040 20.62 -26.62 -12.54
CA ALA B 1040 20.81 -25.17 -12.55
C ALA B 1040 21.58 -24.71 -11.32
N VAL B 1041 21.30 -25.29 -10.16
CA VAL B 1041 22.04 -24.95 -8.95
C VAL B 1041 23.54 -25.16 -9.16
N LEU B 1042 23.91 -26.37 -9.59
CA LEU B 1042 25.33 -26.62 -9.82
C LEU B 1042 25.89 -25.77 -10.96
N MET B 1043 25.03 -25.39 -11.91
CA MET B 1043 25.49 -24.58 -13.03
C MET B 1043 25.82 -23.16 -12.59
N GLU B 1044 25.06 -22.61 -11.64
CA GLU B 1044 25.27 -21.23 -11.21
C GLU B 1044 26.62 -21.01 -10.57
N ASN B 1045 27.27 -22.06 -10.06
CA ASN B 1045 28.51 -21.92 -9.31
C ASN B 1045 29.65 -22.73 -9.93
N ILE B 1046 29.62 -22.93 -11.25
CA ILE B 1046 30.68 -23.67 -11.92
C ILE B 1046 32.01 -22.95 -11.77
N VAL B 1047 31.98 -21.61 -11.77
CA VAL B 1047 33.22 -20.83 -11.66
C VAL B 1047 33.88 -21.07 -10.31
N TYR B 1048 33.10 -20.94 -9.22
CA TYR B 1048 33.65 -21.20 -7.89
C TYR B 1048 34.14 -22.63 -7.77
N LEU B 1049 33.36 -23.58 -8.28
CA LEU B 1049 33.76 -24.99 -8.22
C LEU B 1049 35.13 -25.17 -8.87
N THR B 1050 35.28 -24.72 -10.12
CA THR B 1050 36.54 -24.88 -10.83
C THR B 1050 37.68 -24.18 -10.10
N ASN B 1051 37.46 -22.96 -9.63
CA ASN B 1051 38.54 -22.22 -9.01
C ASN B 1051 38.98 -22.87 -7.70
N SER B 1052 38.05 -23.02 -6.75
CA SER B 1052 38.38 -23.57 -5.45
C SER B 1052 38.78 -25.04 -5.51
N LEU B 1053 38.48 -25.73 -6.61
CA LEU B 1053 38.90 -27.11 -6.77
C LEU B 1053 40.18 -27.26 -7.58
N GLU B 1054 40.69 -26.16 -8.17
CA GLU B 1054 41.91 -26.17 -8.97
C GLU B 1054 41.77 -27.15 -10.15
N LEU B 1055 40.83 -26.83 -11.04
CA LEU B 1055 40.51 -27.68 -12.16
C LEU B 1055 40.62 -26.92 -13.48
N GLU B 1056 40.67 -27.69 -14.57
CA GLU B 1056 40.68 -27.13 -15.91
C GLU B 1056 39.28 -26.94 -16.47
N HIS B 1057 38.38 -27.89 -16.20
CA HIS B 1057 37.02 -27.80 -16.72
C HIS B 1057 36.11 -28.67 -15.87
N ILE B 1058 34.88 -28.21 -15.69
CA ILE B 1058 33.82 -28.98 -15.02
C ILE B 1058 32.62 -29.02 -15.94
N GLU B 1059 32.14 -30.22 -16.24
CA GLU B 1059 31.01 -30.42 -17.14
C GLU B 1059 29.87 -31.06 -16.35
N VAL B 1060 28.67 -30.50 -16.51
CA VAL B 1060 27.48 -30.93 -15.77
C VAL B 1060 26.62 -31.75 -16.72
N LYS B 1061 26.59 -33.07 -16.50
CA LYS B 1061 25.83 -34.00 -17.33
C LYS B 1061 24.53 -34.39 -16.63
N PHE B 1062 23.60 -34.93 -17.42
CA PHE B 1062 22.24 -35.22 -16.98
C PHE B 1062 22.00 -36.69 -16.70
N ALA B 1063 23.01 -37.39 -16.13
CA ALA B 1063 22.87 -38.77 -15.67
C ALA B 1063 22.56 -39.77 -16.78
N SER B 1064 21.54 -39.48 -17.61
CA SER B 1064 21.20 -40.37 -18.70
C SER B 1064 22.38 -40.59 -19.65
N GLU B 1065 23.26 -39.60 -19.77
CA GLU B 1065 24.40 -39.64 -20.68
C GLU B 1065 25.65 -40.21 -20.04
N ALA B 1066 25.51 -41.33 -19.31
CA ALA B 1066 26.64 -41.93 -18.61
C ALA B 1066 26.56 -43.45 -18.76
N GLU B 1067 27.49 -44.13 -18.09
CA GLU B 1067 27.58 -45.59 -18.17
C GLU B 1067 26.42 -46.23 -17.39
N ASP B 1068 26.48 -47.56 -17.25
CA ASP B 1068 25.42 -48.26 -16.53
C ASP B 1068 25.55 -48.10 -15.03
N LYS B 1069 26.78 -48.18 -14.50
CA LYS B 1069 26.99 -48.00 -13.06
C LYS B 1069 26.45 -46.67 -12.58
N ILE B 1070 26.75 -45.60 -13.31
CA ILE B 1070 26.27 -44.28 -12.92
C ILE B 1070 24.76 -44.18 -13.13
N ARG B 1071 24.26 -44.64 -14.27
CA ARG B 1071 22.84 -44.52 -14.56
C ARG B 1071 21.98 -45.26 -13.56
N GLU B 1072 22.52 -46.32 -12.95
CA GLU B 1072 21.76 -47.11 -11.99
C GLU B 1072 22.08 -46.79 -10.54
N ASP B 1073 23.18 -46.06 -10.28
CA ASP B 1073 23.55 -45.71 -8.91
C ASP B 1073 23.32 -44.26 -8.55
N CYS B 1074 23.08 -43.39 -9.53
CA CYS B 1074 22.92 -41.97 -9.27
C CYS B 1074 21.47 -41.65 -8.92
N CYS B 1075 21.29 -40.76 -7.95
CA CYS B 1075 19.98 -40.38 -7.44
C CYS B 1075 19.96 -38.88 -7.19
N PRO B 1076 18.80 -38.25 -7.30
CA PRO B 1076 18.75 -36.79 -7.14
C PRO B 1076 19.14 -36.37 -5.73
N GLY B 1077 19.94 -35.31 -5.66
CA GLY B 1077 20.47 -34.82 -4.40
C GLY B 1077 21.83 -35.37 -4.03
N LYS B 1078 22.12 -36.61 -4.43
CA LYS B 1078 23.44 -37.20 -4.25
C LYS B 1078 24.09 -37.36 -5.61
N PRO B 1079 24.66 -36.29 -6.17
CA PRO B 1079 25.23 -36.36 -7.51
C PRO B 1079 26.56 -37.12 -7.52
N LEU B 1080 26.86 -37.73 -8.65
CA LEU B 1080 28.09 -38.51 -8.78
C LEU B 1080 29.15 -37.73 -9.54
N ASN B 1081 30.39 -38.13 -9.36
CA ASN B 1081 31.51 -37.39 -9.96
C ASN B 1081 32.49 -38.37 -10.59
N VAL B 1082 33.10 -37.95 -11.69
CA VAL B 1082 34.12 -38.76 -12.33
C VAL B 1082 35.14 -37.86 -13.00
N PHE B 1083 36.42 -38.08 -12.71
CA PHE B 1083 37.48 -37.27 -13.30
C PHE B 1083 38.16 -38.04 -14.42
C1 LSS C . -23.59 31.01 -42.95
N1 LSS C . -23.86 20.58 -39.46
O1 LSS C . -22.81 30.10 -43.12
S1 LSS C . -25.54 29.02 -42.14
C2 LSS C . -22.99 21.23 -38.61
N2 LSS C . -25.06 30.72 -42.45
O2 LSS C . -20.78 26.03 -40.15
N3 LSS C . -22.83 22.69 -38.59
O3 LSS C . -20.72 28.19 -38.59
C4 LSS C . -23.57 23.49 -39.46
N4 LSS C . -24.08 33.37 -42.70
O4 LSS C . -23.88 27.13 -38.56
C5 LSS C . -24.53 22.84 -40.39
O5 LSS C . -24.45 28.37 -41.00
C6 LSS C . -24.65 21.29 -40.36
N6 LSS C . -25.57 20.59 -41.26
C7 LSS C . -21.36 34.32 -42.74
N7 LSS C . -25.18 23.95 -41.18
C8 LSS C . -24.63 25.24 -40.74
C9 LSS C . -21.78 32.79 -42.62
N9 LSS C . -23.68 25.02 -39.72
CA LSS C . -23.14 32.52 -43.23
C10 LSS C . -20.67 34.82 -41.43
C11 LSS C . -20.45 34.53 -43.96
O1A LSS C . -25.45 28.19 -43.46
C21 LSS C . -22.94 26.04 -39.05
C22 LSS C . -21.99 26.71 -40.07
C23 LSS C . -21.79 28.14 -39.57
C24 LSS C . -23.13 28.55 -38.93
C25 LSS C . -24.00 29.32 -39.92
O2A LSS C . -26.90 29.00 -41.62
B A2H D . -3.65 16.52 -74.04
P A2H D . -8.51 16.00 -69.20
CL A2H D . 0.91 14.93 -75.79
N1 A2H D . -11.84 14.10 -74.27
O1 A2H D . -2.92 17.33 -74.98
C2 A2H D . -10.74 13.34 -74.14
N3 A2H D . -9.52 13.88 -74.02
C4 A2H D . -9.38 15.23 -73.99
C5 A2H D . -10.51 16.04 -74.12
C6 A2H D . -11.75 15.44 -74.26
N6 A2H D . -12.86 16.22 -74.39
N7 A2H D . -10.10 17.32 -74.08
C8 A2H D . -8.75 17.32 -73.93
N9 A2H D . -8.32 16.05 -73.89
C1' A2H D . -6.92 15.61 -73.73
C10 A2H D . -1.84 16.68 -75.66
C11 A2H D . -1.54 15.63 -74.68
C12 A2H D . -2.55 15.55 -73.77
C13 A2H D . -0.42 14.82 -74.59
C14 A2H D . -0.34 13.89 -73.57
C15 A2H D . -1.37 13.80 -72.64
C16 A2H D . -2.49 14.63 -72.74
C17 A2H D . -2.30 16.07 -76.98
N18 A2H D . -3.36 15.09 -76.76
O19 A2H D . -3.49 14.54 -71.82
O1P A2H D . -9.31 16.76 -70.26
C2' A2H D . -5.94 16.67 -74.22
O2' A2H D . -4.79 16.05 -74.78
C20 A2H D . -3.52 13.41 -70.96
C21 A2H D . -3.80 13.93 -69.57
O2P A2H D . -8.65 14.49 -69.29
C3' A2H D . -5.47 17.36 -72.95
O3' A2H D . -4.05 17.43 -73.00
O3P A2H D . -8.50 16.57 -67.81
C4' A2H D . -5.93 16.49 -71.79
O4' A2H D . -6.69 15.40 -72.37
C5' A2H D . -6.77 17.17 -70.75
O5' A2H D . -7.03 16.29 -69.67
C1 LSS E . 18.56 -11.31 47.76
N1 LSS E . 23.84 -18.05 40.54
O1 LSS E . 18.28 -12.47 47.53
S1 LSS E . 21.21 -11.78 46.67
C2 LSS E . 22.89 -17.37 39.81
N2 LSS E . 19.99 -10.71 47.40
O2 LSS E . 18.52 -15.39 42.89
N3 LSS E . 22.04 -16.32 40.38
O3 LSS E . 17.66 -12.95 41.85
C4 LSS E . 22.17 -15.97 41.72
N4 LSS E . 18.03 -9.09 48.56
O4 LSS E . 20.83 -12.59 42.48
C5 LSS E . 23.17 -16.66 42.55
O5 LSS E . 21.06 -11.75 44.97
C6 LSS E . 24.04 -17.77 41.89
N6 LSS E . 25.05 -18.51 42.65
C7 LSS E . 15.11 -9.43 48.32
N7 LSS E . 23.07 -16.08 43.93
C8 LSS E . 22.03 -15.04 43.93
C9 LSS E . 16.23 -10.29 47.59
N9 LSS E . 21.46 -14.94 42.65
CA LSS E . 17.47 -10.34 48.42
C10 LSS E . 14.03 -8.92 47.29
C11 LSS E . 14.47 -10.20 49.48
O1A LSS E . 21.01 -13.23 47.18
C21 LSS E . 20.41 -14.04 42.27
C22 LSS E . 19.25 -14.25 43.24
C23 LSS E . 18.42 -12.96 43.10
C24 LSS E . 19.49 -11.85 43.03
C25 LSS E . 19.74 -11.27 44.44
O2A LSS E . 22.54 -11.32 47.05
B A2H F . 5.72 -44.67 65.56
P A2H F . 10.53 -40.93 62.12
CL A2H F . 2.02 -48.21 65.63
N1 A2H F . 14.29 -44.29 65.54
O1 A2H F . 4.83 -44.77 66.70
C2 A2H F . 13.49 -45.11 64.87
N3 A2H F . 12.16 -45.00 64.90
C4 A2H F . 11.58 -44.02 65.65
C5 A2H F . 12.39 -43.15 66.36
C6 A2H F . 13.76 -43.30 66.29
N6 A2H F . 14.59 -42.46 66.97
N7 A2H F . 11.57 -42.29 67.00
C8 A2H F . 10.30 -42.62 66.69
N9 A2H F . 10.30 -43.69 65.88
C1' A2H F . 9.10 -44.33 65.31
C10 A2H F . 4.03 -45.95 66.77
C11 A2H F . 4.06 -46.33 65.35
C12 A2H F . 4.98 -45.60 64.66
C13 A2H F . 3.24 -47.26 64.72
C14 A2H F . 3.41 -47.46 63.35
C15 A2H F . 4.36 -46.72 62.65
C16 A2H F . 5.16 -45.80 63.30
C17 A2H F . 4.65 -47.01 67.67
N18 A2H F . 5.87 -47.52 67.07
O19 A2H F . 6.08 -45.08 62.57
O1P A2H F . 11.21 -40.78 63.47
C2' A2H F . 7.86 -44.04 66.15
O2' A2H F . 6.96 -45.13 66.09
C20 A2H F . 6.71 -45.70 61.45
C21 A2H F . 6.83 -44.68 60.33
O2P A2H F . 11.04 -42.11 61.33
C3' A2H F . 7.17 -42.90 65.39
O3' A2H F . 5.82 -43.29 65.21
O3P A2H F . 10.39 -39.66 61.31
C4' A2H F . 7.91 -42.78 64.05
O4' A2H F . 8.91 -43.82 64.04
C5' A2H F . 8.59 -41.45 63.81
O5' A2H F . 9.02 -41.32 62.47
#